data_4YO3
#
_entry.id   4YO3
#
_cell.length_a   134.130
_cell.length_b   178.050
_cell.length_c   106.760
_cell.angle_alpha   90.00
_cell.angle_beta   90.00
_cell.angle_gamma   90.00
#
_symmetry.space_group_name_H-M   'P 21 21 2'
#
_entity_poly.entity_id   1
_entity_poly.type   'polypeptide(L)'
_entity_poly.pdbx_seq_one_letter_code
;SAITSGQELLSQARVLAKYLRDQPEGWLAAHRL(MSE)KSVRHDTLHQLPPLSADGRTRIAPPGPDRRASLKRLYLQQNW
LSLLEQCDD(MSE)FARGASHLWLDLQWYIHQALLQTGKENYAAIIQYDLKGLLLRLPGLETLAFNDG(MSE)PFADDVT
LSWIQQQV(MSE)
;
_entity_poly.pdbx_strand_id   A,B,C,D,E,F,G,H,I,J,K,L
#
# COMPACT_ATOMS: atom_id res chain seq x y z
N SER A 1 6.17 21.48 33.75
CA SER A 1 7.51 21.54 34.32
C SER A 1 7.67 20.67 35.62
N ALA A 2 6.60 19.94 36.00
CA ALA A 2 6.54 19.06 37.16
C ALA A 2 5.34 18.10 37.05
N ILE A 3 5.48 16.85 37.61
CA ILE A 3 4.56 15.66 37.64
C ILE A 3 4.01 15.36 36.21
N THR A 4 3.05 16.15 35.74
CA THR A 4 2.49 16.04 34.40
C THR A 4 3.50 16.79 33.46
N SER A 5 3.21 16.85 32.15
CA SER A 5 4.07 17.46 31.12
C SER A 5 5.45 16.76 31.07
N GLY A 6 5.40 15.48 30.67
CA GLY A 6 6.58 14.65 30.45
C GLY A 6 7.28 15.21 29.23
N GLN A 7 6.51 15.95 28.42
CA GLN A 7 6.92 16.69 27.24
C GLN A 7 7.91 17.75 27.72
N GLU A 8 7.61 18.38 28.89
CA GLU A 8 8.44 19.42 29.52
C GLU A 8 9.71 18.83 30.15
N LEU A 9 9.69 17.53 30.57
CA LEU A 9 10.88 16.84 31.07
C LEU A 9 11.84 16.67 29.89
N LEU A 10 11.32 16.27 28.72
CA LEU A 10 12.07 16.07 27.47
C LEU A 10 12.77 17.35 27.01
N SER A 11 12.13 18.52 27.18
CA SER A 11 12.69 19.79 26.77
C SER A 11 13.75 20.27 27.75
N GLN A 12 13.58 19.95 29.04
CA GLN A 12 14.49 20.31 30.11
C GLN A 12 15.70 19.41 30.06
N ALA A 13 15.51 18.15 29.61
CA ALA A 13 16.58 17.17 29.42
C ALA A 13 17.40 17.57 28.20
N ARG A 14 16.74 18.12 27.17
CA ARG A 14 17.37 18.57 25.94
C ARG A 14 18.38 19.67 26.20
N VAL A 15 18.02 20.62 27.09
CA VAL A 15 18.90 21.75 27.44
C VAL A 15 20.06 21.29 28.30
N LEU A 16 19.82 20.26 29.12
CA LEU A 16 20.81 19.63 29.97
C LEU A 16 21.83 18.88 29.12
N ALA A 17 21.36 18.18 28.06
CA ALA A 17 22.17 17.42 27.12
C ALA A 17 22.98 18.38 26.25
N LYS A 18 22.38 19.56 25.88
CA LYS A 18 23.03 20.60 25.06
C LYS A 18 24.29 21.10 25.73
N TYR A 19 24.24 21.28 27.08
CA TYR A 19 25.35 21.69 27.93
C TYR A 19 26.49 20.70 27.79
N LEU A 20 26.21 19.42 28.13
CA LEU A 20 27.16 18.30 28.09
C LEU A 20 27.88 18.15 26.75
N ARG A 21 27.13 18.27 25.61
CA ARG A 21 27.68 18.14 24.25
C ARG A 21 28.75 19.20 23.97
N ASP A 22 28.52 20.44 24.46
CA ASP A 22 29.43 21.57 24.31
C ASP A 22 30.74 21.41 25.09
N GLN A 23 30.71 20.62 26.19
CA GLN A 23 31.87 20.36 27.04
C GLN A 23 32.87 19.44 26.32
N PRO A 24 34.20 19.52 26.64
CA PRO A 24 35.18 18.66 25.94
C PRO A 24 34.86 17.17 26.07
N GLU A 25 34.87 16.48 24.92
CA GLU A 25 34.60 15.06 24.71
C GLU A 25 33.32 14.54 25.46
N GLY A 26 32.36 15.44 25.71
CA GLY A 26 31.10 15.11 26.35
C GLY A 26 29.95 14.70 25.43
N TRP A 27 30.24 14.02 24.27
CA TRP A 27 29.22 13.55 23.31
C TRP A 27 28.37 12.47 23.94
N LEU A 28 29.09 11.42 24.35
CA LEU A 28 28.53 10.24 24.99
C LEU A 28 27.57 10.63 26.11
N ALA A 29 28.06 11.39 27.10
CA ALA A 29 27.22 11.85 28.21
C ALA A 29 25.88 12.39 27.70
N ALA A 30 25.98 13.33 26.75
CA ALA A 30 24.88 14.02 26.10
C ALA A 30 23.97 13.04 25.38
N HIS A 31 24.58 12.07 24.66
CA HIS A 31 23.90 11.05 23.88
C HIS A 31 23.13 10.13 24.78
N ARG A 32 23.85 9.52 25.72
CA ARG A 32 23.32 8.53 26.64
C ARG A 32 22.28 9.07 27.59
N LEU A 33 22.24 10.39 27.80
CA LEU A 33 21.25 11.05 28.67
C LEU A 33 19.91 11.04 27.97
N LYS A 35 19.11 8.71 25.55
CA LYS A 35 18.78 7.30 25.51
C LYS A 35 18.04 6.89 26.81
N SER A 36 18.56 7.29 27.98
CA SER A 36 17.90 6.97 29.25
C SER A 36 16.53 7.68 29.41
N VAL A 37 16.44 8.95 29.00
CA VAL A 37 15.22 9.72 29.12
C VAL A 37 14.14 9.31 28.07
N ARG A 38 14.53 8.57 27.03
CA ARG A 38 13.56 8.24 26.00
C ARG A 38 13.24 6.77 25.98
N HIS A 39 14.29 5.92 26.12
CA HIS A 39 14.17 4.47 26.08
C HIS A 39 13.79 3.87 27.43
N ASP A 40 14.39 4.40 28.53
CA ASP A 40 14.13 3.86 29.87
C ASP A 40 12.77 4.34 30.46
N THR A 41 12.05 5.14 29.70
CA THR A 41 10.74 5.64 30.03
C THR A 41 9.67 4.77 29.35
N LEU A 42 10.10 3.87 28.43
CA LEU A 42 9.18 2.99 27.73
C LEU A 42 9.24 1.57 28.25
N HIS A 43 8.15 1.14 28.90
CA HIS A 43 8.03 -0.18 29.49
C HIS A 43 6.96 -1.04 28.80
N GLN A 44 6.26 -0.44 27.82
CA GLN A 44 5.19 -1.12 27.08
C GLN A 44 5.63 -1.56 25.70
N LEU A 45 5.47 -2.87 25.45
CA LEU A 45 5.85 -3.68 24.28
C LEU A 45 5.71 -3.01 22.91
N PRO A 46 4.70 -2.12 22.75
CA PRO A 46 4.23 -1.78 21.38
C PRO A 46 4.22 -0.28 21.10
N PRO A 47 4.19 0.53 22.17
CA PRO A 47 2.95 1.24 22.55
C PRO A 47 1.65 0.49 22.19
N LEU A 48 1.17 0.56 20.92
CA LEU A 48 -0.03 -0.12 20.46
C LEU A 48 0.21 -0.56 19.05
N SER A 49 -0.25 -1.76 18.73
CA SER A 49 -0.13 -2.33 17.39
C SER A 49 -1.52 -2.57 16.76
N ALA A 50 -1.79 -1.99 15.58
CA ALA A 50 -3.04 -2.12 14.80
C ALA A 50 -2.93 -3.37 13.93
N ASP A 51 -3.38 -3.33 12.65
CA ASP A 51 -3.24 -4.49 11.74
C ASP A 51 -1.87 -4.50 11.04
N GLY A 52 -0.90 -4.93 11.86
CA GLY A 52 0.53 -5.02 11.55
C GLY A 52 1.28 -3.82 12.09
N ARG A 53 1.04 -2.67 11.47
CA ARG A 53 1.64 -1.37 11.76
C ARG A 53 1.31 -0.83 13.15
N THR A 54 2.26 -0.10 13.74
CA THR A 54 2.07 0.59 15.02
C THR A 54 1.45 1.93 14.66
N ARG A 55 0.74 2.55 15.60
CA ARG A 55 0.11 3.84 15.36
C ARG A 55 1.17 5.00 15.35
N ILE A 56 2.47 4.64 15.53
CA ILE A 56 3.65 5.52 15.56
C ILE A 56 4.07 5.94 14.15
N ALA A 57 4.15 7.26 13.94
CA ALA A 57 4.52 7.90 12.69
C ALA A 57 6.00 7.72 12.31
N PRO A 58 6.33 7.49 11.00
CA PRO A 58 7.73 7.31 10.60
C PRO A 58 8.61 8.56 10.83
N PRO A 59 9.96 8.45 10.72
CA PRO A 59 10.84 9.59 10.99
C PRO A 59 10.68 10.83 10.09
N GLY A 60 10.28 10.65 8.85
CA GLY A 60 10.14 11.78 7.92
C GLY A 60 11.14 11.70 6.79
N PRO A 61 10.66 11.69 5.52
CA PRO A 61 11.57 11.45 4.38
C PRO A 61 12.71 12.45 4.24
N ASP A 62 12.42 13.71 4.59
CA ASP A 62 13.33 14.86 4.56
C ASP A 62 14.62 14.54 5.33
N ARG A 63 14.47 14.23 6.63
CA ARG A 63 15.56 13.96 7.54
C ARG A 63 16.22 12.60 7.35
N ARG A 64 15.46 11.59 6.91
CA ARG A 64 16.07 10.26 6.74
C ARG A 64 16.91 10.14 5.45
N ALA A 65 16.58 10.96 4.44
CA ALA A 65 17.34 11.03 3.19
C ALA A 65 18.64 11.82 3.45
N SER A 66 18.57 12.83 4.37
CA SER A 66 19.68 13.70 4.83
C SER A 66 20.80 12.85 5.50
N LEU A 67 20.42 11.77 6.19
CA LEU A 67 21.34 10.86 6.87
C LEU A 67 22.03 9.91 5.90
N LYS A 68 21.29 9.42 4.87
CA LYS A 68 21.84 8.56 3.82
C LYS A 68 22.94 9.31 3.07
N ARG A 69 22.70 10.62 2.79
CA ARG A 69 23.62 11.51 2.10
C ARG A 69 24.93 11.62 2.89
N LEU A 70 24.85 11.86 4.23
CA LEU A 70 26.01 11.97 5.11
C LEU A 70 26.81 10.66 5.25
N TYR A 71 26.11 9.51 5.20
CA TYR A 71 26.74 8.19 5.28
C TYR A 71 27.54 7.91 4.01
N LEU A 72 26.91 8.21 2.85
CA LEU A 72 27.49 8.07 1.51
C LEU A 72 28.70 9.01 1.40
N GLN A 73 28.55 10.28 1.90
CA GLN A 73 29.60 11.31 1.91
C GLN A 73 30.68 11.00 2.95
N GLN A 74 30.52 9.88 3.72
CA GLN A 74 31.40 9.40 4.81
C GLN A 74 31.77 10.51 5.85
N ASN A 75 30.88 11.54 5.98
CA ASN A 75 31.04 12.64 6.94
C ASN A 75 30.47 12.15 8.28
N TRP A 76 31.30 11.38 9.02
CA TRP A 76 30.95 10.73 10.28
C TRP A 76 30.59 11.71 11.38
N LEU A 77 31.41 12.75 11.56
CA LEU A 77 31.23 13.74 12.59
C LEU A 77 29.90 14.50 12.51
N SER A 78 29.45 14.83 11.30
CA SER A 78 28.17 15.51 11.10
C SER A 78 26.99 14.54 11.25
N LEU A 79 27.15 13.29 10.75
CA LEU A 79 26.13 12.24 10.83
C LEU A 79 25.81 11.96 12.29
N LEU A 80 26.86 11.86 13.11
CA LEU A 80 26.79 11.60 14.54
C LEU A 80 26.04 12.72 15.24
N GLU A 81 26.33 13.97 14.88
CA GLU A 81 25.71 15.15 15.45
C GLU A 81 24.24 15.28 15.03
N GLN A 82 23.92 14.88 13.79
CA GLN A 82 22.56 14.95 13.24
C GLN A 82 21.65 13.84 13.76
N CYS A 83 22.22 12.67 14.10
CA CYS A 83 21.48 11.54 14.64
C CYS A 83 20.91 11.84 16.01
N ASP A 84 21.66 12.63 16.81
CA ASP A 84 21.25 13.02 18.15
C ASP A 84 20.05 13.95 18.13
N ASP A 85 20.02 14.90 17.18
CA ASP A 85 18.91 15.84 16.99
C ASP A 85 17.70 15.08 16.56
N PHE A 87 17.05 11.87 17.26
CA PHE A 87 16.63 11.05 18.39
C PHE A 87 15.74 11.87 19.34
N ALA A 88 16.07 13.15 19.53
CA ALA A 88 15.32 14.09 20.38
C ALA A 88 13.99 14.52 19.78
N ARG A 89 13.92 14.65 18.45
CA ARG A 89 12.73 15.14 17.75
C ARG A 89 12.04 14.07 16.96
N GLY A 90 11.33 13.19 17.64
CA GLY A 90 10.62 12.08 17.04
C GLY A 90 9.89 11.22 18.05
N ALA A 91 9.51 9.97 17.65
CA ALA A 91 8.72 9.10 18.54
C ALA A 91 9.55 8.14 19.47
N SER A 92 10.08 8.63 20.65
CA SER A 92 10.99 7.92 21.60
C SER A 92 12.25 7.46 20.89
N HIS A 93 12.24 7.71 19.60
CA HIS A 93 13.00 7.26 18.49
C HIS A 93 13.39 5.83 18.69
N LEU A 94 12.43 5.08 18.12
CA LEU A 94 12.40 3.66 17.95
C LEU A 94 12.87 3.41 16.52
N TRP A 95 13.35 4.46 15.81
CA TRP A 95 14.00 4.33 14.50
C TRP A 95 15.38 3.77 14.90
N LEU A 96 15.43 2.43 15.00
CA LEU A 96 16.57 1.66 15.45
C LEU A 96 17.78 1.81 14.54
N ASP A 97 17.54 2.15 13.26
CA ASP A 97 18.56 2.40 12.24
C ASP A 97 19.49 3.53 12.66
N LEU A 98 18.95 4.50 13.44
CA LEU A 98 19.66 5.65 13.99
C LEU A 98 20.84 5.19 14.84
N GLN A 99 20.62 4.12 15.64
CA GLN A 99 21.61 3.51 16.50
C GLN A 99 22.72 2.86 15.66
N TRP A 100 22.33 2.24 14.53
CA TRP A 100 23.28 1.62 13.60
C TRP A 100 24.14 2.68 12.93
N TYR A 101 23.53 3.82 12.54
CA TYR A 101 24.24 4.95 11.94
C TYR A 101 25.30 5.48 12.90
N ILE A 102 24.92 5.69 14.18
CA ILE A 102 25.80 6.13 15.27
C ILE A 102 26.95 5.13 15.44
N HIS A 103 26.61 3.82 15.47
CA HIS A 103 27.56 2.73 15.62
C HIS A 103 28.62 2.77 14.52
N GLN A 104 28.20 2.84 13.25
CA GLN A 104 29.07 2.89 12.06
C GLN A 104 29.99 4.11 12.11
N ALA A 105 29.44 5.28 12.47
CA ALA A 105 30.20 6.52 12.58
C ALA A 105 31.24 6.42 13.67
N LEU A 106 30.88 5.78 14.81
CA LEU A 106 31.79 5.59 15.95
C LEU A 106 32.92 4.64 15.63
N LEU A 107 32.67 3.62 14.79
CA LEU A 107 33.70 2.67 14.37
C LEU A 107 34.66 3.37 13.43
N GLN A 108 34.12 4.12 12.44
CA GLN A 108 34.90 4.86 11.46
C GLN A 108 35.63 6.08 12.06
N THR A 109 35.16 6.61 13.19
CA THR A 109 35.82 7.72 13.87
C THR A 109 36.95 7.17 14.78
N GLY A 110 36.98 5.85 14.96
CA GLY A 110 37.98 5.17 15.79
C GLY A 110 37.58 4.86 17.21
N LYS A 111 36.57 5.57 17.76
CA LYS A 111 36.03 5.42 19.13
C LYS A 111 35.32 4.05 19.29
N GLU A 112 36.12 2.97 19.36
CA GLU A 112 35.66 1.59 19.45
C GLU A 112 34.99 1.25 20.76
N ASN A 113 35.53 1.77 21.88
CA ASN A 113 35.00 1.56 23.22
C ASN A 113 33.57 2.14 23.31
N TYR A 114 33.35 3.35 22.75
CA TYR A 114 32.06 4.06 22.68
C TYR A 114 31.05 3.22 21.90
N ALA A 115 31.46 2.73 20.71
CA ALA A 115 30.64 1.90 19.81
C ALA A 115 30.14 0.61 20.49
N ALA A 116 30.95 0.05 21.40
CA ALA A 116 30.60 -1.17 22.16
C ALA A 116 29.44 -0.85 23.11
N ILE A 117 29.52 0.32 23.80
CA ILE A 117 28.52 0.82 24.74
C ILE A 117 27.16 0.95 24.05
N ILE A 118 27.15 1.52 22.84
CA ILE A 118 25.96 1.70 22.01
C ILE A 118 25.20 0.36 21.83
N GLN A 119 25.97 -0.71 21.53
CA GLN A 119 25.45 -2.06 21.34
C GLN A 119 24.82 -2.57 22.65
N TYR A 120 25.52 -2.40 23.79
CA TYR A 120 25.04 -2.80 25.12
C TYR A 120 23.76 -2.07 25.51
N ASP A 121 23.69 -0.77 25.20
CA ASP A 121 22.57 0.11 25.48
C ASP A 121 21.31 -0.42 24.78
N LEU A 122 21.46 -0.74 23.48
CA LEU A 122 20.42 -1.29 22.64
C LEU A 122 20.01 -2.69 23.11
N LYS A 123 21.00 -3.53 23.48
CA LYS A 123 20.77 -4.90 24.00
C LYS A 123 19.84 -4.85 25.22
N GLY A 124 20.09 -3.92 26.13
CA GLY A 124 19.27 -3.70 27.32
C GLY A 124 17.83 -3.34 27.02
N LEU A 125 17.62 -2.44 26.05
CA LEU A 125 16.30 -1.99 25.62
C LEU A 125 15.49 -3.17 25.04
N LEU A 126 16.14 -3.95 24.15
CA LEU A 126 15.53 -5.09 23.47
C LEU A 126 15.34 -6.28 24.38
N LEU A 127 16.05 -6.28 25.53
CA LEU A 127 15.91 -7.31 26.54
C LEU A 127 14.60 -7.02 27.26
N ARG A 128 14.34 -5.71 27.54
CA ARG A 128 13.12 -5.23 28.19
C ARG A 128 11.89 -5.33 27.28
N LEU A 129 12.00 -4.85 26.04
CA LEU A 129 10.91 -4.87 25.07
C LEU A 129 11.34 -5.81 23.95
N PRO A 130 10.91 -7.09 24.02
CA PRO A 130 11.40 -8.10 23.07
C PRO A 130 11.11 -7.87 21.58
N GLY A 131 9.83 -7.86 21.23
CA GLY A 131 9.41 -7.71 19.84
C GLY A 131 9.70 -6.37 19.18
N LEU A 132 10.22 -5.40 19.96
CA LEU A 132 10.48 -4.04 19.47
C LEU A 132 11.27 -4.01 18.16
N GLU A 133 12.39 -4.78 18.07
CA GLU A 133 13.29 -4.90 16.92
C GLU A 133 12.55 -5.16 15.59
N THR A 134 11.50 -6.01 15.68
CA THR A 134 10.72 -6.53 14.55
C THR A 134 9.46 -5.74 14.19
N LEU A 135 9.11 -4.70 14.95
CA LEU A 135 7.92 -3.90 14.63
C LEU A 135 8.15 -2.88 13.46
N ALA A 136 7.05 -2.23 13.01
CA ALA A 136 7.07 -1.24 11.92
C ALA A 136 6.18 -0.02 12.18
N PHE A 137 6.44 1.10 11.50
CA PHE A 137 5.72 2.37 11.62
C PHE A 137 4.40 2.36 10.83
N ASN A 138 3.70 3.53 10.79
CA ASN A 138 2.43 3.82 10.10
C ASN A 138 2.46 3.33 8.65
N ASP A 139 3.40 3.89 7.85
CA ASP A 139 3.59 3.62 6.42
C ASP A 139 4.06 2.17 6.11
N GLY A 140 4.54 1.46 7.11
CA GLY A 140 4.99 0.09 6.97
C GLY A 140 6.48 -0.05 7.04
N PRO A 142 9.97 -0.40 8.56
CA PRO A 142 10.34 -1.08 9.81
C PRO A 142 11.22 -0.22 10.70
N PHE A 143 11.18 -0.50 12.02
CA PHE A 143 12.01 0.20 12.99
C PHE A 143 13.45 -0.15 12.70
N ALA A 144 13.69 -1.42 12.30
CA ALA A 144 14.98 -1.95 11.93
C ALA A 144 14.88 -2.64 10.58
N ASP A 145 15.71 -2.21 9.61
CA ASP A 145 15.71 -2.82 8.30
C ASP A 145 16.67 -4.01 8.24
N ASP A 146 16.77 -4.68 7.09
CA ASP A 146 17.61 -5.86 6.87
C ASP A 146 19.05 -5.68 7.38
N VAL A 147 19.72 -4.55 7.01
CA VAL A 147 21.11 -4.24 7.37
C VAL A 147 21.29 -4.06 8.90
N THR A 148 20.33 -3.41 9.58
CA THR A 148 20.42 -3.12 11.01
C THR A 148 19.91 -4.31 11.86
N LEU A 149 18.86 -4.99 11.43
CA LEU A 149 18.27 -6.13 12.16
C LEU A 149 19.29 -7.26 12.21
N SER A 150 20.12 -7.38 11.14
CA SER A 150 21.19 -8.37 10.99
C SER A 150 22.23 -8.12 12.07
N TRP A 151 22.59 -6.85 12.23
CA TRP A 151 23.51 -6.34 13.23
C TRP A 151 22.97 -6.58 14.65
N ILE A 152 21.64 -6.53 14.81
CA ILE A 152 21.02 -6.71 16.11
C ILE A 152 21.02 -8.18 16.54
N GLN A 153 20.55 -9.06 15.67
CA GLN A 153 20.39 -10.46 16.04
C GLN A 153 21.70 -11.24 16.08
N GLN A 154 22.76 -10.73 15.45
CA GLN A 154 24.00 -11.49 15.57
C GLN A 154 25.18 -10.71 16.13
N GLN A 155 25.12 -9.37 16.16
CA GLN A 155 26.22 -8.61 16.75
C GLN A 155 25.88 -8.07 18.17
N VAL A 156 24.63 -7.59 18.43
CA VAL A 156 24.20 -7.03 19.75
C VAL A 156 23.47 -8.08 20.64
N SER B 1 -16.00 32.53 -8.61
CA SER B 1 -17.06 32.62 -7.60
C SER B 1 -18.00 31.38 -7.61
N ALA B 2 -17.65 30.32 -8.40
CA ALA B 2 -18.40 29.07 -8.54
C ALA B 2 -17.54 28.01 -9.24
N ILE B 3 -17.80 26.70 -8.97
CA ILE B 3 -17.15 25.44 -9.45
C ILE B 3 -15.59 25.51 -9.41
N THR B 4 -14.96 26.31 -10.28
CA THR B 4 -13.51 26.53 -10.28
C THR B 4 -13.29 27.73 -9.32
N SER B 5 -12.10 28.38 -9.37
CA SER B 5 -11.73 29.50 -8.50
C SER B 5 -11.92 29.17 -7.01
N GLY B 6 -11.29 28.07 -6.57
CA GLY B 6 -11.29 27.60 -5.20
C GLY B 6 -10.58 28.60 -4.30
N GLN B 7 -9.77 29.48 -4.92
CA GLN B 7 -9.01 30.58 -4.35
C GLN B 7 -10.00 31.71 -3.98
N GLU B 8 -11.11 31.82 -4.74
CA GLU B 8 -12.21 32.77 -4.54
C GLU B 8 -13.16 32.22 -3.45
N LEU B 9 -13.28 30.88 -3.36
CA LEU B 9 -14.07 30.17 -2.34
C LEU B 9 -13.48 30.51 -0.97
N LEU B 10 -12.13 30.53 -0.90
CA LEU B 10 -11.36 30.87 0.28
C LEU B 10 -11.62 32.31 0.73
N SER B 11 -11.66 33.27 -0.21
CA SER B 11 -11.93 34.68 0.10
C SER B 11 -13.38 34.92 0.52
N GLN B 12 -14.32 34.12 -0.06
CA GLN B 12 -15.74 34.19 0.26
C GLN B 12 -15.97 33.58 1.65
N ALA B 13 -15.16 32.57 2.00
CA ALA B 13 -15.22 31.92 3.31
C ALA B 13 -14.56 32.83 4.34
N ARG B 14 -13.54 33.60 3.92
CA ARG B 14 -12.83 34.55 4.79
C ARG B 14 -13.76 35.65 5.27
N VAL B 15 -14.63 36.16 4.36
CA VAL B 15 -15.59 37.22 4.68
C VAL B 15 -16.71 36.70 5.58
N LEU B 16 -17.04 35.41 5.39
CA LEU B 16 -18.03 34.68 6.18
C LEU B 16 -17.50 34.45 7.62
N ALA B 17 -16.21 34.12 7.75
CA ALA B 17 -15.54 33.91 9.02
C ALA B 17 -15.34 35.24 9.74
N LYS B 18 -15.09 36.34 8.98
CA LYS B 18 -14.90 37.70 9.49
C LYS B 18 -16.15 38.15 10.27
N TYR B 19 -17.35 37.80 9.74
CA TYR B 19 -18.64 38.09 10.34
C TYR B 19 -18.69 37.44 11.72
N LEU B 20 -18.52 36.10 11.76
CA LEU B 20 -18.58 35.27 12.96
C LEU B 20 -17.65 35.76 14.07
N ARG B 21 -16.40 36.14 13.73
CA ARG B 21 -15.41 36.62 14.69
C ARG B 21 -15.86 37.90 15.42
N ASP B 22 -16.52 38.81 14.68
CA ASP B 22 -17.05 40.09 15.19
C ASP B 22 -18.24 39.92 16.12
N GLN B 23 -18.97 38.79 16.01
CA GLN B 23 -20.11 38.46 16.88
C GLN B 23 -19.62 38.07 18.29
N PRO B 24 -20.43 38.28 19.36
CA PRO B 24 -19.97 37.93 20.72
C PRO B 24 -19.54 36.46 20.88
N GLU B 25 -18.34 36.26 21.45
CA GLU B 25 -17.64 35.00 21.72
C GLU B 25 -17.65 34.01 20.49
N GLY B 26 -17.78 34.55 19.29
CA GLY B 26 -17.80 33.76 18.06
C GLY B 26 -16.45 33.49 17.42
N TRP B 27 -15.38 33.28 18.23
CA TRP B 27 -14.04 32.98 17.71
C TRP B 27 -14.01 31.56 17.14
N LEU B 28 -14.49 30.62 17.98
CA LEU B 28 -14.45 29.20 17.70
C LEU B 28 -15.11 28.94 16.35
N ALA B 29 -16.33 29.47 16.14
CA ALA B 29 -17.07 29.31 14.90
C ALA B 29 -16.29 29.85 13.73
N ALA B 30 -15.60 31.00 13.92
CA ALA B 30 -14.78 31.65 12.91
C ALA B 30 -13.53 30.84 12.65
N HIS B 31 -12.86 30.40 13.72
CA HIS B 31 -11.64 29.62 13.64
C HIS B 31 -11.85 28.26 12.97
N ARG B 32 -12.84 27.50 13.42
CA ARG B 32 -13.15 26.15 12.93
C ARG B 32 -13.73 26.12 11.51
N LEU B 33 -14.33 27.23 11.03
CA LEU B 33 -14.86 27.33 9.66
C LEU B 33 -13.69 27.34 8.68
N LYS B 35 -10.60 26.02 9.45
CA LYS B 35 -10.03 24.68 9.58
C LYS B 35 -10.72 23.71 8.61
N SER B 36 -12.07 23.74 8.58
CA SER B 36 -12.84 22.86 7.68
C SER B 36 -12.65 23.21 6.20
N VAL B 37 -12.57 24.51 5.87
CA VAL B 37 -12.40 24.96 4.49
C VAL B 37 -10.93 24.77 3.99
N ARG B 38 -9.93 24.65 4.90
CA ARG B 38 -8.53 24.50 4.50
C ARG B 38 -7.95 23.13 4.71
N HIS B 39 -8.33 22.44 5.81
CA HIS B 39 -7.82 21.11 6.15
C HIS B 39 -8.68 19.99 5.64
N ASP B 40 -10.01 20.11 5.77
CA ASP B 40 -10.95 19.06 5.33
C ASP B 40 -11.08 18.96 3.80
N THR B 41 -10.43 19.89 3.07
CA THR B 41 -10.39 19.95 1.62
C THR B 41 -9.15 19.22 1.11
N LEU B 42 -8.22 18.88 2.02
CA LEU B 42 -6.99 18.19 1.65
C LEU B 42 -7.02 16.71 2.02
N HIS B 43 -7.07 15.85 0.98
CA HIS B 43 -7.13 14.40 1.12
C HIS B 43 -5.87 13.75 0.57
N GLN B 44 -4.94 14.56 0.02
CA GLN B 44 -3.68 14.08 -0.54
C GLN B 44 -2.50 14.30 0.42
N LEU B 45 -1.82 13.19 0.75
CA LEU B 45 -0.72 13.01 1.68
C LEU B 45 0.32 14.13 1.73
N PRO B 46 0.59 14.80 0.59
CA PRO B 46 1.87 15.52 0.44
C PRO B 46 1.69 17.00 0.08
N PRO B 47 0.53 17.35 -0.50
CA PRO B 47 0.47 17.69 -1.93
C PRO B 47 1.48 16.91 -2.82
N LEU B 48 2.77 17.37 -2.87
CA LEU B 48 3.83 16.72 -3.64
C LEU B 48 5.12 16.82 -2.85
N SER B 49 5.87 15.73 -2.82
CA SER B 49 7.15 15.67 -2.11
C SER B 49 8.30 15.40 -3.12
N ALA B 50 9.31 16.31 -3.18
CA ALA B 50 10.51 16.21 -4.04
C ALA B 50 11.55 15.34 -3.30
N ASP B 51 12.86 15.71 -3.31
CA ASP B 51 13.87 14.95 -2.55
C ASP B 51 13.98 15.44 -1.09
N GLY B 52 12.99 14.95 -0.32
CA GLY B 52 12.75 15.25 1.07
C GLY B 52 11.69 16.32 1.23
N ARG B 53 12.05 17.55 0.86
CA ARG B 53 11.21 18.75 0.96
C ARG B 53 9.98 18.72 0.08
N THR B 54 8.91 19.39 0.54
CA THR B 54 7.69 19.57 -0.24
C THR B 54 7.91 20.83 -1.07
N ARG B 55 7.18 20.97 -2.18
CA ARG B 55 7.29 22.15 -3.04
C ARG B 55 6.58 23.39 -2.40
N ILE B 56 6.01 23.22 -1.18
CA ILE B 56 5.30 24.24 -0.37
C ILE B 56 6.31 25.17 0.34
N ALA B 57 6.16 26.48 0.09
CA ALA B 57 7.02 27.54 0.65
C ALA B 57 6.78 27.78 2.14
N PRO B 58 7.87 28.05 2.94
CA PRO B 58 7.70 28.28 4.39
C PRO B 58 6.83 29.49 4.77
N PRO B 59 6.39 29.66 6.04
CA PRO B 59 5.48 30.78 6.37
C PRO B 59 6.04 32.18 6.20
N GLY B 60 7.35 32.35 6.34
CA GLY B 60 7.97 33.67 6.21
C GLY B 60 8.55 34.11 7.53
N PRO B 61 9.87 34.42 7.58
CA PRO B 61 10.53 34.78 8.85
C PRO B 61 9.93 35.97 9.58
N ASP B 62 9.43 36.95 8.82
CA ASP B 62 8.79 38.18 9.26
C ASP B 62 7.63 37.88 10.21
N ARG B 63 6.65 37.09 9.72
CA ARG B 63 5.47 36.76 10.46
C ARG B 63 5.67 35.69 11.56
N ARG B 64 6.62 34.75 11.36
CA ARG B 64 6.85 33.71 12.37
C ARG B 64 7.65 34.23 13.60
N ALA B 65 8.46 35.28 13.39
CA ALA B 65 9.20 35.94 14.46
C ALA B 65 8.25 36.83 15.26
N SER B 66 7.21 37.38 14.57
CA SER B 66 6.14 38.22 15.14
C SER B 66 5.30 37.44 16.17
N LEU B 67 5.14 36.12 15.95
CA LEU B 67 4.39 35.22 16.83
C LEU B 67 5.20 34.85 18.07
N LYS B 68 6.52 34.62 17.91
CA LYS B 68 7.44 34.32 19.03
C LYS B 68 7.45 35.50 19.99
N ARG B 69 7.45 36.76 19.46
CA ARG B 69 7.41 38.01 20.22
C ARG B 69 6.15 38.07 21.10
N LEU B 70 4.96 37.78 20.51
CA LEU B 70 3.68 37.77 21.21
C LEU B 70 3.58 36.69 22.29
N TYR B 71 4.21 35.51 22.06
CA TYR B 71 4.23 34.39 23.00
C TYR B 71 5.09 34.76 24.21
N LEU B 72 6.27 35.36 23.94
CA LEU B 72 7.23 35.84 24.94
C LEU B 72 6.58 36.98 25.75
N GLN B 73 5.87 37.89 25.06
CA GLN B 73 5.14 39.01 25.68
C GLN B 73 3.85 38.55 26.40
N GLN B 74 3.55 37.24 26.34
CA GLN B 74 2.38 36.54 26.89
C GLN B 74 1.03 37.24 26.53
N ASN B 75 1.01 37.97 25.38
CA ASN B 75 -0.20 38.64 24.85
C ASN B 75 -0.98 37.60 24.03
N TRP B 76 -1.73 36.75 24.75
CA TRP B 76 -2.50 35.62 24.20
C TRP B 76 -3.59 36.02 23.22
N LEU B 77 -4.38 37.04 23.56
CA LEU B 77 -5.49 37.53 22.75
C LEU B 77 -5.07 37.99 21.36
N SER B 78 -3.91 38.66 21.25
CA SER B 78 -3.39 39.14 19.98
C SER B 78 -2.76 37.99 19.19
N LEU B 79 -2.06 37.06 19.87
CA LEU B 79 -1.41 35.89 19.27
C LEU B 79 -2.46 35.02 18.61
N LEU B 80 -3.59 34.83 19.30
CA LEU B 80 -4.73 34.05 18.85
C LEU B 80 -5.33 34.66 17.59
N GLU B 81 -5.49 35.99 17.58
CA GLU B 81 -6.03 36.75 16.46
C GLU B 81 -5.08 36.76 15.26
N GLN B 82 -3.76 36.80 15.51
CA GLN B 82 -2.73 36.83 14.46
C GLN B 82 -2.50 35.48 13.81
N CYS B 83 -2.71 34.38 14.54
CA CYS B 83 -2.58 33.00 14.05
C CYS B 83 -3.64 32.69 13.00
N ASP B 84 -4.83 33.27 13.16
CA ASP B 84 -5.95 33.10 12.23
C ASP B 84 -5.69 33.76 10.89
N ASP B 85 -5.05 34.95 10.89
CA ASP B 85 -4.67 35.70 9.68
C ASP B 85 -3.65 34.91 8.89
N PHE B 87 -3.24 31.59 9.08
CA PHE B 87 -3.90 30.37 8.62
C PHE B 87 -4.65 30.60 7.31
N ALA B 88 -5.31 31.77 7.16
CA ALA B 88 -6.06 32.13 5.97
C ALA B 88 -5.16 32.54 4.78
N ARG B 89 -3.99 33.13 5.04
CA ARG B 89 -3.07 33.56 3.99
C ARG B 89 -1.84 32.68 3.96
N GLY B 90 -1.78 31.80 2.96
CA GLY B 90 -0.65 30.91 2.80
C GLY B 90 -1.01 29.68 2.03
N ALA B 91 -0.45 28.51 2.39
CA ALA B 91 -0.77 27.27 1.67
C ALA B 91 -1.48 26.19 2.55
N SER B 92 -2.86 26.25 2.68
CA SER B 92 -3.74 25.40 3.51
C SER B 92 -3.39 25.48 4.98
N HIS B 93 -2.25 26.11 5.22
CA HIS B 93 -1.45 26.30 6.38
C HIS B 93 -1.36 25.05 7.24
N LEU B 94 -0.29 24.36 6.82
CA LEU B 94 0.22 23.13 7.31
C LEU B 94 1.36 23.51 8.26
N TRP B 95 1.51 24.82 8.62
CA TRP B 95 2.44 25.26 9.64
C TRP B 95 1.71 24.84 10.91
N LEU B 96 1.94 23.59 11.32
CA LEU B 96 1.28 22.93 12.43
C LEU B 96 1.57 23.59 13.78
N ASP B 97 2.70 24.32 13.88
CA ASP B 97 3.12 25.10 15.06
C ASP B 97 2.06 26.14 15.42
N LEU B 98 1.35 26.65 14.39
CA LEU B 98 0.26 27.61 14.48
C LEU B 98 -0.85 27.07 15.42
N GLN B 99 -1.16 25.76 15.29
CA GLN B 99 -2.16 25.05 16.10
C GLN B 99 -1.67 24.95 17.56
N TRP B 100 -0.36 24.74 17.77
CA TRP B 100 0.22 24.68 19.10
C TRP B 100 0.18 26.04 19.77
N TYR B 101 0.45 27.12 19.00
CA TYR B 101 0.37 28.50 19.49
C TYR B 101 -1.04 28.82 19.96
N ILE B 102 -2.07 28.46 19.14
CA ILE B 102 -3.48 28.64 19.44
C ILE B 102 -3.82 27.87 20.72
N HIS B 103 -3.36 26.61 20.81
CA HIS B 103 -3.58 25.74 21.95
C HIS B 103 -3.05 26.36 23.25
N GLN B 104 -1.77 26.81 23.26
CA GLN B 104 -1.12 27.45 24.41
C GLN B 104 -1.86 28.71 24.86
N ALA B 105 -2.27 29.55 23.88
CA ALA B 105 -3.01 30.78 24.13
C ALA B 105 -4.36 30.47 24.75
N LEU B 106 -5.03 29.39 24.28
CA LEU B 106 -6.32 28.98 24.79
C LEU B 106 -6.25 28.44 26.20
N LEU B 107 -5.15 27.79 26.55
CA LEU B 107 -4.93 27.27 27.90
C LEU B 107 -4.71 28.45 28.86
N GLN B 108 -3.82 29.39 28.44
CA GLN B 108 -3.51 30.58 29.21
C GLN B 108 -4.65 31.61 29.29
N THR B 109 -5.60 31.57 28.32
CA THR B 109 -6.75 32.47 28.34
C THR B 109 -7.86 31.87 29.24
N GLY B 110 -7.67 30.61 29.64
CA GLY B 110 -8.58 29.87 30.50
C GLY B 110 -9.58 28.97 29.80
N LYS B 111 -9.85 29.22 28.48
CA LYS B 111 -10.77 28.46 27.64
C LYS B 111 -10.26 27.03 27.39
N GLU B 112 -10.33 26.18 28.44
CA GLU B 112 -9.86 24.79 28.47
C GLU B 112 -10.61 23.86 27.55
N ASN B 113 -11.95 24.00 27.53
CA ASN B 113 -12.84 23.20 26.69
C ASN B 113 -12.53 23.46 25.20
N TYR B 114 -12.28 24.75 24.83
CA TYR B 114 -11.92 25.18 23.47
C TYR B 114 -10.59 24.52 23.05
N ALA B 115 -9.57 24.58 23.92
CA ALA B 115 -8.24 24.00 23.71
C ALA B 115 -8.29 22.50 23.45
N ALA B 116 -9.25 21.79 24.07
CA ALA B 116 -9.45 20.34 23.89
C ALA B 116 -9.92 20.08 22.46
N ILE B 117 -10.89 20.91 21.98
CA ILE B 117 -11.44 20.85 20.62
C ILE B 117 -10.32 20.97 19.57
N ILE B 118 -9.43 21.96 19.76
CA ILE B 118 -8.28 22.20 18.88
C ILE B 118 -7.45 20.93 18.67
N GLN B 119 -7.18 20.20 19.78
CA GLN B 119 -6.43 18.96 19.77
C GLN B 119 -7.18 17.91 18.95
N TYR B 120 -8.51 17.75 19.18
CA TYR B 120 -9.37 16.81 18.47
C TYR B 120 -9.41 17.09 16.98
N ASP B 121 -9.46 18.39 16.61
CA ASP B 121 -9.49 18.87 15.23
C ASP B 121 -8.24 18.42 14.49
N LEU B 122 -7.06 18.66 15.13
CA LEU B 122 -5.75 18.27 14.61
C LEU B 122 -5.60 16.76 14.54
N LYS B 123 -6.09 16.03 15.59
CA LYS B 123 -6.05 14.56 15.66
C LYS B 123 -6.74 13.97 14.44
N GLY B 124 -7.90 14.53 14.09
CA GLY B 124 -8.68 14.11 12.93
C GLY B 124 -7.95 14.27 11.62
N LEU B 125 -7.28 15.42 11.44
CA LEU B 125 -6.52 15.74 10.23
C LEU B 125 -5.37 14.76 10.06
N LEU B 126 -4.63 14.50 11.14
CA LEU B 126 -3.47 13.61 11.14
C LEU B 126 -3.85 12.14 11.07
N LEU B 127 -5.10 11.84 11.37
CA LEU B 127 -5.65 10.50 11.26
C LEU B 127 -5.87 10.25 9.75
N ARG B 128 -6.39 11.27 9.04
CA ARG B 128 -6.64 11.27 7.60
C ARG B 128 -5.35 11.29 6.77
N LEU B 129 -4.44 12.21 7.09
CA LEU B 129 -3.16 12.36 6.40
C LEU B 129 -2.07 12.02 7.41
N PRO B 130 -1.60 10.75 7.41
CA PRO B 130 -0.67 10.30 8.45
C PRO B 130 0.68 11.01 8.54
N GLY B 131 1.46 10.93 7.48
CA GLY B 131 2.80 11.51 7.43
C GLY B 131 2.87 13.02 7.45
N LEU B 132 1.72 13.72 7.44
CA LEU B 132 1.67 15.17 7.40
C LEU B 132 2.51 15.85 8.49
N GLU B 133 2.38 15.36 9.75
CA GLU B 133 3.09 15.84 10.95
C GLU B 133 4.62 15.92 10.77
N THR B 134 5.18 14.93 10.03
CA THR B 134 6.60 14.71 9.81
C THR B 134 7.20 15.36 8.55
N LEU B 135 6.38 15.96 7.69
CA LEU B 135 6.89 16.61 6.47
C LEU B 135 7.58 17.98 6.76
N ALA B 136 8.24 18.54 5.73
CA ALA B 136 8.96 19.83 5.82
C ALA B 136 8.77 20.69 4.56
N PHE B 137 8.96 22.02 4.69
CA PHE B 137 8.84 23.02 3.63
C PHE B 137 10.04 23.04 2.69
N ASN B 138 10.06 24.00 1.74
CA ASN B 138 11.10 24.27 0.72
C ASN B 138 12.50 24.32 1.32
N ASP B 139 12.73 25.30 2.24
CA ASP B 139 13.98 25.57 2.94
C ASP B 139 14.43 24.43 3.87
N GLY B 140 13.51 23.54 4.23
CA GLY B 140 13.81 22.41 5.11
C GLY B 140 13.21 22.54 6.49
N PRO B 142 10.55 22.27 9.26
CA PRO B 142 9.46 21.27 9.40
C PRO B 142 8.10 21.92 9.65
N PHE B 143 7.02 21.19 9.30
CA PHE B 143 5.65 21.65 9.53
C PHE B 143 5.42 21.67 11.03
N ALA B 144 6.02 20.70 11.73
CA ALA B 144 5.96 20.59 13.18
C ALA B 144 7.37 20.44 13.72
N ASP B 145 7.77 21.34 14.64
CA ASP B 145 9.08 21.26 15.24
C ASP B 145 9.06 20.37 16.47
N ASP B 146 10.22 20.18 17.11
CA ASP B 146 10.41 19.33 18.28
C ASP B 146 9.37 19.57 19.39
N VAL B 147 9.13 20.86 19.76
CA VAL B 147 8.18 21.27 20.82
C VAL B 147 6.72 20.91 20.46
N THR B 148 6.32 21.07 19.19
CA THR B 148 4.96 20.83 18.74
C THR B 148 4.74 19.36 18.36
N LEU B 149 5.72 18.70 17.70
CA LEU B 149 5.60 17.30 17.29
C LEU B 149 5.37 16.42 18.51
N SER B 150 6.10 16.69 19.63
CA SER B 150 6.01 15.97 20.89
C SER B 150 4.61 16.11 21.45
N TRP B 151 4.06 17.34 21.39
CA TRP B 151 2.70 17.62 21.80
C TRP B 151 1.73 16.80 20.95
N ILE B 152 2.06 16.55 19.67
CA ILE B 152 1.20 15.80 18.77
C ILE B 152 1.23 14.32 19.09
N GLN B 153 2.43 13.78 19.20
CA GLN B 153 2.57 12.36 19.39
C GLN B 153 2.12 11.90 20.80
N GLN B 154 2.36 12.67 21.86
CA GLN B 154 1.92 12.17 23.16
C GLN B 154 0.63 12.81 23.72
N GLN B 155 0.29 14.04 23.33
CA GLN B 155 -0.90 14.70 23.86
C GLN B 155 -2.14 14.62 22.93
N VAL B 156 -1.99 14.83 21.58
CA VAL B 156 -3.14 14.81 20.64
C VAL B 156 -3.39 13.38 20.08
N SER C 1 -27.26 40.23 4.91
CA SER C 1 -26.01 39.82 4.26
C SER C 1 -24.74 40.36 4.99
N ALA C 2 -24.92 40.95 6.20
CA ALA C 2 -23.85 41.50 7.04
C ALA C 2 -24.39 41.83 8.44
N ILE C 3 -23.52 41.77 9.49
CA ILE C 3 -23.70 41.98 10.95
C ILE C 3 -24.98 41.27 11.52
N THR C 4 -26.20 41.74 11.16
CA THR C 4 -27.46 41.12 11.54
C THR C 4 -27.72 40.07 10.43
N SER C 5 -28.94 39.50 10.35
CA SER C 5 -29.31 38.46 9.38
C SER C 5 -28.31 37.28 9.46
N GLY C 6 -28.25 36.71 10.67
CA GLY C 6 -27.46 35.52 10.95
C GLY C 6 -28.05 34.34 10.20
N GLN C 7 -29.31 34.50 9.75
CA GLN C 7 -30.09 33.56 8.95
C GLN C 7 -29.61 33.68 7.51
N GLU C 8 -29.09 34.89 7.13
CA GLU C 8 -28.49 35.15 5.81
C GLU C 8 -27.07 34.58 5.79
N LEU C 9 -26.39 34.58 6.96
CA LEU C 9 -25.06 34.00 7.13
C LEU C 9 -25.17 32.49 6.93
N LEU C 10 -26.24 31.89 7.48
CA LEU C 10 -26.55 30.47 7.39
C LEU C 10 -26.79 30.05 5.93
N SER C 11 -27.57 30.85 5.17
CA SER C 11 -27.85 30.58 3.75
C SER C 11 -26.62 30.80 2.87
N GLN C 12 -25.75 31.75 3.26
CA GLN C 12 -24.49 32.02 2.54
C GLN C 12 -23.51 30.90 2.82
N ALA C 13 -23.59 30.30 4.02
CA ALA C 13 -22.77 29.16 4.42
C ALA C 13 -23.27 27.93 3.68
N ARG C 14 -24.60 27.81 3.49
CA ARG C 14 -25.26 26.71 2.79
C ARG C 14 -24.79 26.60 1.35
N VAL C 15 -24.67 27.77 0.67
CA VAL C 15 -24.23 27.84 -0.74
C VAL C 15 -22.75 27.50 -0.85
N LEU C 16 -21.98 27.87 0.18
CA LEU C 16 -20.55 27.60 0.29
C LEU C 16 -20.33 26.10 0.51
N ALA C 17 -21.18 25.47 1.33
CA ALA C 17 -21.15 24.03 1.61
C ALA C 17 -21.60 23.23 0.39
N LYS C 18 -22.57 23.77 -0.39
CA LYS C 18 -23.11 23.15 -1.61
C LYS C 18 -22.01 22.93 -2.63
N TYR C 19 -21.11 23.94 -2.75
CA TYR C 19 -19.94 23.94 -3.62
C TYR C 19 -19.05 22.75 -3.25
N LEU C 20 -18.57 22.73 -1.98
CA LEU C 20 -17.70 21.71 -1.42
C LEU C 20 -18.19 20.28 -1.61
N ARG C 21 -19.50 20.04 -1.39
CA ARG C 21 -20.12 18.71 -1.53
C ARG C 21 -20.01 18.16 -2.95
N ASP C 22 -20.18 19.05 -3.95
CA ASP C 22 -20.10 18.74 -5.38
C ASP C 22 -18.68 18.39 -5.85
N GLN C 23 -17.64 18.90 -5.14
CA GLN C 23 -16.23 18.63 -5.43
C GLN C 23 -15.87 17.18 -5.06
N PRO C 24 -14.88 16.54 -5.73
CA PRO C 24 -14.53 15.14 -5.41
C PRO C 24 -14.19 14.90 -3.93
N GLU C 25 -14.79 13.86 -3.33
CA GLU C 25 -14.68 13.42 -1.93
C GLU C 25 -14.80 14.58 -0.87
N GLY C 26 -15.44 15.69 -1.26
CA GLY C 26 -15.60 16.86 -0.41
C GLY C 26 -16.82 16.87 0.50
N TRP C 27 -17.24 15.71 1.02
CA TRP C 27 -18.38 15.60 1.94
C TRP C 27 -18.00 16.18 3.29
N LEU C 28 -16.87 15.70 3.83
CA LEU C 28 -16.40 16.05 5.16
C LEU C 28 -16.33 17.56 5.29
N ALA C 29 -15.67 18.22 4.31
CA ALA C 29 -15.53 19.68 4.30
C ALA C 29 -16.88 20.37 4.32
N ALA C 30 -17.85 19.82 3.56
CA ALA C 30 -19.21 20.33 3.45
C ALA C 30 -19.97 20.08 4.74
N HIS C 31 -19.85 18.85 5.27
CA HIS C 31 -20.53 18.43 6.49
C HIS C 31 -20.08 19.23 7.73
N ARG C 32 -18.75 19.30 7.95
CA ARG C 32 -18.14 19.94 9.10
C ARG C 32 -18.25 21.47 9.08
N LEU C 33 -18.46 22.09 7.91
CA LEU C 33 -18.63 23.54 7.76
C LEU C 33 -19.98 23.92 8.37
N LYS C 35 -21.57 22.02 10.77
CA LYS C 35 -21.39 21.75 12.19
C LYS C 35 -20.80 22.99 12.89
N SER C 36 -19.75 23.59 12.31
CA SER C 36 -19.14 24.79 12.89
C SER C 36 -20.05 26.01 12.87
N VAL C 37 -20.81 26.18 11.79
CA VAL C 37 -21.71 27.34 11.64
C VAL C 37 -22.99 27.18 12.51
N ARG C 38 -23.35 25.95 12.92
CA ARG C 38 -24.57 25.71 13.70
C ARG C 38 -24.33 25.36 15.18
N HIS C 39 -23.28 24.59 15.46
CA HIS C 39 -22.95 24.15 16.81
C HIS C 39 -22.00 25.09 17.52
N ASP C 40 -20.94 25.56 16.83
CA ASP C 40 -19.93 26.43 17.43
C ASP C 40 -20.42 27.88 17.67
N THR C 41 -21.65 28.17 17.21
CA THR C 41 -22.32 29.45 17.36
C THR C 41 -23.20 29.42 18.61
N LEU C 42 -23.42 28.22 19.20
CA LEU C 42 -24.23 28.07 20.39
C LEU C 42 -23.40 27.84 21.65
N HIS C 43 -23.42 28.85 22.53
CA HIS C 43 -22.66 28.86 23.79
C HIS C 43 -23.58 28.81 25.01
N GLN C 44 -24.92 28.85 24.76
CA GLN C 44 -25.94 28.82 25.81
C GLN C 44 -26.57 27.44 25.98
N LEU C 45 -26.48 26.93 27.23
CA LEU C 45 -26.91 25.61 27.74
C LEU C 45 -28.19 25.01 27.14
N PRO C 46 -29.17 25.87 26.77
CA PRO C 46 -30.56 25.41 26.70
C PRO C 46 -31.21 25.72 25.36
N PRO C 47 -30.68 26.71 24.63
CA PRO C 47 -31.36 28.02 24.51
C PRO C 47 -32.20 28.42 25.75
N LEU C 48 -33.45 27.92 25.89
CA LEU C 48 -34.30 28.19 27.05
C LEU C 48 -35.07 26.92 27.38
N SER C 49 -35.18 26.62 28.67
CA SER C 49 -35.91 25.44 29.14
C SER C 49 -37.12 25.87 29.99
N ALA C 50 -38.35 25.45 29.58
CA ALA C 50 -39.62 25.72 30.27
C ALA C 50 -39.81 24.65 31.38
N ASP C 51 -41.03 24.09 31.54
CA ASP C 51 -41.26 23.02 32.54
C ASP C 51 -40.98 21.65 31.92
N GLY C 52 -39.67 21.37 31.86
CA GLY C 52 -39.04 20.19 31.28
C GLY C 52 -38.59 20.47 29.85
N ARG C 53 -39.59 20.63 28.97
CA ARG C 53 -39.43 20.86 27.53
C ARG C 53 -38.69 22.14 27.18
N THR C 54 -37.91 22.08 26.08
CA THR C 54 -37.24 23.25 25.52
C THR C 54 -38.26 23.87 24.58
N ARG C 55 -38.18 25.18 24.35
CA ARG C 55 -39.10 25.86 23.43
C ARG C 55 -38.78 25.49 21.93
N ILE C 56 -37.91 24.47 21.75
CA ILE C 56 -37.42 23.96 20.48
C ILE C 56 -38.33 22.89 19.90
N ALA C 57 -38.62 23.00 18.61
CA ALA C 57 -39.51 22.13 17.86
C ALA C 57 -38.95 20.77 17.48
N PRO C 58 -39.76 19.68 17.54
CA PRO C 58 -39.28 18.38 17.07
C PRO C 58 -38.99 18.41 15.57
N PRO C 59 -38.09 17.54 15.07
CA PRO C 59 -37.74 17.57 13.63
C PRO C 59 -38.88 17.38 12.64
N GLY C 60 -39.95 16.71 13.05
CA GLY C 60 -41.08 16.45 12.17
C GLY C 60 -41.16 14.99 11.84
N PRO C 61 -42.34 14.36 12.10
CA PRO C 61 -42.48 12.91 11.87
C PRO C 61 -42.23 12.45 10.43
N ASP C 62 -42.56 13.32 9.47
CA ASP C 62 -42.41 13.13 8.04
C ASP C 62 -40.95 12.75 7.67
N ARG C 63 -40.01 13.63 8.02
CA ARG C 63 -38.61 13.48 7.72
C ARG C 63 -37.88 12.48 8.62
N ARG C 64 -38.30 12.32 9.89
CA ARG C 64 -37.63 11.38 10.80
C ARG C 64 -38.00 9.91 10.51
N ALA C 65 -39.19 9.68 9.92
CA ALA C 65 -39.63 8.34 9.50
C ALA C 65 -38.91 7.96 8.20
N SER C 66 -38.61 8.98 7.35
CA SER C 66 -37.88 8.85 6.08
C SER C 66 -36.44 8.34 6.29
N LEU C 67 -35.82 8.71 7.45
CA LEU C 67 -34.48 8.29 7.83
C LEU C 67 -34.44 6.85 8.34
N LYS C 68 -35.48 6.45 9.11
CA LYS C 68 -35.62 5.07 9.61
C LYS C 68 -35.74 4.09 8.44
N ARG C 69 -36.49 4.52 7.36
CA ARG C 69 -36.68 3.76 6.11
C ARG C 69 -35.33 3.52 5.44
N LEU C 70 -34.50 4.57 5.29
CA LEU C 70 -33.17 4.49 4.67
C LEU C 70 -32.18 3.63 5.45
N TYR C 71 -32.29 3.64 6.80
CA TYR C 71 -31.44 2.85 7.70
C TYR C 71 -31.78 1.37 7.56
N LEU C 72 -33.11 1.06 7.54
CA LEU C 72 -33.67 -0.28 7.36
C LEU C 72 -33.29 -0.80 5.96
N GLN C 73 -33.38 0.07 4.93
CA GLN C 73 -33.03 -0.23 3.54
C GLN C 73 -31.51 -0.29 3.34
N GLN C 74 -30.73 -0.03 4.42
CA GLN C 74 -29.25 0.00 4.48
C GLN C 74 -28.60 0.87 3.34
N ASN C 75 -29.37 1.86 2.83
CA ASN C 75 -28.91 2.80 1.80
C ASN C 75 -28.15 3.94 2.52
N TRP C 76 -26.87 3.66 2.88
CA TRP C 76 -26.01 4.55 3.64
C TRP C 76 -25.71 5.86 2.93
N LEU C 77 -25.38 5.81 1.64
CA LEU C 77 -25.04 6.99 0.85
C LEU C 77 -26.16 8.03 0.77
N SER C 78 -27.42 7.59 0.66
CA SER C 78 -28.57 8.48 0.62
C SER C 78 -28.91 9.02 2.01
N LEU C 79 -28.80 8.16 3.06
CA LEU C 79 -29.05 8.52 4.46
C LEU C 79 -28.12 9.64 4.89
N LEU C 80 -26.85 9.50 4.52
CA LEU C 80 -25.77 10.46 4.79
C LEU C 80 -26.09 11.81 4.15
N GLU C 81 -26.54 11.78 2.87
CA GLU C 81 -26.88 12.96 2.10
C GLU C 81 -28.17 13.65 2.63
N GLN C 82 -29.14 12.85 3.14
CA GLN C 82 -30.41 13.37 3.66
C GLN C 82 -30.29 13.96 5.07
N CYS C 83 -29.32 13.46 5.87
CA CYS C 83 -29.05 13.95 7.22
C CYS C 83 -28.52 15.39 7.18
N ASP C 84 -27.74 15.71 6.14
CA ASP C 84 -27.15 17.04 5.94
C ASP C 84 -28.21 18.10 5.66
N ASP C 85 -29.24 17.75 4.84
CA ASP C 85 -30.36 18.62 4.48
C ASP C 85 -31.15 18.96 5.74
N PHE C 87 -29.95 18.83 8.89
CA PHE C 87 -29.09 19.61 9.76
C PHE C 87 -29.13 21.12 9.43
N ALA C 88 -29.17 21.45 8.12
CA ALA C 88 -29.21 22.83 7.64
C ALA C 88 -30.58 23.49 7.82
N ARG C 89 -31.67 22.71 7.72
CA ARG C 89 -33.05 23.21 7.86
C ARG C 89 -33.65 22.75 9.18
N GLY C 90 -33.65 23.65 10.15
CA GLY C 90 -34.18 23.34 11.47
C GLY C 90 -33.65 24.31 12.50
N ALA C 91 -33.59 23.88 13.79
CA ALA C 91 -33.08 24.77 14.84
C ALA C 91 -31.70 24.35 15.41
N SER C 92 -30.58 24.81 14.75
CA SER C 92 -29.16 24.49 15.03
C SER C 92 -28.87 23.00 14.90
N HIS C 93 -29.95 22.26 14.79
CA HIS C 93 -30.19 20.85 14.79
C HIS C 93 -29.37 20.12 15.83
N LEU C 94 -30.10 20.06 16.93
CA LEU C 94 -29.77 19.47 18.18
C LEU C 94 -30.43 18.09 18.20
N TRP C 95 -30.99 17.63 17.05
CA TRP C 95 -31.52 16.28 16.89
C TRP C 95 -30.23 15.46 16.79
N LEU C 96 -29.72 15.07 17.95
CA LEU C 96 -28.44 14.39 18.13
C LEU C 96 -28.41 13.02 17.46
N ASP C 97 -29.60 12.40 17.27
CA ASP C 97 -29.78 11.12 16.59
C ASP C 97 -29.23 11.18 15.16
N LEU C 98 -29.31 12.39 14.53
CA LEU C 98 -28.82 12.70 13.20
C LEU C 98 -27.31 12.37 13.11
N GLN C 99 -26.54 12.71 14.16
CA GLN C 99 -25.11 12.45 14.28
C GLN C 99 -24.84 10.94 14.38
N TRP C 100 -25.71 10.21 15.09
CA TRP C 100 -25.62 8.76 15.23
C TRP C 100 -25.87 8.09 13.89
N TYR C 101 -26.87 8.57 13.14
CA TYR C 101 -27.21 8.06 11.81
C TYR C 101 -26.01 8.21 10.87
N ILE C 102 -25.37 9.42 10.85
CA ILE C 102 -24.19 9.74 10.07
C ILE C 102 -23.05 8.79 10.47
N HIS C 103 -22.85 8.62 11.79
CA HIS C 103 -21.82 7.74 12.34
C HIS C 103 -21.97 6.29 11.85
N GLN C 104 -23.18 5.70 11.99
CA GLN C 104 -23.51 4.34 11.53
C GLN C 104 -23.26 4.17 10.04
N ALA C 105 -23.70 5.16 9.22
CA ALA C 105 -23.54 5.15 7.77
C ALA C 105 -22.07 5.20 7.41
N LEU C 106 -21.27 5.99 8.16
CA LEU C 106 -19.83 6.12 7.92
C LEU C 106 -19.07 4.86 8.26
N LEU C 107 -19.53 4.12 9.27
CA LEU C 107 -18.93 2.85 9.66
C LEU C 107 -19.21 1.82 8.59
N GLN C 108 -20.50 1.73 8.16
CA GLN C 108 -20.95 0.80 7.13
C GLN C 108 -20.45 1.15 5.73
N THR C 109 -20.07 2.42 5.48
CA THR C 109 -19.50 2.83 4.19
C THR C 109 -17.98 2.53 4.17
N GLY C 110 -17.43 2.17 5.33
CA GLY C 110 -16.02 1.83 5.50
C GLY C 110 -15.13 2.95 6.00
N LYS C 111 -15.55 4.24 5.78
CA LYS C 111 -14.82 5.46 6.17
C LYS C 111 -14.74 5.59 7.73
N GLU C 112 -13.90 4.75 8.35
CA GLU C 112 -13.70 4.65 9.80
C GLU C 112 -13.06 5.87 10.42
N ASN C 113 -12.05 6.46 9.74
CA ASN C 113 -11.34 7.66 10.18
C ASN C 113 -12.33 8.83 10.25
N TYR C 114 -13.23 8.97 9.24
CA TYR C 114 -14.28 10.00 9.17
C TYR C 114 -15.23 9.87 10.35
N ALA C 115 -15.72 8.64 10.62
CA ALA C 115 -16.63 8.30 11.73
C ALA C 115 -16.05 8.65 13.10
N ALA C 116 -14.71 8.55 13.26
CA ALA C 116 -14.03 8.91 14.51
C ALA C 116 -14.13 10.42 14.72
N ILE C 117 -13.91 11.22 13.64
CA ILE C 117 -14.00 12.69 13.63
C ILE C 117 -15.38 13.12 14.11
N ILE C 118 -16.44 12.50 13.57
CA ILE C 118 -17.83 12.79 13.93
C ILE C 118 -18.05 12.68 15.47
N GLN C 119 -17.47 11.63 16.08
CA GLN C 119 -17.56 11.41 17.51
C GLN C 119 -16.86 12.54 18.25
N TYR C 120 -15.63 12.92 17.80
CA TYR C 120 -14.84 14.00 18.39
C TYR C 120 -15.57 15.33 18.31
N ASP C 121 -16.21 15.60 17.15
CA ASP C 121 -16.99 16.81 16.88
C ASP C 121 -18.13 16.96 17.89
N LEU C 122 -18.88 15.85 18.12
CA LEU C 122 -19.98 15.78 19.07
C LEU C 122 -19.45 15.90 20.53
N LYS C 123 -18.31 15.20 20.84
CA LYS C 123 -17.67 15.25 22.15
C LYS C 123 -17.36 16.69 22.53
N GLY C 124 -16.82 17.45 21.59
CA GLY C 124 -16.50 18.87 21.78
C GLY C 124 -17.70 19.72 22.11
N LEU C 125 -18.82 19.51 21.39
CA LEU C 125 -20.06 20.24 21.60
C LEU C 125 -20.61 19.98 23.00
N LEU C 126 -20.65 18.69 23.39
CA LEU C 126 -21.18 18.27 24.67
C LEU C 126 -20.25 18.60 25.83
N LEU C 127 -18.98 18.88 25.53
CA LEU C 127 -17.99 19.30 26.51
C LEU C 127 -18.33 20.76 26.86
N ARG C 128 -18.66 21.56 25.83
CA ARG C 128 -19.04 22.96 25.94
C ARG C 128 -20.43 23.13 26.58
N LEU C 129 -21.43 22.41 26.09
CA LEU C 129 -22.81 22.47 26.59
C LEU C 129 -23.12 21.11 27.23
N PRO C 130 -22.94 20.99 28.56
CA PRO C 130 -23.05 19.67 29.21
C PRO C 130 -24.42 18.98 29.13
N GLY C 131 -25.44 19.60 29.69
CA GLY C 131 -26.77 19.01 29.71
C GLY C 131 -27.49 18.83 28.38
N LEU C 132 -26.87 19.31 27.28
CA LEU C 132 -27.47 19.26 25.94
C LEU C 132 -27.97 17.86 25.55
N GLU C 133 -27.11 16.83 25.77
CA GLU C 133 -27.36 15.41 25.46
C GLU C 133 -28.71 14.90 25.99
N THR C 134 -29.03 15.34 27.23
CA THR C 134 -30.17 14.91 28.03
C THR C 134 -31.45 15.74 27.87
N LEU C 135 -31.40 16.86 27.09
CA LEU C 135 -32.61 17.70 26.91
C LEU C 135 -33.63 17.09 25.91
N ALA C 136 -34.81 17.76 25.71
CA ALA C 136 -35.88 17.30 24.81
C ALA C 136 -36.66 18.45 24.18
N PHE C 137 -37.36 18.15 23.07
CA PHE C 137 -38.15 19.06 22.27
C PHE C 137 -39.50 19.49 22.91
N ASN C 138 -40.31 20.24 22.10
CA ASN C 138 -41.63 20.81 22.40
C ASN C 138 -42.60 19.75 22.83
N ASP C 139 -42.68 18.67 22.03
CA ASP C 139 -43.56 17.51 22.23
C ASP C 139 -43.11 16.57 23.37
N GLY C 140 -41.83 16.63 23.73
CA GLY C 140 -41.24 15.81 24.79
C GLY C 140 -40.23 14.81 24.25
N PRO C 142 -36.91 13.38 23.05
CA PRO C 142 -35.55 13.77 23.44
C PRO C 142 -34.64 14.06 22.25
N PHE C 143 -33.61 14.89 22.47
CA PHE C 143 -32.61 15.21 21.46
C PHE C 143 -31.81 13.95 21.15
N ALA C 144 -31.59 13.11 22.18
CA ALA C 144 -30.90 11.84 22.08
C ALA C 144 -31.74 10.78 22.75
N ASP C 145 -32.06 9.71 22.01
CA ASP C 145 -32.84 8.60 22.53
C ASP C 145 -31.95 7.54 23.15
N ASP C 146 -32.55 6.46 23.69
CA ASP C 146 -31.86 5.35 24.35
C ASP C 146 -30.64 4.83 23.56
N VAL C 147 -30.82 4.51 22.26
CA VAL C 147 -29.80 3.95 21.37
C VAL C 147 -28.62 4.94 21.16
N THR C 148 -28.90 6.23 21.01
CA THR C 148 -27.88 7.24 20.74
C THR C 148 -27.22 7.74 22.03
N LEU C 149 -27.98 7.90 23.13
CA LEU C 149 -27.47 8.39 24.41
C LEU C 149 -26.48 7.41 25.00
N SER C 150 -26.72 6.10 24.80
CA SER C 150 -25.80 5.07 25.28
C SER C 150 -24.48 5.17 24.50
N TRP C 151 -24.56 5.44 23.16
CA TRP C 151 -23.40 5.67 22.30
C TRP C 151 -22.61 6.92 22.76
N ILE C 152 -23.31 7.92 23.29
CA ILE C 152 -22.70 9.16 23.76
C ILE C 152 -21.92 8.97 25.06
N GLN C 153 -22.57 8.51 26.14
CA GLN C 153 -21.93 8.41 27.47
C GLN C 153 -20.71 7.47 27.56
N GLN C 154 -20.68 6.43 26.75
CA GLN C 154 -19.60 5.43 26.76
C GLN C 154 -18.65 5.51 25.56
N GLN C 155 -19.20 5.64 24.32
CA GLN C 155 -18.34 5.65 23.13
C GLN C 155 -17.74 7.02 22.81
N VAL C 156 -18.53 8.13 22.87
CA VAL C 156 -18.01 9.48 22.55
C VAL C 156 -17.44 10.22 23.80
N SER D 1 29.65 48.63 -32.57
CA SER D 1 29.48 48.82 -31.14
C SER D 1 28.07 49.39 -30.77
N ALA D 2 27.15 49.49 -31.77
CA ALA D 2 25.78 50.01 -31.62
C ALA D 2 24.96 49.72 -32.89
N ILE D 3 23.60 49.65 -32.78
CA ILE D 3 22.53 49.35 -33.78
C ILE D 3 22.88 48.13 -34.70
N THR D 4 23.87 48.24 -35.59
CA THR D 4 24.37 47.15 -36.43
C THR D 4 25.48 46.49 -35.59
N SER D 5 26.37 45.68 -36.21
CA SER D 5 27.48 44.98 -35.54
C SER D 5 26.97 44.14 -34.33
N GLY D 6 25.98 43.29 -34.61
CA GLY D 6 25.40 42.37 -33.63
C GLY D 6 26.40 41.27 -33.33
N GLN D 7 27.49 41.34 -34.09
CA GLN D 7 28.70 40.53 -34.14
C GLN D 7 29.70 41.10 -33.14
N GLU D 8 29.55 42.40 -32.80
CA GLU D 8 30.32 43.15 -31.80
C GLU D 8 29.56 43.06 -30.48
N LEU D 9 28.21 42.88 -30.55
CA LEU D 9 27.32 42.72 -29.40
C LEU D 9 27.72 41.45 -28.66
N LEU D 10 28.01 40.41 -29.45
CA LEU D 10 28.45 39.11 -28.97
C LEU D 10 29.80 39.22 -28.22
N SER D 11 30.76 39.99 -28.77
CA SER D 11 32.08 40.18 -28.15
C SER D 11 31.98 41.05 -26.89
N GLN D 12 31.02 42.01 -26.88
CA GLN D 12 30.78 42.89 -25.72
C GLN D 12 30.10 42.10 -24.61
N ALA D 13 29.28 41.12 -25.02
CA ALA D 13 28.59 40.23 -24.08
C ALA D 13 29.61 39.23 -23.53
N ARG D 14 30.58 38.79 -24.36
CA ARG D 14 31.64 37.86 -24.00
C ARG D 14 32.50 38.42 -22.87
N VAL D 15 32.82 39.73 -22.95
CA VAL D 15 33.65 40.41 -21.93
C VAL D 15 32.86 40.60 -20.64
N LEU D 16 31.55 40.79 -20.76
CA LEU D 16 30.64 40.94 -19.64
C LEU D 16 30.50 39.59 -18.91
N ALA D 17 30.44 38.48 -19.68
CA ALA D 17 30.34 37.12 -19.16
C ALA D 17 31.66 36.69 -18.51
N LYS D 18 32.81 37.16 -19.07
CA LYS D 18 34.15 36.88 -18.57
C LYS D 18 34.30 37.37 -17.13
N TYR D 19 33.76 38.56 -16.86
CA TYR D 19 33.73 39.19 -15.55
C TYR D 19 33.02 38.25 -14.55
N LEU D 20 31.74 37.93 -14.85
CA LEU D 20 30.88 37.08 -14.03
C LEU D 20 31.49 35.74 -13.66
N ARG D 21 32.14 35.07 -14.63
CA ARG D 21 32.78 33.75 -14.43
C ARG D 21 33.90 33.80 -13.37
N ASP D 22 34.68 34.90 -13.38
CA ASP D 22 35.80 35.16 -12.46
C ASP D 22 35.34 35.43 -11.02
N GLN D 23 34.08 35.90 -10.84
CA GLN D 23 33.48 36.19 -9.53
C GLN D 23 33.15 34.86 -8.81
N PRO D 24 33.08 34.85 -7.44
CA PRO D 24 32.78 33.60 -6.71
C PRO D 24 31.47 32.93 -7.13
N GLU D 25 31.55 31.62 -7.46
CA GLU D 25 30.48 30.72 -7.91
C GLU D 25 29.53 31.37 -9.00
N GLY D 26 30.08 32.31 -9.76
CA GLY D 26 29.37 33.01 -10.82
C GLY D 26 29.41 32.36 -12.19
N TRP D 27 29.37 31.01 -12.27
CA TRP D 27 29.34 30.25 -13.52
C TRP D 27 27.98 30.43 -14.19
N LEU D 28 26.93 30.16 -13.40
CA LEU D 28 25.55 30.15 -13.86
C LEU D 28 25.26 31.46 -14.55
N ALA D 29 25.56 32.58 -13.87
CA ALA D 29 25.32 33.93 -14.40
C ALA D 29 26.04 34.15 -15.71
N ALA D 30 27.28 33.63 -15.81
CA ALA D 30 28.14 33.73 -17.00
C ALA D 30 27.61 32.83 -18.10
N HIS D 31 27.24 31.59 -17.73
CA HIS D 31 26.72 30.61 -18.67
C HIS D 31 25.38 31.04 -19.30
N ARG D 32 24.41 31.42 -18.44
CA ARG D 32 23.05 31.80 -18.84
C ARG D 32 22.98 33.13 -19.60
N LEU D 33 23.98 34.01 -19.43
CA LEU D 33 24.05 35.30 -20.14
C LEU D 33 24.32 35.03 -21.61
N LYS D 35 23.57 32.07 -23.16
CA LYS D 35 22.36 31.39 -23.62
C LYS D 35 21.32 32.44 -24.07
N SER D 36 21.09 33.48 -23.26
CA SER D 36 20.13 34.52 -23.61
C SER D 36 20.57 35.36 -24.81
N VAL D 37 21.87 35.67 -24.91
CA VAL D 37 22.39 36.48 -26.00
C VAL D 37 22.51 35.68 -27.34
N ARG D 38 22.52 34.34 -27.29
CA ARG D 38 22.66 33.52 -28.48
C ARG D 38 21.37 32.77 -28.88
N HIS D 39 20.59 32.27 -27.90
CA HIS D 39 19.37 31.53 -28.14
C HIS D 39 18.12 32.40 -28.19
N ASP D 40 18.00 33.36 -27.25
CA ASP D 40 16.83 34.22 -27.17
C ASP D 40 16.77 35.29 -28.28
N THR D 41 17.84 35.36 -29.09
CA THR D 41 17.97 36.27 -30.24
C THR D 41 17.51 35.56 -31.52
N LEU D 42 17.29 34.24 -31.45
CA LEU D 42 16.85 33.46 -32.59
C LEU D 42 15.38 33.08 -32.49
N HIS D 43 14.57 33.67 -33.38
CA HIS D 43 13.12 33.47 -33.43
C HIS D 43 12.69 32.78 -34.73
N GLN D 44 13.68 32.49 -35.61
CA GLN D 44 13.45 31.86 -36.91
C GLN D 44 13.83 30.40 -36.89
N LEU D 45 12.83 29.55 -37.24
CA LEU D 45 12.83 28.07 -37.24
C LEU D 45 14.13 27.37 -37.65
N PRO D 46 14.91 27.98 -38.58
CA PRO D 46 15.87 27.20 -39.38
C PRO D 46 17.30 27.74 -39.28
N PRO D 47 17.47 29.02 -38.92
CA PRO D 47 17.87 30.04 -39.92
C PRO D 47 17.34 29.77 -41.35
N LEU D 48 18.02 28.93 -42.15
CA LEU D 48 17.61 28.55 -43.50
C LEU D 48 17.95 27.08 -43.70
N SER D 49 17.03 26.36 -44.33
CA SER D 49 17.21 24.94 -44.63
C SER D 49 17.22 24.72 -46.15
N ALA D 50 18.34 24.14 -46.68
CA ALA D 50 18.53 23.81 -48.10
C ALA D 50 17.89 22.44 -48.37
N ASP D 51 18.55 21.54 -49.16
CA ASP D 51 18.01 20.19 -49.37
C ASP D 51 18.47 19.23 -48.28
N GLY D 52 17.73 19.36 -47.16
CA GLY D 52 17.92 18.65 -45.91
C GLY D 52 18.70 19.47 -44.91
N ARG D 53 19.99 19.64 -45.20
CA ARG D 53 20.98 20.34 -44.39
C ARG D 53 20.73 21.84 -44.27
N THR D 54 21.11 22.40 -43.12
CA THR D 54 21.04 23.83 -42.87
C THR D 54 22.35 24.39 -43.42
N ARG D 55 22.37 25.69 -43.77
CA ARG D 55 23.59 26.33 -44.28
C ARG D 55 24.64 26.56 -43.16
N ILE D 56 24.30 26.13 -41.91
CA ILE D 56 25.12 26.24 -40.70
C ILE D 56 26.21 25.15 -40.66
N ALA D 57 27.47 25.59 -40.51
CA ALA D 57 28.66 24.74 -40.48
C ALA D 57 28.77 23.93 -39.17
N PRO D 58 29.23 22.64 -39.22
CA PRO D 58 29.38 21.84 -37.98
C PRO D 58 30.39 22.39 -36.96
N PRO D 59 30.41 21.90 -35.70
CA PRO D 59 31.32 22.47 -34.70
C PRO D 59 32.83 22.36 -34.94
N GLY D 60 33.25 21.28 -35.58
CA GLY D 60 34.67 21.06 -35.82
C GLY D 60 35.16 19.81 -35.16
N PRO D 61 35.75 18.87 -35.92
CA PRO D 61 36.17 17.57 -35.34
C PRO D 61 37.17 17.65 -34.20
N ASP D 62 38.08 18.62 -34.29
CA ASP D 62 39.12 18.91 -33.32
C ASP D 62 38.56 19.09 -31.92
N ARG D 63 37.65 20.06 -31.78
CA ARG D 63 37.03 20.42 -30.51
C ARG D 63 35.97 19.43 -30.04
N ARG D 64 35.24 18.77 -30.95
CA ARG D 64 34.19 17.81 -30.52
C ARG D 64 34.77 16.47 -30.02
N ALA D 65 35.96 16.11 -30.51
CA ALA D 65 36.67 14.91 -30.07
C ALA D 65 37.32 15.20 -28.70
N SER D 66 37.72 16.48 -28.47
CA SER D 66 38.32 16.98 -27.22
C SER D 66 37.34 16.88 -26.06
N LEU D 67 36.02 17.02 -26.34
CA LEU D 67 34.94 16.92 -25.34
C LEU D 67 34.65 15.47 -24.97
N LYS D 68 34.68 14.55 -25.96
CA LYS D 68 34.50 13.12 -25.72
C LYS D 68 35.62 12.58 -24.80
N ARG D 69 36.87 13.07 -25.00
CA ARG D 69 38.05 12.73 -24.20
C ARG D 69 37.83 13.14 -22.74
N LEU D 70 37.36 14.38 -22.50
CA LEU D 70 37.09 14.92 -21.16
C LEU D 70 35.95 14.20 -20.43
N TYR D 71 34.94 13.73 -21.19
CA TYR D 71 33.79 13.00 -20.66
C TYR D 71 34.24 11.60 -20.21
N LEU D 72 35.07 10.93 -21.06
CA LEU D 72 35.68 9.61 -20.80
C LEU D 72 36.61 9.72 -19.58
N GLN D 73 37.43 10.80 -19.53
CA GLN D 73 38.37 11.11 -18.43
C GLN D 73 37.63 11.56 -17.17
N GLN D 74 36.28 11.69 -17.23
CA GLN D 74 35.36 12.15 -16.19
C GLN D 74 35.82 13.50 -15.50
N ASN D 75 36.60 14.32 -16.25
CA ASN D 75 37.06 15.64 -15.80
C ASN D 75 35.93 16.65 -16.08
N TRP D 76 34.92 16.67 -15.20
CA TRP D 76 33.72 17.49 -15.30
C TRP D 76 33.98 18.97 -15.30
N LEU D 77 34.83 19.44 -14.38
CA LEU D 77 35.16 20.85 -14.24
C LEU D 77 35.76 21.50 -15.51
N SER D 78 36.64 20.75 -16.21
CA SER D 78 37.26 21.23 -17.44
C SER D 78 36.29 21.13 -18.62
N LEU D 79 35.45 20.06 -18.67
CA LEU D 79 34.45 19.84 -19.72
C LEU D 79 33.44 20.98 -19.71
N LEU D 80 33.03 21.39 -18.51
CA LEU D 80 32.09 22.47 -18.27
C LEU D 80 32.65 23.79 -18.76
N GLU D 81 33.94 24.05 -18.45
CA GLU D 81 34.66 25.25 -18.85
C GLU D 81 34.91 25.31 -20.37
N GLN D 82 35.14 24.13 -21.01
CA GLN D 82 35.40 24.02 -22.44
C GLN D 82 34.14 24.14 -23.30
N CYS D 83 32.98 23.73 -22.75
CA CYS D 83 31.68 23.82 -23.43
C CYS D 83 31.26 25.27 -23.61
N ASP D 84 31.62 26.15 -22.65
CA ASP D 84 31.32 27.59 -22.68
C ASP D 84 32.07 28.30 -23.80
N ASP D 85 33.35 27.93 -24.02
CA ASP D 85 34.21 28.49 -25.08
C ASP D 85 33.63 28.13 -26.42
N PHE D 87 30.41 27.36 -27.02
CA PHE D 87 29.12 28.03 -27.16
C PHE D 87 29.26 29.46 -27.70
N ALA D 88 30.29 30.18 -27.24
CA ALA D 88 30.58 31.56 -27.63
C ALA D 88 31.19 31.66 -29.04
N ARG D 89 31.96 30.65 -29.47
CA ARG D 89 32.62 30.61 -30.77
C ARG D 89 32.00 29.56 -31.65
N GLY D 90 31.14 29.97 -32.56
CA GLY D 90 30.44 29.11 -33.50
C GLY D 90 29.23 29.81 -34.06
N ALA D 91 28.15 29.07 -34.39
CA ALA D 91 26.93 29.71 -34.93
C ALA D 91 25.68 29.57 -34.01
N SER D 92 25.48 30.54 -33.07
CA SER D 92 24.44 30.60 -32.00
C SER D 92 24.54 29.40 -31.08
N HIS D 93 25.34 28.44 -31.51
CA HIS D 93 25.63 27.11 -31.07
C HIS D 93 24.38 26.38 -30.68
N LEU D 94 23.92 25.75 -31.77
CA LEU D 94 22.78 24.90 -31.89
C LEU D 94 23.31 23.47 -31.84
N TRP D 95 24.60 23.28 -31.46
CA TRP D 95 25.18 21.98 -31.18
C TRP D 95 24.56 21.65 -29.81
N LEU D 96 23.37 21.07 -29.85
CA LEU D 96 22.53 20.76 -28.71
C LEU D 96 23.18 19.77 -27.74
N ASP D 97 24.11 18.95 -28.26
CA ASP D 97 24.91 17.97 -27.52
C ASP D 97 25.70 18.67 -26.41
N LEU D 98 26.12 19.93 -26.65
CA LEU D 98 26.85 20.80 -25.75
C LEU D 98 26.07 20.98 -24.44
N GLN D 99 24.74 21.17 -24.56
CA GLN D 99 23.82 21.32 -23.42
C GLN D 99 23.75 20.02 -22.61
N TRP D 100 23.76 18.87 -23.30
CA TRP D 100 23.73 17.55 -22.68
C TRP D 100 25.02 17.32 -21.90
N TYR D 101 26.18 17.72 -22.49
CA TYR D 101 27.49 17.60 -21.85
C TYR D 101 27.51 18.40 -20.56
N ILE D 102 27.02 19.66 -20.60
CA ILE D 102 26.93 20.58 -19.45
C ILE D 102 26.05 19.94 -18.39
N HIS D 103 24.89 19.40 -18.81
CA HIS D 103 23.93 18.74 -17.94
C HIS D 103 24.56 17.57 -17.16
N GLN D 104 25.24 16.65 -17.87
CA GLN D 104 25.92 15.48 -17.31
C GLN D 104 26.99 15.89 -16.31
N ALA D 105 27.80 16.91 -16.66
CA ALA D 105 28.87 17.44 -15.81
C ALA D 105 28.29 18.04 -14.54
N LEU D 106 27.14 18.75 -14.67
CA LEU D 106 26.47 19.37 -13.53
C LEU D 106 25.87 18.34 -12.58
N LEU D 107 25.40 17.20 -13.11
CA LEU D 107 24.85 16.12 -12.31
C LEU D 107 25.99 15.47 -11.54
N GLN D 108 27.08 15.15 -12.25
CA GLN D 108 28.27 14.52 -11.67
C GLN D 108 29.07 15.44 -10.73
N THR D 109 28.91 16.78 -10.88
CA THR D 109 29.58 17.71 -9.97
C THR D 109 28.75 17.89 -8.68
N GLY D 110 27.50 17.37 -8.72
CA GLY D 110 26.57 17.45 -7.60
C GLY D 110 25.55 18.57 -7.68
N LYS D 111 25.84 19.67 -8.43
CA LYS D 111 24.98 20.85 -8.63
C LYS D 111 23.68 20.50 -9.38
N GLU D 112 22.77 19.83 -8.68
CA GLU D 112 21.49 19.29 -9.17
C GLU D 112 20.51 20.36 -9.58
N ASN D 113 20.39 21.41 -8.75
CA ASN D 113 19.49 22.54 -8.96
C ASN D 113 19.89 23.26 -10.25
N TYR D 114 21.21 23.45 -10.50
CA TYR D 114 21.77 24.08 -11.71
C TYR D 114 21.40 23.28 -12.96
N ALA D 115 21.62 21.95 -12.92
CA ALA D 115 21.30 20.99 -13.99
C ALA D 115 19.82 21.02 -14.40
N ALA D 116 18.93 21.28 -13.43
CA ALA D 116 17.50 21.36 -13.66
C ALA D 116 17.21 22.60 -14.51
N ILE D 117 17.86 23.73 -14.18
CA ILE D 117 17.73 25.02 -14.87
C ILE D 117 18.11 24.85 -16.35
N ILE D 118 19.25 24.17 -16.62
CA ILE D 118 19.74 23.89 -17.97
C ILE D 118 18.66 23.22 -18.83
N GLN D 119 17.95 22.22 -18.26
CA GLN D 119 16.85 21.51 -18.92
C GLN D 119 15.72 22.47 -19.24
N TYR D 120 15.33 23.32 -18.26
CA TYR D 120 14.27 24.32 -18.43
C TYR D 120 14.60 25.32 -19.52
N ASP D 121 15.89 25.75 -19.57
CA ASP D 121 16.43 26.72 -20.53
C ASP D 121 16.27 26.17 -21.95
N LEU D 122 16.68 24.89 -22.15
CA LEU D 122 16.57 24.18 -23.42
C LEU D 122 15.12 23.94 -23.79
N LYS D 123 14.28 23.55 -22.80
CA LYS D 123 12.83 23.33 -23.00
C LYS D 123 12.17 24.59 -23.59
N GLY D 124 12.53 25.75 -23.05
CA GLY D 124 12.04 27.04 -23.52
C GLY D 124 12.40 27.34 -24.97
N LEU D 125 13.67 27.08 -25.34
CA LEU D 125 14.18 27.30 -26.69
C LEU D 125 13.44 26.43 -27.70
N LEU D 126 13.28 25.15 -27.37
CA LEU D 126 12.62 24.16 -28.24
C LEU D 126 11.12 24.35 -28.29
N LEU D 127 10.56 25.08 -27.31
CA LEU D 127 9.15 25.40 -27.27
C LEU D 127 8.93 26.49 -28.31
N ARG D 128 9.86 27.46 -28.36
CA ARG D 128 9.85 28.57 -29.31
C ARG D 128 10.16 28.11 -30.75
N LEU D 129 11.23 27.31 -30.93
CA LEU D 129 11.65 26.80 -32.24
C LEU D 129 11.46 25.29 -32.21
N PRO D 130 10.30 24.79 -32.72
CA PRO D 130 9.97 23.37 -32.57
C PRO D 130 10.93 22.35 -33.20
N GLY D 131 11.05 22.38 -34.52
CA GLY D 131 11.86 21.44 -35.27
C GLY D 131 13.36 21.55 -35.07
N LEU D 132 13.83 22.53 -34.26
CA LEU D 132 15.24 22.78 -34.03
C LEU D 132 16.02 21.53 -33.60
N GLU D 133 15.47 20.76 -32.63
CA GLU D 133 16.03 19.54 -32.07
C GLU D 133 16.44 18.50 -33.14
N THR D 134 15.60 18.39 -34.19
CA THR D 134 15.71 17.40 -35.27
C THR D 134 16.48 17.85 -36.52
N LEU D 135 16.94 19.11 -36.60
CA LEU D 135 17.70 19.58 -37.76
C LEU D 135 19.17 19.08 -37.77
N ALA D 136 19.89 19.34 -38.89
CA ALA D 136 21.30 18.93 -39.09
C ALA D 136 22.15 20.01 -39.76
N PHE D 137 23.48 19.93 -39.58
CA PHE D 137 24.49 20.85 -40.13
C PHE D 137 24.81 20.57 -41.61
N ASN D 138 25.80 21.32 -42.18
CA ASN D 138 26.33 21.23 -43.55
C ASN D 138 26.64 19.80 -43.99
N ASP D 139 27.58 19.14 -43.27
CA ASP D 139 28.06 17.78 -43.51
C ASP D 139 26.99 16.69 -43.29
N GLY D 140 25.91 17.03 -42.60
CA GLY D 140 24.83 16.09 -42.31
C GLY D 140 24.74 15.67 -40.87
N PRO D 142 23.82 15.78 -37.12
CA PRO D 142 22.65 16.38 -36.46
C PRO D 142 23.01 17.29 -35.30
N PHE D 143 22.12 18.25 -34.99
CA PHE D 143 22.28 19.17 -33.87
C PHE D 143 22.21 18.38 -32.57
N ALA D 144 21.36 17.34 -32.57
CA ALA D 144 21.16 16.44 -31.45
C ALA D 144 21.25 15.01 -31.95
N ASP D 145 22.16 14.22 -31.35
CA ASP D 145 22.33 12.81 -31.71
C ASP D 145 21.41 11.91 -30.88
N ASP D 146 21.46 10.59 -31.12
CA ASP D 146 20.64 9.57 -30.45
C ASP D 146 20.56 9.75 -28.93
N VAL D 147 21.72 9.87 -28.25
CA VAL D 147 21.87 9.97 -26.80
C VAL D 147 21.23 11.27 -26.24
N THR D 148 21.38 12.39 -26.96
CA THR D 148 20.88 13.70 -26.51
C THR D 148 19.41 13.92 -26.90
N LEU D 149 19.00 13.46 -28.09
CA LEU D 149 17.62 13.62 -28.57
C LEU D 149 16.66 12.85 -27.67
N SER D 150 17.11 11.67 -27.18
CA SER D 150 16.36 10.81 -26.26
C SER D 150 16.12 11.59 -24.97
N TRP D 151 17.17 12.25 -24.45
CA TRP D 151 17.15 13.09 -23.24
C TRP D 151 16.20 14.28 -23.42
N ILE D 152 16.08 14.78 -24.65
CA ILE D 152 15.21 15.90 -24.95
C ILE D 152 13.71 15.50 -24.92
N GLN D 153 13.32 14.47 -25.69
CA GLN D 153 11.89 14.07 -25.79
C GLN D 153 11.31 13.39 -24.54
N GLN D 154 12.13 12.80 -23.68
CA GLN D 154 11.58 12.15 -22.48
C GLN D 154 11.95 12.83 -21.15
N GLN D 155 13.09 13.52 -21.08
CA GLN D 155 13.50 14.18 -19.82
C GLN D 155 13.25 15.73 -19.79
N VAL D 156 13.54 16.47 -20.89
CA VAL D 156 13.34 17.94 -20.93
C VAL D 156 11.92 18.30 -21.45
N SER E 1 34.34 49.94 -13.73
CA SER E 1 34.14 49.41 -15.07
C SER E 1 34.82 48.02 -15.30
N ALA E 2 35.34 47.41 -14.20
CA ALA E 2 36.00 46.10 -14.20
C ALA E 2 36.20 45.62 -12.75
N ILE E 3 36.29 44.28 -12.53
CA ILE E 3 36.43 43.47 -11.27
C ILE E 3 35.50 43.97 -10.13
N THR E 4 35.74 45.16 -9.56
CA THR E 4 34.89 45.78 -8.54
C THR E 4 33.81 46.57 -9.35
N SER E 5 33.06 47.49 -8.71
CA SER E 5 31.99 48.27 -9.36
C SER E 5 31.00 47.37 -10.12
N GLY E 6 30.42 46.43 -9.38
CA GLY E 6 29.41 45.50 -9.90
C GLY E 6 28.17 46.28 -10.29
N GLN E 7 28.03 47.47 -9.69
CA GLN E 7 26.99 48.48 -9.92
C GLN E 7 27.16 49.02 -11.36
N GLU E 8 28.43 49.08 -11.82
CA GLU E 8 28.82 49.53 -13.17
C GLU E 8 28.60 48.40 -14.18
N LEU E 9 28.78 47.14 -13.76
CA LEU E 9 28.52 45.98 -14.62
C LEU E 9 27.04 46.00 -14.97
N LEU E 10 26.19 46.27 -13.95
CA LEU E 10 24.73 46.36 -14.09
C LEU E 10 24.34 47.42 -15.14
N SER E 11 25.00 48.60 -15.11
CA SER E 11 24.74 49.69 -16.05
C SER E 11 25.25 49.35 -17.46
N GLN E 12 26.36 48.57 -17.54
CA GLN E 12 26.93 48.12 -18.81
C GLN E 12 26.05 47.04 -19.42
N ALA E 13 25.40 46.24 -18.56
CA ALA E 13 24.46 45.20 -18.97
C ALA E 13 23.17 45.88 -19.43
N ARG E 14 22.77 46.97 -18.75
CA ARG E 14 21.57 47.76 -19.05
C ARG E 14 21.63 48.34 -20.46
N VAL E 15 22.82 48.85 -20.87
CA VAL E 15 23.02 49.43 -22.20
C VAL E 15 23.02 48.36 -23.27
N LEU E 16 23.50 47.16 -22.91
CA LEU E 16 23.55 46.00 -23.76
C LEU E 16 22.12 45.49 -24.00
N ALA E 17 21.29 45.50 -22.95
CA ALA E 17 19.89 45.08 -22.99
C ALA E 17 19.06 46.09 -23.76
N LYS E 18 19.39 47.40 -23.65
CA LYS E 18 18.71 48.51 -24.35
C LYS E 18 18.77 48.31 -25.85
N TYR E 19 19.94 47.86 -26.34
CA TYR E 19 20.23 47.53 -27.73
C TYR E 19 19.22 46.47 -28.19
N LEU E 20 19.26 45.29 -27.52
CA LEU E 20 18.44 44.12 -27.81
C LEU E 20 16.95 44.42 -27.89
N ARG E 21 16.43 45.25 -26.94
CA ARG E 21 15.01 45.62 -26.88
C ARG E 21 14.56 46.37 -28.14
N ASP E 22 15.43 47.27 -28.65
CA ASP E 22 15.20 48.08 -29.85
C ASP E 22 15.17 47.26 -31.15
N GLN E 23 15.85 46.08 -31.15
CA GLN E 23 15.89 45.18 -32.30
C GLN E 23 14.52 44.46 -32.47
N PRO E 24 14.12 44.06 -33.71
CA PRO E 24 12.81 43.42 -33.90
C PRO E 24 12.58 42.18 -33.02
N GLU E 25 11.44 42.14 -32.31
CA GLU E 25 10.97 41.10 -31.39
C GLU E 25 12.07 40.63 -30.36
N GLY E 26 13.05 41.49 -30.08
CA GLY E 26 14.12 41.22 -29.14
C GLY E 26 13.83 41.56 -27.68
N TRP E 27 12.59 41.39 -27.20
CA TRP E 27 12.22 41.67 -25.81
C TRP E 27 12.79 40.59 -24.90
N LEU E 28 12.51 39.34 -25.28
CA LEU E 28 12.89 38.16 -24.50
C LEU E 28 14.37 38.21 -24.19
N ALA E 29 15.21 38.38 -25.23
CA ALA E 29 16.65 38.46 -25.09
C ALA E 29 17.06 39.61 -24.13
N ALA E 30 16.37 40.76 -24.22
CA ALA E 30 16.61 41.94 -23.39
C ALA E 30 16.15 41.66 -21.97
N HIS E 31 14.95 41.08 -21.83
CA HIS E 31 14.36 40.76 -20.53
C HIS E 31 15.17 39.73 -19.74
N ARG E 32 15.50 38.60 -20.39
CA ARG E 32 16.21 37.48 -19.79
C ARG E 32 17.67 37.78 -19.47
N LEU E 33 18.28 38.76 -20.16
CA LEU E 33 19.68 39.16 -19.91
C LEU E 33 19.75 39.83 -18.54
N LYS E 35 17.44 39.26 -16.04
CA LYS E 35 17.13 38.19 -15.09
C LYS E 35 18.42 37.44 -14.72
N SER E 36 19.25 37.07 -15.71
CA SER E 36 20.51 36.37 -15.46
C SER E 36 21.53 37.24 -14.73
N VAL E 37 21.61 38.54 -15.07
CA VAL E 37 22.57 39.45 -14.43
C VAL E 37 22.13 39.87 -13.01
N ARG E 38 20.84 39.73 -12.67
CA ARG E 38 20.31 40.13 -11.35
C ARG E 38 19.97 38.98 -10.42
N HIS E 39 19.40 37.89 -10.97
CA HIS E 39 18.96 36.72 -10.20
C HIS E 39 20.04 35.66 -10.11
N ASP E 40 20.73 35.36 -11.22
CA ASP E 40 21.76 34.31 -11.24
C ASP E 40 23.05 34.71 -10.55
N THR E 41 23.12 35.98 -10.09
CA THR E 41 24.25 36.53 -9.35
C THR E 41 24.00 36.42 -7.85
N LEU E 42 22.76 36.05 -7.47
CA LEU E 42 22.38 35.89 -6.07
C LEU E 42 22.27 34.43 -5.65
N HIS E 43 23.21 34.00 -4.81
CA HIS E 43 23.29 32.64 -4.31
C HIS E 43 23.03 32.57 -2.80
N GLN E 44 22.81 33.74 -2.17
CA GLN E 44 22.56 33.85 -0.73
C GLN E 44 21.10 34.04 -0.42
N LEU E 45 20.56 33.13 0.42
CA LEU E 45 19.16 32.94 0.85
C LEU E 45 18.36 34.22 1.10
N PRO E 46 19.04 35.31 1.54
CA PRO E 46 18.31 36.38 2.27
C PRO E 46 18.55 37.77 1.67
N PRO E 47 19.66 37.94 0.92
CA PRO E 47 20.80 38.72 1.44
C PRO E 47 21.00 38.62 2.97
N LEU E 48 20.26 39.42 3.77
CA LEU E 48 20.33 39.39 5.22
C LEU E 48 18.93 39.59 5.78
N SER E 49 18.59 38.83 6.82
CA SER E 49 17.30 38.93 7.48
C SER E 49 17.50 39.39 8.94
N ALA E 50 16.87 40.54 9.35
CA ALA E 50 16.89 41.11 10.70
C ALA E 50 15.78 40.41 11.54
N ASP E 51 15.00 41.16 12.36
CA ASP E 51 13.90 40.54 13.11
C ASP E 51 12.62 40.46 12.28
N GLY E 52 12.63 39.48 11.39
CA GLY E 52 11.60 39.19 10.42
C GLY E 52 11.94 39.76 9.05
N ARG E 53 11.90 41.10 8.97
CA ARG E 53 12.14 41.88 7.76
C ARG E 53 13.56 41.79 7.24
N THR E 54 13.72 41.87 5.91
CA THR E 54 15.03 41.91 5.25
C THR E 54 15.43 43.38 5.27
N ARG E 55 16.74 43.66 5.18
CA ARG E 55 17.25 45.03 5.16
C ARG E 55 16.95 45.74 3.81
N ILE E 56 16.30 45.02 2.87
CA ILE E 56 15.92 45.46 1.51
C ILE E 56 14.68 46.36 1.54
N ALA E 57 14.80 47.56 0.97
CA ALA E 57 13.75 48.58 0.92
C ALA E 57 12.61 48.23 -0.07
N PRO E 58 11.32 48.51 0.26
CA PRO E 58 10.20 48.19 -0.67
C PRO E 58 10.26 48.92 -2.01
N PRO E 59 9.51 48.50 -3.06
CA PRO E 59 9.62 49.16 -4.38
C PRO E 59 9.24 50.64 -4.45
N GLY E 60 8.29 51.04 -3.60
CA GLY E 60 7.78 52.40 -3.55
C GLY E 60 6.32 52.46 -3.93
N PRO E 61 5.47 53.13 -3.12
CA PRO E 61 4.02 53.16 -3.40
C PRO E 61 3.61 53.82 -4.70
N ASP E 62 4.40 54.80 -5.16
CA ASP E 62 4.16 55.53 -6.40
C ASP E 62 4.16 54.57 -7.60
N ARG E 63 5.30 53.86 -7.82
CA ARG E 63 5.48 52.95 -8.94
C ARG E 63 4.68 51.68 -8.85
N ARG E 64 4.34 51.23 -7.64
CA ARG E 64 3.55 50.01 -7.52
C ARG E 64 2.06 50.27 -7.75
N ALA E 65 1.57 51.49 -7.48
CA ALA E 65 0.18 51.89 -7.72
C ALA E 65 0.02 52.13 -9.22
N SER E 66 1.12 52.60 -9.86
CA SER E 66 1.21 52.86 -11.29
C SER E 66 0.92 51.58 -12.07
N LEU E 67 1.52 50.46 -11.64
CA LEU E 67 1.39 49.15 -12.27
C LEU E 67 -0.02 48.59 -12.15
N LYS E 68 -0.68 48.77 -10.98
CA LYS E 68 -2.05 48.33 -10.75
C LYS E 68 -2.99 49.05 -11.73
N ARG E 69 -2.71 50.35 -11.98
CA ARG E 69 -3.46 51.21 -12.93
C ARG E 69 -3.37 50.64 -14.36
N LEU E 70 -2.14 50.27 -14.81
CA LEU E 70 -1.91 49.70 -16.15
C LEU E 70 -2.56 48.33 -16.33
N TYR E 71 -2.63 47.53 -15.25
CA TYR E 71 -3.24 46.20 -15.24
C TYR E 71 -4.77 46.34 -15.38
N LEU E 72 -5.36 47.27 -14.60
CA LEU E 72 -6.78 47.61 -14.61
C LEU E 72 -7.15 48.17 -15.99
N GLN E 73 -6.29 49.06 -16.56
CA GLN E 73 -6.45 49.68 -17.88
C GLN E 73 -6.18 48.68 -19.01
N GLN E 74 -5.80 47.43 -18.66
CA GLN E 74 -5.45 46.30 -19.54
C GLN E 74 -4.42 46.70 -20.65
N ASN E 75 -3.59 47.73 -20.38
CA ASN E 75 -2.53 48.19 -21.30
C ASN E 75 -1.30 47.30 -21.05
N TRP E 76 -1.32 46.10 -21.63
CA TRP E 76 -0.29 45.06 -21.46
C TRP E 76 1.09 45.48 -21.96
N LEU E 77 1.14 46.08 -23.15
CA LEU E 77 2.39 46.52 -23.78
C LEU E 77 3.17 47.52 -22.94
N SER E 78 2.49 48.47 -22.30
CA SER E 78 3.14 49.47 -21.45
C SER E 78 3.53 48.88 -20.09
N LEU E 79 2.67 47.99 -19.53
CA LEU E 79 2.91 47.32 -18.25
C LEU E 79 4.18 46.48 -18.35
N LEU E 80 4.33 45.76 -19.47
CA LEU E 80 5.48 44.91 -19.79
C LEU E 80 6.77 45.75 -19.86
N GLU E 81 6.69 46.92 -20.51
CA GLU E 81 7.78 47.85 -20.69
C GLU E 81 8.15 48.56 -19.37
N GLN E 82 7.14 48.80 -18.49
CA GLN E 82 7.35 49.48 -17.21
C GLN E 82 7.93 48.57 -16.13
N CYS E 83 7.63 47.26 -16.22
CA CYS E 83 8.14 46.25 -15.31
C CYS E 83 9.64 46.05 -15.44
N ASP E 84 10.16 46.08 -16.69
CA ASP E 84 11.58 45.88 -17.03
C ASP E 84 12.46 47.00 -16.50
N ASP E 85 11.97 48.24 -16.63
CA ASP E 85 12.62 49.46 -16.16
C ASP E 85 12.73 49.40 -14.64
N PHE E 87 12.66 46.40 -12.83
CA PHE E 87 13.54 45.29 -12.54
C PHE E 87 15.03 45.71 -12.53
N ALA E 88 15.42 46.61 -13.47
CA ALA E 88 16.79 47.10 -13.58
C ALA E 88 17.16 48.14 -12.50
N ARG E 89 16.16 48.92 -12.01
CA ARG E 89 16.38 49.93 -10.99
C ARG E 89 15.76 49.50 -9.68
N GLY E 90 16.60 49.01 -8.78
CA GLY E 90 16.16 48.57 -7.47
C GLY E 90 17.15 47.63 -6.84
N ALA E 91 16.67 46.70 -5.99
CA ALA E 91 17.57 45.75 -5.32
C ALA E 91 17.40 44.30 -5.82
N SER E 92 18.11 43.91 -6.95
CA SER E 92 18.07 42.61 -7.67
C SER E 92 16.68 42.30 -8.19
N HIS E 93 15.73 43.12 -7.74
CA HIS E 93 14.30 43.13 -7.79
C HIS E 93 13.70 41.76 -7.61
N LEU E 94 13.48 41.59 -6.30
CA LEU E 94 12.91 40.48 -5.62
C LEU E 94 11.45 40.81 -5.38
N TRP E 95 10.93 41.89 -6.00
CA TRP E 95 9.51 42.22 -6.00
C TRP E 95 8.97 41.19 -7.01
N LEU E 96 8.67 40.00 -6.51
CA LEU E 96 8.25 38.83 -7.28
C LEU E 96 6.96 39.05 -8.03
N ASP E 97 6.12 39.98 -7.54
CA ASP E 97 4.85 40.40 -8.16
C ASP E 97 5.08 40.89 -9.60
N LEU E 98 6.25 41.51 -9.83
CA LEU E 98 6.73 42.03 -11.11
C LEU E 98 6.72 40.92 -12.17
N GLN E 99 7.17 39.71 -11.79
CA GLN E 99 7.21 38.52 -12.64
C GLN E 99 5.78 38.07 -12.99
N TRP E 100 4.85 38.17 -12.01
CA TRP E 100 3.46 37.80 -12.21
C TRP E 100 2.81 38.78 -13.19
N TYR E 101 3.12 40.09 -13.05
CA TYR E 101 2.62 41.14 -13.93
C TYR E 101 3.04 40.86 -15.38
N ILE E 102 4.35 40.55 -15.59
CA ILE E 102 4.96 40.21 -16.89
C ILE E 102 4.24 38.98 -17.45
N HIS E 103 4.04 37.96 -16.60
CA HIS E 103 3.37 36.71 -16.97
C HIS E 103 1.95 36.96 -17.50
N GLN E 104 1.12 37.73 -16.73
CA GLN E 104 -0.26 38.08 -17.10
C GLN E 104 -0.32 38.84 -18.41
N ALA E 105 0.60 39.82 -18.59
CA ALA E 105 0.70 40.63 -19.81
C ALA E 105 1.07 39.76 -20.99
N LEU E 106 1.98 38.80 -20.80
CA LEU E 106 2.40 37.87 -21.85
C LEU E 106 1.31 36.92 -22.27
N LEU E 107 0.45 36.52 -21.33
CA LEU E 107 -0.68 35.64 -21.63
C LEU E 107 -1.71 36.42 -22.45
N GLN E 108 -2.04 37.64 -21.99
CA GLN E 108 -3.01 38.51 -22.64
C GLN E 108 -2.51 39.09 -23.98
N THR E 109 -1.18 39.15 -24.19
CA THR E 109 -0.63 39.61 -25.46
C THR E 109 -0.62 38.43 -26.47
N GLY E 110 -0.88 37.22 -25.98
CA GLY E 110 -0.93 36.01 -26.80
C GLY E 110 0.33 35.18 -26.79
N LYS E 111 1.51 35.79 -26.45
CA LYS E 111 2.83 35.14 -26.39
C LYS E 111 2.91 34.09 -25.25
N GLU E 112 2.23 32.95 -25.46
CA GLU E 112 2.09 31.84 -24.50
C GLU E 112 3.38 31.12 -24.23
N ASN E 113 4.19 30.88 -25.28
CA ASN E 113 5.48 30.19 -25.18
C ASN E 113 6.44 31.03 -24.30
N TYR E 114 6.44 32.38 -24.47
CA TYR E 114 7.24 33.33 -23.70
C TYR E 114 6.86 33.26 -22.23
N ALA E 115 5.55 33.33 -21.93
CA ALA E 115 4.97 33.26 -20.58
C ALA E 115 5.37 31.97 -19.83
N ALA E 116 5.53 30.85 -20.57
CA ALA E 116 5.94 29.57 -20.00
C ALA E 116 7.38 29.68 -19.51
N ILE E 117 8.27 30.32 -20.33
CA ILE E 117 9.69 30.55 -20.04
C ILE E 117 9.83 31.33 -18.74
N ILE E 118 9.02 32.40 -18.58
CA ILE E 118 9.02 33.25 -17.39
C ILE E 118 8.81 32.41 -16.12
N GLN E 119 7.85 31.46 -16.17
CA GLN E 119 7.54 30.55 -15.08
C GLN E 119 8.74 29.68 -14.75
N TYR E 120 9.38 29.09 -15.79
CA TYR E 120 10.57 28.25 -15.65
C TYR E 120 11.74 29.02 -15.05
N ASP E 121 11.92 30.29 -15.49
CA ASP E 121 12.99 31.19 -15.02
C ASP E 121 12.85 31.43 -13.51
N LEU E 122 11.62 31.73 -13.05
CA LEU E 122 11.28 31.96 -11.65
C LEU E 122 11.42 30.67 -10.85
N LYS E 123 10.97 29.51 -11.42
CA LYS E 123 11.05 28.18 -10.80
C LYS E 123 12.50 27.89 -10.44
N GLY E 124 13.40 28.16 -11.37
CA GLY E 124 14.84 27.97 -11.20
C GLY E 124 15.42 28.78 -10.07
N LEU E 125 15.03 30.06 -9.98
CA LEU E 125 15.50 30.98 -8.94
C LEU E 125 15.06 30.48 -7.54
N LEU E 126 13.78 30.10 -7.42
CA LEU E 126 13.19 29.63 -6.18
C LEU E 126 13.66 28.24 -5.80
N LEU E 127 14.18 27.49 -6.77
CA LEU E 127 14.73 26.17 -6.55
C LEU E 127 16.08 26.37 -5.87
N ARG E 128 16.85 27.39 -6.33
CA ARG E 128 18.16 27.78 -5.79
C ARG E 128 18.04 28.42 -4.40
N LEU E 129 17.14 29.42 -4.26
CA LEU E 129 16.91 30.15 -3.01
C LEU E 129 15.49 29.81 -2.56
N PRO E 130 15.34 28.81 -1.66
CA PRO E 130 13.99 28.32 -1.32
C PRO E 130 13.03 29.30 -0.65
N GLY E 131 13.41 29.81 0.52
CA GLY E 131 12.55 30.71 1.28
C GLY E 131 12.30 32.08 0.68
N LEU E 132 12.98 32.39 -0.46
CA LEU E 132 12.89 33.69 -1.12
C LEU E 132 11.42 34.18 -1.34
N GLU E 133 10.54 33.28 -1.87
CA GLU E 133 9.11 33.49 -2.17
C GLU E 133 8.34 34.13 -0.99
N THR E 134 8.65 33.67 0.23
CA THR E 134 7.97 33.99 1.47
C THR E 134 8.58 35.14 2.28
N LEU E 135 9.74 35.67 1.87
CA LEU E 135 10.36 36.79 2.61
C LEU E 135 9.60 38.13 2.42
N ALA E 136 10.00 39.15 3.20
CA ALA E 136 9.38 40.49 3.16
C ALA E 136 10.40 41.61 3.26
N PHE E 137 10.02 42.80 2.78
CA PHE E 137 10.82 44.02 2.76
C PHE E 137 10.88 44.71 4.15
N ASN E 138 11.51 45.90 4.21
CA ASN E 138 11.69 46.79 5.38
C ASN E 138 10.39 47.02 6.12
N ASP E 139 9.39 47.61 5.44
CA ASP E 139 8.07 47.97 5.97
C ASP E 139 7.21 46.75 6.37
N GLY E 140 7.57 45.56 5.89
CA GLY E 140 6.83 44.33 6.17
C GLY E 140 6.06 43.80 4.98
N PRO E 142 5.39 41.89 1.67
CA PRO E 142 6.02 40.68 1.16
C PRO E 142 6.52 40.82 -0.27
N PHE E 143 7.53 40.01 -0.62
CA PHE E 143 8.08 39.94 -1.98
C PHE E 143 7.02 39.39 -2.93
N ALA E 144 6.20 38.46 -2.42
CA ALA E 144 5.09 37.84 -3.14
C ALA E 144 3.83 37.92 -2.29
N ASP E 145 2.77 38.52 -2.84
CA ASP E 145 1.50 38.62 -2.14
C ASP E 145 0.60 37.40 -2.42
N ASP E 146 -0.60 37.35 -1.82
CA ASP E 146 -1.57 36.27 -1.93
C ASP E 146 -1.78 35.79 -3.38
N VAL E 147 -2.06 36.72 -4.30
CA VAL E 147 -2.35 36.43 -5.71
C VAL E 147 -1.15 35.80 -6.47
N THR E 148 0.08 36.26 -6.17
CA THR E 148 1.31 35.81 -6.84
C THR E 148 1.86 34.55 -6.19
N LEU E 149 1.81 34.46 -4.86
CA LEU E 149 2.32 33.31 -4.11
C LEU E 149 1.53 32.05 -4.46
N SER E 150 0.19 32.22 -4.68
CA SER E 150 -0.71 31.14 -5.08
C SER E 150 -0.25 30.59 -6.45
N TRP E 151 0.04 31.51 -7.40
CA TRP E 151 0.54 31.22 -8.74
C TRP E 151 1.90 30.49 -8.68
N ILE E 152 2.72 30.80 -7.65
CA ILE E 152 4.02 30.19 -7.47
C ILE E 152 3.91 28.74 -7.00
N GLN E 153 3.19 28.48 -5.90
CA GLN E 153 3.11 27.13 -5.32
C GLN E 153 2.29 26.13 -6.14
N GLN E 154 1.36 26.57 -6.97
CA GLN E 154 0.58 25.60 -7.74
C GLN E 154 0.83 25.63 -9.25
N GLN E 155 1.23 26.77 -9.81
CA GLN E 155 1.48 26.86 -11.26
C GLN E 155 2.99 26.78 -11.66
N VAL E 156 3.91 27.47 -10.94
CA VAL E 156 5.36 27.45 -11.25
C VAL E 156 6.10 26.32 -10.49
N SER F 1 31.10 -9.07 -13.63
CA SER F 1 30.80 -9.07 -12.20
C SER F 1 29.30 -8.74 -11.88
N ALA F 2 28.47 -8.63 -12.94
CA ALA F 2 27.03 -8.35 -12.85
C ALA F 2 26.34 -8.63 -14.20
N ILE F 3 25.02 -8.94 -14.17
CA ILE F 3 24.06 -9.32 -15.25
C ILE F 3 24.64 -10.39 -16.24
N THR F 4 25.64 -10.04 -17.06
CA THR F 4 26.35 -10.96 -17.95
C THR F 4 27.49 -11.54 -17.09
N SER F 5 28.50 -12.21 -17.70
CA SER F 5 29.62 -12.84 -16.99
C SER F 5 29.15 -13.76 -15.86
N GLY F 6 28.31 -14.74 -16.22
CA GLY F 6 27.78 -15.77 -15.33
C GLY F 6 28.92 -16.67 -14.87
N GLN F 7 30.05 -16.60 -15.60
CA GLN F 7 31.31 -17.28 -15.38
C GLN F 7 31.99 -16.60 -14.17
N GLU F 8 31.79 -15.27 -14.03
CA GLU F 8 32.29 -14.47 -12.91
C GLU F 8 31.41 -14.68 -11.67
N LEU F 9 30.10 -14.97 -11.88
CA LEU F 9 29.14 -15.30 -10.82
C LEU F 9 29.60 -16.61 -10.14
N LEU F 10 30.07 -17.56 -10.96
CA LEU F 10 30.59 -18.86 -10.55
C LEU F 10 31.84 -18.68 -9.67
N SER F 11 32.77 -17.79 -10.07
CA SER F 11 33.98 -17.52 -9.31
C SER F 11 33.69 -16.76 -8.00
N GLN F 12 32.66 -15.91 -8.01
CA GLN F 12 32.21 -15.14 -6.83
C GLN F 12 31.51 -16.09 -5.87
N ALA F 13 30.82 -17.11 -6.42
CA ALA F 13 30.15 -18.15 -5.63
C ALA F 13 31.21 -19.07 -5.05
N ARG F 14 32.29 -19.35 -5.82
CA ARG F 14 33.40 -20.21 -5.42
C ARG F 14 34.09 -19.66 -4.18
N VAL F 15 34.31 -18.32 -4.14
CA VAL F 15 34.96 -17.64 -3.01
C VAL F 15 34.05 -17.63 -1.79
N LEU F 16 32.74 -17.56 -2.02
CA LEU F 16 31.71 -17.60 -0.99
C LEU F 16 31.63 -19.00 -0.39
N ALA F 17 31.75 -20.04 -1.24
CA ALA F 17 31.74 -21.44 -0.82
C ALA F 17 33.03 -21.79 -0.09
N LYS F 18 34.18 -21.18 -0.50
CA LYS F 18 35.50 -21.37 0.11
C LYS F 18 35.45 -20.97 1.58
N TYR F 19 34.75 -19.85 1.88
CA TYR F 19 34.55 -19.32 3.22
C TYR F 19 33.85 -20.37 4.06
N LEU F 20 32.66 -20.80 3.62
CA LEU F 20 31.81 -21.78 4.30
C LEU F 20 32.53 -23.10 4.64
N ARG F 21 33.34 -23.63 3.71
CA ARG F 21 34.10 -24.88 3.87
C ARG F 21 35.09 -24.79 5.03
N ASP F 22 35.74 -23.62 5.17
CA ASP F 22 36.74 -23.32 6.21
C ASP F 22 36.12 -23.21 7.62
N GLN F 23 34.81 -22.88 7.70
CA GLN F 23 34.07 -22.78 8.96
C GLN F 23 33.82 -24.17 9.54
N PRO F 24 33.65 -24.30 10.89
CA PRO F 24 33.40 -25.63 11.49
C PRO F 24 32.17 -26.36 10.94
N GLU F 25 32.35 -27.63 10.52
CA GLU F 25 31.37 -28.56 9.93
C GLU F 25 30.50 -27.89 8.78
N GLY F 26 31.07 -26.88 8.13
CA GLY F 26 30.41 -26.17 7.05
C GLY F 26 30.66 -26.73 5.66
N TRP F 27 30.75 -28.06 5.51
CA TRP F 27 30.93 -28.70 4.20
C TRP F 27 29.62 -28.63 3.41
N LEU F 28 28.54 -29.09 4.08
CA LEU F 28 27.21 -29.18 3.48
C LEU F 28 26.82 -27.84 2.87
N ALA F 29 26.97 -26.77 3.64
CA ALA F 29 26.66 -25.41 3.18
C ALA F 29 27.48 -25.04 1.96
N ALA F 30 28.77 -25.42 1.95
CA ALA F 30 29.71 -25.16 0.87
C ALA F 30 29.37 -26.02 -0.34
N HIS F 31 29.09 -27.31 -0.10
CA HIS F 31 28.77 -28.27 -1.15
C HIS F 31 27.46 -27.94 -1.86
N ARG F 32 26.38 -27.72 -1.09
CA ARG F 32 25.03 -27.46 -1.60
C ARG F 32 24.89 -26.09 -2.27
N LEU F 33 25.76 -25.12 -1.94
CA LEU F 33 25.76 -23.78 -2.56
C LEU F 33 26.20 -23.92 -4.01
N LYS F 35 25.93 -26.85 -5.78
CA LYS F 35 24.86 -27.63 -6.42
C LYS F 35 23.76 -26.68 -6.91
N SER F 36 23.32 -25.73 -6.07
CA SER F 36 22.30 -24.76 -6.46
C SER F 36 22.76 -23.79 -7.56
N VAL F 37 24.01 -23.33 -7.50
CA VAL F 37 24.55 -22.40 -8.48
C VAL F 37 24.89 -23.09 -9.82
N ARG F 38 25.06 -24.43 -9.84
CA ARG F 38 25.43 -25.18 -11.05
C ARG F 38 24.31 -26.02 -11.63
N HIS F 39 23.49 -26.66 -10.79
CA HIS F 39 22.39 -27.52 -11.21
C HIS F 39 21.09 -26.78 -11.33
N ASP F 40 20.75 -25.91 -10.36
CA ASP F 40 19.47 -25.17 -10.38
C ASP F 40 19.44 -24.04 -11.41
N THR F 41 20.56 -23.81 -12.10
CA THR F 41 20.69 -22.83 -13.17
C THR F 41 20.47 -23.49 -14.52
N LEU F 42 20.41 -24.85 -14.55
CA LEU F 42 20.20 -25.59 -15.78
C LEU F 42 18.77 -26.14 -15.88
N HIS F 43 18.01 -25.58 -16.85
CA HIS F 43 16.61 -25.93 -17.08
C HIS F 43 16.41 -26.58 -18.46
N GLN F 44 17.50 -26.71 -19.23
CA GLN F 44 17.50 -27.29 -20.57
C GLN F 44 18.05 -28.70 -20.57
N LEU F 45 17.22 -29.63 -21.07
CA LEU F 45 17.40 -31.09 -21.14
C LEU F 45 18.80 -31.60 -21.47
N PRO F 46 19.62 -30.85 -22.24
CA PRO F 46 20.73 -31.48 -22.98
C PRO F 46 22.06 -30.79 -22.71
N PRO F 47 22.04 -29.55 -22.25
CA PRO F 47 22.42 -28.42 -23.12
C PRO F 47 22.10 -28.63 -24.62
N LEU F 48 22.99 -29.32 -25.38
CA LEU F 48 22.76 -29.62 -26.79
C LEU F 48 23.23 -31.03 -27.08
N SER F 49 22.43 -31.80 -27.82
CA SER F 49 22.78 -33.17 -28.18
C SER F 49 22.96 -33.29 -29.70
N ALA F 50 24.18 -33.70 -30.16
CA ALA F 50 24.53 -33.91 -31.57
C ALA F 50 24.08 -35.34 -31.97
N ASP F 51 24.91 -36.10 -32.72
CA ASP F 51 24.55 -37.47 -33.09
C ASP F 51 24.96 -38.46 -31.99
N GLY F 52 24.14 -38.46 -30.95
CA GLY F 52 24.30 -39.25 -29.74
C GLY F 52 24.91 -38.42 -28.62
N ARG F 53 26.21 -38.08 -28.80
CA ARG F 53 27.04 -37.32 -27.86
C ARG F 53 26.61 -35.89 -27.68
N THR F 54 26.80 -35.37 -26.46
CA THR F 54 26.55 -33.97 -26.14
C THR F 54 27.84 -33.25 -26.50
N ARG F 55 27.76 -31.93 -26.78
CA ARG F 55 28.94 -31.15 -27.11
C ARG F 55 29.83 -30.89 -25.87
N ILE F 56 29.42 -31.40 -24.69
CA ILE F 56 30.07 -31.28 -23.38
C ILE F 56 31.26 -32.24 -23.27
N ALA F 57 32.44 -31.70 -22.96
CA ALA F 57 33.70 -32.44 -22.83
C ALA F 57 33.77 -33.32 -21.57
N PRO F 58 34.35 -34.56 -21.65
CA PRO F 58 34.43 -35.42 -20.44
C PRO F 58 35.27 -34.84 -19.29
N PRO F 59 35.19 -35.38 -18.07
CA PRO F 59 35.93 -34.79 -16.93
C PRO F 59 37.45 -34.79 -17.02
N GLY F 60 38.02 -35.77 -17.71
CA GLY F 60 39.46 -35.87 -17.87
C GLY F 60 39.97 -37.12 -17.20
N PRO F 61 40.70 -38.00 -17.95
CA PRO F 61 41.17 -39.28 -17.37
C PRO F 61 42.09 -39.13 -16.16
N ASP F 62 42.88 -38.04 -16.14
CA ASP F 62 43.81 -37.69 -15.07
C ASP F 62 43.11 -37.61 -13.71
N ARG F 63 42.09 -36.75 -13.62
CA ARG F 63 41.34 -36.53 -12.40
C ARG F 63 40.33 -37.64 -12.06
N ARG F 64 39.76 -38.34 -13.07
CA ARG F 64 38.80 -39.41 -12.78
C ARG F 64 39.47 -40.71 -12.29
N ALA F 65 40.74 -40.92 -12.67
CA ALA F 65 41.55 -42.06 -12.21
C ALA F 65 42.01 -41.77 -10.79
N SER F 66 42.26 -40.47 -10.46
CA SER F 66 42.66 -39.97 -9.14
C SER F 66 41.58 -40.25 -8.06
N LEU F 67 40.28 -40.24 -8.48
CA LEU F 67 39.14 -40.51 -7.60
C LEU F 67 38.99 -42.00 -7.34
N LYS F 68 39.22 -42.85 -8.36
CA LYS F 68 39.17 -44.32 -8.21
C LYS F 68 40.24 -44.76 -7.20
N ARG F 69 41.45 -44.13 -7.25
CA ARG F 69 42.58 -44.37 -6.35
C ARG F 69 42.17 -44.07 -4.90
N LEU F 70 41.54 -42.90 -4.64
CA LEU F 70 41.07 -42.48 -3.33
C LEU F 70 39.95 -43.37 -2.76
N TYR F 71 39.08 -43.91 -3.63
CA TYR F 71 37.98 -44.81 -3.26
C TYR F 71 38.55 -46.17 -2.84
N LEU F 72 39.52 -46.69 -3.62
CA LEU F 72 40.25 -47.93 -3.37
C LEU F 72 41.05 -47.81 -2.07
N GLN F 73 41.72 -46.64 -1.87
CA GLN F 73 42.50 -46.29 -0.67
C GLN F 73 41.61 -45.98 0.54
N GLN F 74 40.27 -46.01 0.34
CA GLN F 74 39.21 -45.72 1.31
C GLN F 74 39.44 -44.38 2.09
N ASN F 75 40.17 -43.43 1.47
CA ASN F 75 40.43 -42.09 2.03
C ASN F 75 39.22 -41.21 1.68
N TRP F 76 38.13 -41.37 2.46
CA TRP F 76 36.84 -40.69 2.26
C TRP F 76 36.92 -39.17 2.37
N LEU F 77 37.62 -38.67 3.39
CA LEU F 77 37.79 -37.23 3.65
C LEU F 77 38.41 -36.45 2.49
N SER F 78 39.43 -37.04 1.84
CA SER F 78 40.12 -36.44 0.70
C SER F 78 39.29 -36.57 -0.58
N LEU F 79 38.62 -37.73 -0.78
CA LEU F 79 37.76 -37.99 -1.94
C LEU F 79 36.63 -36.97 -1.98
N LEU F 80 36.03 -36.71 -0.81
CA LEU F 80 34.94 -35.76 -0.63
C LEU F 80 35.39 -34.35 -0.98
N GLU F 81 36.61 -33.96 -0.52
CA GLU F 81 37.21 -32.66 -0.77
C GLU F 81 37.63 -32.49 -2.25
N GLN F 82 38.07 -33.59 -2.92
CA GLN F 82 38.49 -33.57 -4.32
C GLN F 82 37.32 -33.55 -5.31
N CYS F 83 36.17 -34.12 -4.91
CA CYS F 83 34.95 -34.13 -5.72
C CYS F 83 34.39 -32.71 -5.88
N ASP F 84 34.55 -31.87 -4.84
CA ASP F 84 34.09 -30.48 -4.83
C ASP F 84 34.86 -29.62 -5.81
N ASP F 85 36.19 -29.82 -5.91
CA ASP F 85 37.08 -29.11 -6.83
C ASP F 85 36.70 -29.41 -8.24
N PHE F 87 33.65 -30.51 -9.23
CA PHE F 87 32.31 -29.98 -9.45
C PHE F 87 32.33 -28.50 -9.86
N ALA F 88 33.22 -27.70 -9.24
CA ALA F 88 33.37 -26.26 -9.52
C ALA F 88 34.12 -25.98 -10.84
N ARG F 89 35.05 -26.85 -11.24
CA ARG F 89 35.83 -26.71 -12.47
C ARG F 89 35.41 -27.75 -13.53
N GLY F 90 34.72 -27.28 -14.57
CA GLY F 90 34.25 -28.13 -15.66
C GLY F 90 32.98 -27.59 -16.28
N ALA F 91 32.02 -28.46 -16.65
CA ALA F 91 30.78 -27.97 -17.27
C ALA F 91 29.47 -28.33 -16.50
N SER F 92 29.07 -27.46 -15.51
CA SER F 92 27.93 -27.60 -14.56
C SER F 92 28.06 -28.85 -13.71
N HIS F 93 29.00 -29.69 -14.11
CA HIS F 93 29.39 -31.01 -13.73
C HIS F 93 28.21 -31.91 -13.51
N LEU F 94 27.92 -32.51 -14.67
CA LEU F 94 26.90 -33.47 -14.96
C LEU F 94 27.57 -34.85 -14.93
N TRP F 95 28.83 -34.92 -14.42
CA TRP F 95 29.51 -36.18 -14.17
C TRP F 95 28.80 -36.66 -12.90
N LEU F 96 27.68 -37.36 -13.11
CA LEU F 96 26.77 -37.84 -12.08
C LEU F 96 27.42 -38.81 -11.11
N ASP F 97 28.49 -39.51 -11.56
CA ASP F 97 29.31 -40.44 -10.78
C ASP F 97 29.91 -39.73 -9.56
N LEU F 98 30.21 -38.42 -9.70
CA LEU F 98 30.75 -37.54 -8.68
C LEU F 98 29.82 -37.52 -7.45
N GLN F 99 28.48 -37.49 -7.69
CA GLN F 99 27.45 -37.52 -6.67
C GLN F 99 27.44 -38.86 -5.94
N TRP F 100 27.65 -39.95 -6.69
CA TRP F 100 27.72 -41.30 -6.13
C TRP F 100 28.95 -41.43 -5.23
N TYR F 101 30.10 -40.87 -5.66
CA TYR F 101 31.34 -40.88 -4.90
C TYR F 101 31.15 -40.16 -3.57
N ILE F 102 30.52 -38.96 -3.61
CA ILE F 102 30.19 -38.13 -2.43
C ILE F 102 29.28 -38.94 -1.50
N HIS F 103 28.25 -39.58 -2.07
CA HIS F 103 27.28 -40.41 -1.34
C HIS F 103 27.97 -41.54 -0.57
N GLN F 104 28.82 -42.34 -1.26
CA GLN F 104 29.58 -43.45 -0.67
C GLN F 104 30.50 -42.99 0.45
N ALA F 105 31.22 -41.86 0.24
CA ALA F 105 32.12 -41.28 1.23
C ALA F 105 31.35 -40.82 2.45
N LEU F 106 30.15 -40.25 2.25
CA LEU F 106 29.30 -39.78 3.34
C LEU F 106 28.75 -40.92 4.16
N LEU F 107 28.46 -42.07 3.52
CA LEU F 107 27.97 -43.26 4.22
C LEU F 107 29.09 -43.83 5.06
N GLN F 108 30.29 -43.98 4.46
CA GLN F 108 31.47 -44.52 5.13
C GLN F 108 32.06 -43.58 6.20
N THR F 109 31.77 -42.27 6.11
CA THR F 109 32.23 -41.31 7.12
C THR F 109 31.24 -41.32 8.32
N GLY F 110 30.08 -41.95 8.12
CA GLY F 110 29.03 -42.08 9.13
C GLY F 110 27.89 -41.08 9.00
N LYS F 111 28.13 -39.91 8.33
CA LYS F 111 27.16 -38.83 8.11
C LYS F 111 25.99 -39.30 7.18
N GLU F 112 25.10 -40.15 7.73
CA GLU F 112 23.95 -40.77 7.06
C GLU F 112 22.89 -39.79 6.66
N ASN F 113 22.58 -38.81 7.53
CA ASN F 113 21.58 -37.76 7.30
C ASN F 113 22.00 -36.90 6.09
N TYR F 114 23.31 -36.55 6.00
CA TYR F 114 23.91 -35.78 4.90
C TYR F 114 23.76 -36.55 3.58
N ALA F 115 24.11 -37.84 3.57
CA ALA F 115 24.03 -38.74 2.42
C ALA F 115 22.60 -38.85 1.86
N ALA F 116 21.58 -38.76 2.74
CA ALA F 116 20.18 -38.82 2.33
C ALA F 116 19.84 -37.57 1.54
N ILE F 117 20.29 -36.39 2.01
CA ILE F 117 20.10 -35.08 1.37
C ILE F 117 20.66 -35.11 -0.07
N ILE F 118 21.88 -35.65 -0.24
CA ILE F 118 22.56 -35.79 -1.54
C ILE F 118 21.66 -36.52 -2.55
N GLN F 119 21.01 -37.62 -2.10
CA GLN F 119 20.09 -38.41 -2.92
C GLN F 119 18.89 -37.56 -3.34
N TYR F 120 18.29 -36.82 -2.37
CA TYR F 120 17.15 -35.94 -2.62
C TYR F 120 17.49 -34.83 -3.60
N ASP F 121 18.71 -34.26 -3.47
CA ASP F 121 19.24 -33.19 -4.31
C ASP F 121 19.31 -33.65 -5.76
N LEU F 122 19.87 -34.86 -5.97
CA LEU F 122 19.98 -35.49 -7.28
C LEU F 122 18.62 -35.86 -7.84
N LYS F 123 17.70 -36.42 -6.98
CA LYS F 123 16.32 -36.78 -7.36
C LYS F 123 15.59 -35.57 -7.95
N GLY F 124 15.77 -34.42 -7.31
CA GLY F 124 15.19 -33.16 -7.75
C GLY F 124 15.68 -32.70 -9.09
N LEU F 125 17.00 -32.82 -9.34
CA LEU F 125 17.62 -32.44 -10.60
C LEU F 125 17.09 -33.29 -11.74
N LEU F 126 17.03 -34.61 -11.52
CA LEU F 126 16.57 -35.58 -12.50
C LEU F 126 15.07 -35.53 -12.70
N LEU F 127 14.33 -34.93 -11.75
CA LEU F 127 12.89 -34.72 -11.85
C LEU F 127 12.69 -33.60 -12.86
N ARG F 128 13.53 -32.56 -12.77
CA ARG F 128 13.53 -31.39 -13.65
C ARG F 128 14.01 -31.71 -15.06
N LEU F 129 15.17 -32.40 -15.16
CA LEU F 129 15.77 -32.78 -16.44
C LEU F 129 15.74 -34.31 -16.51
N PRO F 130 14.70 -34.92 -17.14
CA PRO F 130 14.54 -36.39 -17.07
C PRO F 130 15.66 -37.24 -17.70
N GLY F 131 15.89 -37.05 -19.00
CA GLY F 131 16.88 -37.82 -19.76
C GLY F 131 18.33 -37.58 -19.41
N LEU F 132 18.60 -36.63 -18.47
CA LEU F 132 19.94 -36.27 -18.06
C LEU F 132 20.80 -37.47 -17.62
N GLU F 133 20.23 -38.37 -16.78
CA GLU F 133 20.85 -39.58 -16.24
C GLU F 133 21.48 -40.48 -17.32
N THR F 134 20.80 -40.58 -18.47
CA THR F 134 21.12 -41.45 -19.58
C THR F 134 21.99 -40.83 -20.70
N LEU F 135 22.29 -39.53 -20.64
CA LEU F 135 23.12 -38.89 -21.67
C LEU F 135 24.64 -39.24 -21.55
N ALA F 136 25.44 -38.80 -22.55
CA ALA F 136 26.89 -39.05 -22.61
C ALA F 136 27.69 -37.83 -23.13
N PHE F 137 28.98 -37.78 -22.80
CA PHE F 137 29.95 -36.74 -23.18
C PHE F 137 30.45 -36.87 -24.64
N ASN F 138 31.43 -36.01 -25.04
CA ASN F 138 32.12 -35.93 -26.34
C ASN F 138 32.63 -37.29 -26.82
N ASP F 139 33.54 -37.90 -26.04
CA ASP F 139 34.18 -39.20 -26.30
C ASP F 139 33.20 -40.39 -26.30
N GLY F 140 32.02 -40.21 -25.72
CA GLY F 140 30.98 -41.25 -25.62
C GLY F 140 30.80 -41.77 -24.21
N PRO F 142 29.50 -42.06 -20.57
CA PRO F 142 28.21 -41.64 -20.01
C PRO F 142 28.34 -40.76 -18.76
N PHE F 143 27.32 -39.93 -18.50
CA PHE F 143 27.26 -39.08 -17.31
C PHE F 143 27.13 -39.97 -16.09
N ALA F 144 26.39 -41.09 -16.24
CA ALA F 144 26.19 -42.10 -15.21
C ALA F 144 26.50 -43.48 -15.77
N ASP F 145 27.42 -44.21 -15.11
CA ASP F 145 27.78 -45.56 -15.53
C ASP F 145 26.90 -46.61 -14.84
N ASP F 146 27.12 -47.91 -15.14
CA ASP F 146 26.38 -49.05 -14.61
C ASP F 146 26.15 -48.99 -13.08
N VAL F 147 27.23 -48.78 -12.31
CA VAL F 147 27.21 -48.74 -10.84
C VAL F 147 26.37 -47.56 -10.28
N THR F 148 26.44 -46.39 -10.91
CA THR F 148 25.74 -45.19 -10.45
C THR F 148 24.32 -45.12 -10.98
N LEU F 149 24.08 -45.54 -12.23
CA LEU F 149 22.74 -45.53 -12.85
C LEU F 149 21.81 -46.47 -12.11
N SER F 150 22.35 -47.60 -11.63
CA SER F 150 21.62 -48.60 -10.83
C SER F 150 21.14 -47.95 -9.54
N TRP F 151 22.06 -47.21 -8.86
CA TRP F 151 21.80 -46.45 -7.64
C TRP F 151 20.73 -45.37 -7.87
N ILE F 152 20.68 -44.80 -9.07
CA ILE F 152 19.71 -43.77 -9.42
C ILE F 152 18.30 -44.35 -9.58
N GLN F 153 18.11 -45.37 -10.44
CA GLN F 153 16.77 -45.94 -10.73
C GLN F 153 16.13 -46.73 -9.58
N GLN F 154 16.91 -47.27 -8.65
CA GLN F 154 16.30 -48.04 -7.56
C GLN F 154 16.45 -47.40 -6.16
N GLN F 155 17.50 -46.58 -5.94
CA GLN F 155 17.70 -45.96 -4.61
C GLN F 155 17.26 -44.47 -4.53
N VAL F 156 17.59 -43.63 -5.56
CA VAL F 156 17.23 -42.19 -5.54
C VAL F 156 15.83 -41.95 -6.20
N SER G 1 34.38 -9.22 5.50
CA SER G 1 34.31 -9.69 4.11
C SER G 1 35.11 -11.01 3.89
N ALA G 2 35.64 -11.60 4.99
CA ALA G 2 36.42 -12.85 4.98
C ALA G 2 36.55 -13.41 6.41
N ILE G 3 36.74 -14.76 6.57
CA ILE G 3 36.87 -15.61 7.80
C ILE G 3 35.78 -15.29 8.87
N THR G 4 35.83 -14.12 9.54
CA THR G 4 34.81 -13.65 10.47
C THR G 4 33.76 -12.94 9.59
N SER G 5 32.82 -12.17 10.19
CA SER G 5 31.74 -11.46 9.47
C SER G 5 30.84 -12.44 8.66
N GLY G 6 30.16 -13.32 9.42
CA GLY G 6 29.17 -14.25 8.89
C GLY G 6 27.99 -13.45 8.37
N GLN G 7 27.84 -12.23 8.93
CA GLN G 7 26.86 -11.20 8.60
C GLN G 7 27.10 -10.72 7.16
N GLU G 8 28.38 -10.56 6.79
CA GLU G 8 28.82 -10.13 5.46
C GLU G 8 28.62 -11.24 4.46
N LEU G 9 28.87 -12.52 4.88
CA LEU G 9 28.68 -13.71 4.02
C LEU G 9 27.23 -13.79 3.54
N LEU G 10 26.31 -13.37 4.41
CA LEU G 10 24.90 -13.30 4.13
C LEU G 10 24.62 -12.22 3.07
N SER G 11 25.06 -10.95 3.29
CA SER G 11 24.85 -9.84 2.34
C SER G 11 25.55 -10.06 0.99
N GLN G 12 26.72 -10.75 1.00
CA GLN G 12 27.44 -11.11 -0.22
C GLN G 12 26.69 -12.22 -0.95
N ALA G 13 26.02 -13.10 -0.19
CA ALA G 13 25.21 -14.15 -0.77
C ALA G 13 23.94 -13.55 -1.33
N ARG G 14 23.39 -12.53 -0.65
CA ARG G 14 22.17 -11.81 -1.05
C ARG G 14 22.35 -11.18 -2.42
N VAL G 15 23.52 -10.56 -2.69
CA VAL G 15 23.83 -9.91 -3.97
C VAL G 15 24.02 -10.94 -5.07
N LEU G 16 24.55 -12.11 -4.69
CA LEU G 16 24.78 -13.23 -5.59
C LEU G 16 23.43 -13.85 -5.99
N ALA G 17 22.49 -13.96 -5.03
CA ALA G 17 21.15 -14.49 -5.24
C ALA G 17 20.31 -13.51 -6.04
N LYS G 18 20.53 -12.18 -5.84
CA LYS G 18 19.82 -11.10 -6.56
C LYS G 18 20.07 -11.21 -8.05
N TYR G 19 21.33 -11.55 -8.45
CA TYR G 19 21.76 -11.74 -9.83
C TYR G 19 20.92 -12.86 -10.43
N LEU G 20 20.97 -14.06 -9.82
CA LEU G 20 20.29 -15.27 -10.26
C LEU G 20 18.79 -15.09 -10.47
N ARG G 21 18.10 -14.37 -9.54
CA ARG G 21 16.66 -14.11 -9.60
C ARG G 21 16.27 -13.31 -10.84
N ASP G 22 17.11 -12.32 -11.22
CA ASP G 22 16.92 -11.47 -12.39
C ASP G 22 17.08 -12.20 -13.73
N GLN G 23 17.86 -13.31 -13.74
CA GLN G 23 18.10 -14.15 -14.91
C GLN G 23 16.83 -14.94 -15.27
N PRO G 24 16.61 -15.31 -16.57
CA PRO G 24 15.41 -16.05 -16.94
C PRO G 24 15.21 -17.37 -16.17
N GLU G 25 13.99 -17.56 -15.61
CA GLU G 25 13.53 -18.68 -14.81
C GLU G 25 14.53 -19.10 -13.66
N GLY G 26 15.35 -18.14 -13.22
CA GLY G 26 16.34 -18.38 -12.17
C GLY G 26 15.89 -18.14 -10.74
N TRP G 27 14.63 -18.47 -10.42
CA TRP G 27 14.08 -18.33 -9.05
C TRP G 27 14.68 -19.41 -8.16
N LEU G 28 14.57 -20.66 -8.64
CA LEU G 28 14.97 -21.83 -7.89
C LEU G 28 16.42 -21.68 -7.44
N ALA G 29 17.32 -21.32 -8.38
CA ALA G 29 18.74 -21.13 -8.09
C ALA G 29 18.94 -20.07 -7.03
N ALA G 30 18.15 -18.99 -7.10
CA ALA G 30 18.19 -17.86 -6.16
C ALA G 30 17.61 -18.28 -4.82
N HIS G 31 16.46 -18.98 -4.87
CA HIS G 31 15.78 -19.44 -3.67
C HIS G 31 16.61 -20.46 -2.85
N ARG G 32 17.11 -21.50 -3.53
CA ARG G 32 17.87 -22.58 -2.91
C ARG G 32 19.27 -22.18 -2.45
N LEU G 33 19.84 -21.09 -3.00
CA LEU G 33 21.15 -20.56 -2.58
C LEU G 33 21.03 -19.97 -1.18
N LYS G 35 18.58 -20.91 1.04
CA LYS G 35 18.31 -22.06 1.89
C LYS G 35 19.62 -22.70 2.34
N SER G 36 20.57 -22.94 1.42
CA SER G 36 21.86 -23.53 1.77
C SER G 36 22.73 -22.61 2.65
N VAL G 37 22.70 -21.30 2.37
CA VAL G 37 23.49 -20.34 3.15
C VAL G 37 22.88 -20.06 4.54
N ARG G 38 21.58 -20.36 4.74
CA ARG G 38 20.91 -20.08 6.02
C ARG G 38 20.58 -21.33 6.86
N HIS G 39 20.19 -22.42 6.20
CA HIS G 39 19.81 -23.67 6.87
C HIS G 39 20.98 -24.63 7.01
N ASP G 40 21.79 -24.82 5.97
CA ASP G 40 22.93 -25.75 6.03
C ASP G 40 24.11 -25.26 6.90
N THR G 41 24.00 -24.00 7.39
CA THR G 41 24.99 -23.36 8.27
C THR G 41 24.61 -23.60 9.73
N LEU G 42 23.39 -24.13 9.96
CA LEU G 42 22.90 -24.42 11.30
C LEU G 42 22.92 -25.92 11.61
N HIS G 43 23.83 -26.29 12.52
CA HIS G 43 24.04 -27.69 12.92
C HIS G 43 23.66 -27.91 14.40
N GLN G 44 23.28 -26.82 15.08
CA GLN G 44 22.91 -26.85 16.49
C GLN G 44 21.42 -26.79 16.69
N LEU G 45 20.90 -27.82 17.40
CA LEU G 45 19.51 -28.12 17.72
C LEU G 45 18.57 -26.92 17.97
N PRO G 46 19.12 -25.80 18.51
CA PRO G 46 18.27 -24.82 19.22
C PRO G 46 18.43 -23.40 18.70
N PRO G 47 19.56 -23.10 18.05
CA PRO G 47 20.58 -22.23 18.69
C PRO G 47 20.66 -22.38 20.24
N LEU G 48 19.78 -21.70 21.01
CA LEU G 48 19.73 -21.78 22.47
C LEU G 48 18.28 -21.71 22.89
N SER G 49 17.92 -22.53 23.86
CA SER G 49 16.56 -22.58 24.39
C SER G 49 16.56 -22.18 25.88
N ALA G 50 15.78 -21.12 26.25
CA ALA G 50 15.61 -20.63 27.63
C ALA G 50 14.49 -21.47 28.30
N ASP G 51 13.57 -20.84 29.07
CA ASP G 51 12.45 -21.58 29.68
C ASP G 51 11.25 -21.68 28.73
N GLY G 52 11.43 -22.63 27.78
CA GLY G 52 10.54 -22.93 26.70
C GLY G 52 10.98 -22.26 25.41
N ARG G 53 10.84 -20.94 25.37
CA ARG G 53 11.15 -20.06 24.24
C ARG G 53 12.63 -20.03 23.86
N THR G 54 12.90 -19.88 22.57
CA THR G 54 14.26 -19.70 22.04
C THR G 54 14.52 -18.21 22.14
N ARG G 55 15.81 -17.82 22.18
CA ARG G 55 16.19 -16.41 22.26
C ARG G 55 15.97 -15.67 20.91
N ILE G 56 15.48 -16.41 19.89
CA ILE G 56 15.21 -15.94 18.53
C ILE G 56 13.90 -15.15 18.47
N ALA G 57 13.99 -13.91 17.94
CA ALA G 57 12.85 -12.98 17.81
C ALA G 57 11.86 -13.39 16.71
N PRO G 58 10.52 -13.20 16.93
CA PRO G 58 9.53 -13.57 15.90
C PRO G 58 9.64 -12.79 14.59
N PRO G 59 8.96 -13.21 13.49
CA PRO G 59 9.13 -12.52 12.21
C PRO G 59 8.67 -11.06 12.15
N GLY G 60 7.67 -10.71 12.93
CA GLY G 60 7.17 -9.34 12.91
C GLY G 60 5.76 -9.29 12.36
N PRO G 61 4.82 -8.73 13.14
CA PRO G 61 3.40 -8.74 12.73
C PRO G 61 3.10 -8.07 11.42
N ASP G 62 3.85 -7.00 11.10
CA ASP G 62 3.74 -6.21 9.88
C ASP G 62 3.83 -7.08 8.64
N ARG G 63 4.94 -7.80 8.51
CA ARG G 63 5.25 -8.63 7.37
C ARG G 63 4.51 -9.96 7.35
N ARG G 64 4.17 -10.53 8.52
CA ARG G 64 3.44 -11.81 8.55
C ARG G 64 1.93 -11.65 8.22
N ALA G 65 1.36 -10.47 8.49
CA ALA G 65 -0.02 -10.14 8.14
C ALA G 65 -0.10 -9.87 6.64
N SER G 66 0.98 -9.28 6.07
CA SER G 66 1.14 -8.95 4.65
C SER G 66 1.12 -10.21 3.78
N LEU G 67 1.62 -11.35 4.31
CA LEU G 67 1.65 -12.64 3.62
C LEU G 67 0.28 -13.31 3.61
N LYS G 68 -0.48 -13.21 4.75
CA LYS G 68 -1.83 -13.76 4.85
C LYS G 68 -2.74 -13.06 3.82
N ARG G 69 -2.56 -11.72 3.65
CA ARG G 69 -3.29 -10.89 2.69
C ARG G 69 -3.06 -11.39 1.27
N LEU G 70 -1.79 -11.64 0.89
CA LEU G 70 -1.40 -12.14 -0.44
C LEU G 70 -1.92 -13.56 -0.75
N TYR G 71 -1.99 -14.42 0.30
CA TYR G 71 -2.49 -15.79 0.19
C TYR G 71 -4.00 -15.77 -0.07
N LEU G 72 -4.73 -14.93 0.70
CA LEU G 72 -6.16 -14.70 0.60
C LEU G 72 -6.49 -14.12 -0.78
N GLN G 73 -5.67 -13.13 -1.24
CA GLN G 73 -5.78 -12.46 -2.55
C GLN G 73 -5.33 -13.38 -3.69
N GLN G 74 -4.87 -14.61 -3.37
CA GLN G 74 -4.35 -15.65 -4.27
C GLN G 74 -3.29 -15.11 -5.28
N ASN G 75 -2.58 -14.02 -4.90
CA ASN G 75 -1.50 -13.42 -5.69
C ASN G 75 -0.21 -14.21 -5.38
N TRP G 76 -0.08 -15.39 -6.01
CA TRP G 76 1.02 -16.33 -5.81
C TRP G 76 2.37 -15.77 -6.17
N LEU G 77 2.46 -15.09 -7.33
CA LEU G 77 3.70 -14.53 -7.84
C LEU G 77 4.36 -13.52 -6.88
N SER G 78 3.55 -12.66 -6.26
CA SER G 78 4.03 -11.66 -5.31
C SER G 78 4.37 -12.29 -3.95
N LEU G 79 3.54 -13.27 -3.50
CA LEU G 79 3.72 -13.99 -2.24
C LEU G 79 5.07 -14.71 -2.27
N LEU G 80 5.37 -15.35 -3.40
CA LEU G 80 6.60 -16.09 -3.66
C LEU G 80 7.81 -15.17 -3.55
N GLU G 81 7.70 -13.99 -4.17
CA GLU G 81 8.75 -12.97 -4.19
C GLU G 81 8.95 -12.31 -2.82
N GLN G 82 7.85 -12.15 -2.03
CA GLN G 82 7.89 -11.55 -0.70
C GLN G 82 8.40 -12.50 0.39
N CYS G 83 8.22 -13.82 0.20
CA CYS G 83 8.70 -14.84 1.12
C CYS G 83 10.22 -14.90 1.12
N ASP G 84 10.84 -14.67 -0.04
CA ASP G 84 12.27 -14.68 -0.21
C ASP G 84 12.96 -13.54 0.53
N ASP G 85 12.34 -12.34 0.51
CA ASP G 85 12.83 -11.14 1.20
C ASP G 85 12.82 -11.38 2.68
N PHE G 87 12.92 -14.42 4.15
CA PHE G 87 13.87 -15.46 4.46
C PHE G 87 15.30 -14.88 4.65
N ALA G 88 15.67 -13.87 3.84
CA ALA G 88 16.98 -13.22 3.89
C ALA G 88 17.12 -12.24 5.07
N ARG G 89 16.00 -11.61 5.49
CA ARG G 89 15.97 -10.65 6.59
C ARG G 89 15.26 -11.21 7.80
N GLY G 90 16.03 -11.65 8.78
CA GLY G 90 15.54 -12.23 10.02
C GLY G 90 16.56 -13.20 10.56
N ALA G 91 16.16 -14.15 11.44
CA ALA G 91 17.12 -15.11 12.02
C ALA G 91 17.11 -16.55 11.39
N SER G 92 18.03 -16.81 10.40
CA SER G 92 18.20 -18.04 9.59
C SER G 92 16.90 -18.45 8.93
N HIS G 93 15.84 -17.78 9.34
CA HIS G 93 14.44 -17.91 9.12
C HIS G 93 13.98 -19.34 9.16
N LEU G 94 13.67 -19.62 10.42
CA LEU G 94 13.16 -20.83 10.96
C LEU G 94 11.65 -20.63 11.08
N TRP G 95 11.10 -19.55 10.47
CA TRP G 95 9.66 -19.34 10.35
C TRP G 95 9.30 -20.33 9.24
N LEU G 96 9.06 -21.57 9.65
CA LEU G 96 8.81 -22.72 8.80
C LEU G 96 7.57 -22.56 7.94
N ASP G 97 6.61 -21.72 8.40
CA ASP G 97 5.37 -21.38 7.68
C ASP G 97 5.68 -20.76 6.31
N LEU G 98 6.82 -20.05 6.21
CA LEU G 98 7.34 -19.41 5.01
C LEU G 98 7.53 -20.44 3.90
N GLN G 99 8.03 -21.65 4.26
CA GLN G 99 8.25 -22.78 3.36
C GLN G 99 6.93 -23.32 2.87
N TRP G 100 5.92 -23.36 3.75
CA TRP G 100 4.57 -23.83 3.42
C TRP G 100 3.92 -22.85 2.43
N TYR G 101 4.10 -21.53 2.65
CA TYR G 101 3.57 -20.49 1.77
C TYR G 101 4.14 -20.64 0.37
N ILE G 102 5.49 -20.83 0.27
CA ILE G 102 6.23 -21.03 -0.98
C ILE G 102 5.69 -22.28 -1.67
N HIS G 103 5.53 -23.37 -0.90
CA HIS G 103 5.00 -24.65 -1.39
C HIS G 103 3.62 -24.48 -2.05
N GLN G 104 2.66 -23.86 -1.33
CA GLN G 104 1.30 -23.61 -1.80
C GLN G 104 1.28 -22.78 -3.08
N ALA G 105 2.12 -21.70 -3.11
CA ALA G 105 2.24 -20.80 -4.26
C ALA G 105 2.80 -21.56 -5.47
N LEU G 106 3.78 -22.47 -5.23
CA LEU G 106 4.39 -23.27 -6.29
C LEU G 106 3.42 -24.28 -6.87
N LEU G 107 2.51 -24.82 -6.05
CA LEU G 107 1.50 -25.77 -6.51
C LEU G 107 0.49 -25.03 -7.37
N GLN G 108 0.00 -23.87 -6.87
CA GLN G 108 -0.97 -23.03 -7.57
C GLN G 108 -0.40 -22.32 -8.81
N THR G 109 0.92 -22.15 -8.89
CA THR G 109 1.56 -21.56 -10.07
C THR G 109 1.80 -22.66 -11.15
N GLY G 110 1.61 -23.92 -10.75
CA GLY G 110 1.77 -25.06 -11.63
C GLY G 110 3.09 -25.79 -11.55
N LYS G 111 4.17 -25.11 -11.07
CA LYS G 111 5.53 -25.65 -10.89
C LYS G 111 5.58 -26.76 -9.81
N GLU G 112 5.03 -27.93 -10.15
CA GLU G 112 4.89 -29.12 -9.30
C GLU G 112 6.21 -29.75 -8.90
N ASN G 113 7.13 -29.87 -9.88
CA ASN G 113 8.45 -30.45 -9.69
C ASN G 113 9.26 -29.60 -8.67
N TYR G 114 9.16 -28.24 -8.78
CA TYR G 114 9.79 -27.26 -7.88
C TYR G 114 9.27 -27.45 -6.46
N ALA G 115 7.94 -27.54 -6.28
CA ALA G 115 7.26 -27.74 -5.00
C ALA G 115 7.70 -29.02 -4.29
N ALA G 116 8.03 -30.07 -5.06
CA ALA G 116 8.50 -31.33 -4.51
C ALA G 116 9.88 -31.14 -3.87
N ILE G 117 10.78 -30.39 -4.58
CA ILE G 117 12.14 -30.07 -4.13
C ILE G 117 12.08 -29.35 -2.79
N ILE G 118 11.20 -28.35 -2.66
CA ILE G 118 11.00 -27.57 -1.42
C ILE G 118 10.74 -28.50 -0.23
N GLN G 119 9.89 -29.53 -0.41
CA GLN G 119 9.56 -30.52 0.61
C GLN G 119 10.80 -31.32 1.01
N TYR G 120 11.58 -31.77 0.00
CA TYR G 120 12.82 -32.53 0.20
C TYR G 120 13.85 -31.70 0.96
N ASP G 121 13.95 -30.41 0.61
CA ASP G 121 14.87 -29.45 1.23
C ASP G 121 14.57 -29.33 2.72
N LEU G 122 13.28 -29.15 3.07
CA LEU G 122 12.80 -29.05 4.45
C LEU G 122 12.99 -30.36 5.21
N LYS G 123 12.68 -31.51 4.55
CA LYS G 123 12.82 -32.86 5.11
C LYS G 123 14.26 -33.06 5.60
N GLY G 124 15.21 -32.64 4.76
CA GLY G 124 16.64 -32.73 5.06
C GLY G 124 17.05 -31.92 6.29
N LEU G 125 16.52 -30.69 6.40
CA LEU G 125 16.82 -29.79 7.52
C LEU G 125 16.33 -30.40 8.84
N LEU G 126 15.09 -30.89 8.83
CA LEU G 126 14.44 -31.49 10.01
C LEU G 126 15.00 -32.86 10.36
N LEU G 127 15.69 -33.50 9.41
CA LEU G 127 16.36 -34.77 9.62
C LEU G 127 17.61 -34.46 10.42
N ARG G 128 18.30 -33.36 10.10
CA ARG G 128 19.52 -32.89 10.76
C ARG G 128 19.22 -32.34 12.14
N LEU G 129 18.22 -31.44 12.25
CA LEU G 129 17.81 -30.81 13.50
C LEU G 129 16.40 -31.29 13.82
N PRO G 130 16.29 -32.36 14.66
CA PRO G 130 14.98 -33.00 14.88
C PRO G 130 13.86 -32.13 15.49
N GLY G 131 14.09 -31.66 16.71
CA GLY G 131 13.08 -30.87 17.41
C GLY G 131 12.76 -29.51 16.84
N LEU G 132 13.46 -29.09 15.77
CA LEU G 132 13.30 -27.77 15.16
C LEU G 132 11.86 -27.43 14.83
N GLU G 133 11.11 -28.36 14.22
CA GLU G 133 9.70 -28.24 13.80
C GLU G 133 8.78 -27.73 14.94
N THR G 134 9.04 -28.24 16.15
CA THR G 134 8.25 -28.04 17.36
C THR G 134 8.70 -26.89 18.28
N LEU G 135 9.79 -26.20 17.96
CA LEU G 135 10.25 -25.08 18.80
C LEU G 135 9.41 -23.80 18.58
N ALA G 136 9.66 -22.77 19.43
CA ALA G 136 8.95 -21.48 19.39
C ALA G 136 9.86 -20.28 19.61
N PHE G 137 9.44 -19.09 19.14
CA PHE G 137 10.15 -17.82 19.24
C PHE G 137 10.03 -17.18 20.63
N ASN G 138 10.57 -15.94 20.79
CA ASN G 138 10.55 -15.08 22.00
C ASN G 138 9.15 -14.97 22.63
N ASP G 139 8.20 -14.40 21.86
CA ASP G 139 6.80 -14.17 22.25
C ASP G 139 5.99 -15.45 22.50
N GLY G 140 6.49 -16.58 22.02
CA GLY G 140 5.85 -17.88 22.19
C GLY G 140 5.24 -18.42 20.93
N PRO G 142 5.01 -20.30 17.57
CA PRO G 142 5.76 -21.45 17.08
C PRO G 142 6.38 -21.22 15.70
N PHE G 143 7.47 -21.95 15.41
CA PHE G 143 8.12 -21.91 14.12
C PHE G 143 7.18 -22.48 13.06
N ALA G 144 6.40 -23.51 13.44
CA ALA G 144 5.41 -24.17 12.60
C ALA G 144 4.08 -24.24 13.33
N ASP G 145 3.02 -23.71 12.70
CA ASP G 145 1.70 -23.74 13.30
C ASP G 145 0.94 -25.02 12.89
N ASP G 146 -0.30 -25.18 13.36
CA ASP G 146 -1.18 -26.32 13.10
C ASP G 146 -1.22 -26.76 11.62
N VAL G 147 -1.49 -25.81 10.70
CA VAL G 147 -1.63 -26.05 9.26
C VAL G 147 -0.32 -26.52 8.61
N THR G 148 0.83 -25.97 9.04
CA THR G 148 2.14 -26.29 8.46
C THR G 148 2.75 -27.53 9.13
N LEU G 149 2.58 -27.70 10.45
CA LEU G 149 3.11 -28.84 11.19
C LEU G 149 2.47 -30.14 10.70
N SER G 150 1.17 -30.08 10.35
CA SER G 150 0.40 -31.20 9.81
C SER G 150 1.03 -31.61 8.46
N TRP G 151 1.34 -30.61 7.60
CA TRP G 151 2.00 -30.78 6.31
C TRP G 151 3.40 -31.40 6.47
N ILE G 152 4.07 -31.10 7.58
CA ILE G 152 5.40 -31.61 7.86
C ILE G 152 5.36 -33.09 8.24
N GLN G 153 4.56 -33.46 9.26
CA GLN G 153 4.52 -34.86 9.76
C GLN G 153 3.87 -35.88 8.82
N GLN G 154 2.98 -35.45 7.92
CA GLN G 154 2.35 -36.43 7.02
C GLN G 154 2.74 -36.30 5.55
N GLN G 155 3.14 -35.11 5.08
CA GLN G 155 3.50 -34.92 3.68
C GLN G 155 5.03 -34.87 3.41
N VAL G 156 5.82 -34.14 4.25
CA VAL G 156 7.28 -34.02 4.06
C VAL G 156 8.06 -35.13 4.82
N SER H 1 -13.81 -32.22 4.15
CA SER H 1 -14.98 -32.21 5.02
C SER H 1 -15.81 -33.53 4.94
N ALA H 2 -15.29 -34.55 4.22
CA ALA H 2 -15.90 -35.87 4.02
C ALA H 2 -14.87 -36.85 3.44
N ILE H 3 -15.06 -38.18 3.71
CA ILE H 3 -14.25 -39.39 3.36
C ILE H 3 -12.72 -39.18 3.61
N THR H 4 -12.03 -38.34 2.81
CA THR H 4 -10.62 -38.00 3.00
C THR H 4 -10.63 -36.79 3.98
N SER H 5 -9.52 -36.05 4.09
CA SER H 5 -9.37 -34.89 5.00
C SER H 5 -9.78 -35.24 6.44
N GLY H 6 -9.11 -36.28 6.98
CA GLY H 6 -9.28 -36.72 8.36
C GLY H 6 -8.79 -35.66 9.32
N GLN H 7 -7.99 -34.72 8.79
CA GLN H 7 -7.42 -33.54 9.43
C GLN H 7 -8.54 -32.51 9.64
N GLU H 8 -9.52 -32.48 8.70
CA GLU H 8 -10.71 -31.64 8.75
C GLU H 8 -11.72 -32.24 9.73
N LEU H 9 -11.74 -33.59 9.86
CA LEU H 9 -12.58 -34.34 10.81
C LEU H 9 -12.17 -33.93 12.22
N LEU H 10 -10.85 -33.78 12.45
CA LEU H 10 -10.25 -33.37 13.71
C LEU H 10 -10.70 -31.97 14.08
N SER H 11 -10.71 -31.02 13.12
CA SER H 11 -11.13 -29.63 13.35
C SER H 11 -12.65 -29.51 13.58
N GLN H 12 -13.44 -30.39 12.92
CA GLN H 12 -14.90 -30.45 13.08
C GLN H 12 -15.23 -31.06 14.43
N ALA H 13 -14.37 -32.00 14.91
CA ALA H 13 -14.51 -32.63 16.21
C ALA H 13 -14.12 -31.61 17.27
N ARG H 14 -13.10 -30.78 16.98
CA ARG H 14 -12.59 -29.74 17.88
C ARG H 14 -13.68 -28.73 18.21
N VAL H 15 -14.47 -28.32 17.19
CA VAL H 15 -15.57 -27.34 17.36
C VAL H 15 -16.73 -27.96 18.14
N LEU H 16 -16.92 -29.28 17.97
CA LEU H 16 -17.93 -30.07 18.66
C LEU H 16 -17.54 -30.21 20.14
N ALA H 17 -16.24 -30.41 20.42
CA ALA H 17 -15.70 -30.52 21.78
C ALA H 17 -15.73 -29.17 22.48
N LYS H 18 -15.50 -28.07 21.72
CA LYS H 18 -15.53 -26.68 22.21
C LYS H 18 -16.89 -26.36 22.83
N TYR H 19 -17.98 -26.83 22.16
CA TYR H 19 -19.36 -26.67 22.58
C TYR H 19 -19.51 -27.31 23.96
N LEU H 20 -19.22 -28.62 24.06
CA LEU H 20 -19.33 -29.45 25.27
C LEU H 20 -18.61 -28.86 26.47
N ARG H 21 -17.38 -28.35 26.29
CA ARG H 21 -16.55 -27.77 27.35
C ARG H 21 -17.22 -26.55 28.00
N ASP H 22 -17.88 -25.71 27.17
CA ASP H 22 -18.59 -24.51 27.57
C ASP H 22 -19.86 -24.79 28.37
N GLN H 23 -20.46 -25.99 28.19
CA GLN H 23 -21.66 -26.44 28.90
C GLN H 23 -21.32 -26.79 30.36
N PRO H 24 -22.31 -26.70 31.31
CA PRO H 24 -22.00 -26.99 32.72
C PRO H 24 -21.38 -28.37 32.96
N GLU H 25 -20.22 -28.40 33.66
CA GLU H 25 -19.39 -29.56 34.04
C GLU H 25 -19.15 -30.57 32.87
N GLY H 26 -19.24 -30.07 31.63
CA GLY H 26 -19.04 -30.87 30.43
C GLY H 26 -17.58 -31.00 29.97
N TRP H 27 -16.62 -31.11 30.90
CA TRP H 27 -15.20 -31.28 30.57
C TRP H 27 -14.97 -32.70 30.05
N LEU H 28 -15.47 -33.69 30.82
CA LEU H 28 -15.26 -35.10 30.54
C LEU H 28 -15.71 -35.42 29.15
N ALA H 29 -16.92 -34.98 28.78
CA ALA H 29 -17.48 -35.21 27.46
C ALA H 29 -16.60 -34.58 26.39
N ALA H 30 -16.06 -33.38 26.65
CA ALA H 30 -15.18 -32.65 25.76
C ALA H 30 -13.82 -33.34 25.68
N HIS H 31 -13.26 -33.72 26.82
CA HIS H 31 -11.96 -34.39 26.91
C HIS H 31 -11.94 -35.76 26.26
N ARG H 32 -12.92 -36.62 26.61
CA ARG H 32 -13.02 -38.00 26.12
C ARG H 32 -13.41 -38.10 24.65
N LEU H 33 -14.03 -37.05 24.08
CA LEU H 33 -14.39 -37.01 22.65
C LEU H 33 -13.13 -36.91 21.83
N LYS H 35 -10.03 -37.93 23.01
CA LYS H 35 -9.35 -39.21 23.24
C LYS H 35 -9.84 -40.25 22.23
N SER H 36 -11.16 -40.36 22.02
CA SER H 36 -11.72 -41.31 21.06
C SER H 36 -11.37 -40.96 19.61
N VAL H 37 -11.39 -39.68 19.26
CA VAL H 37 -11.09 -39.23 17.89
C VAL H 37 -9.57 -39.28 17.58
N ARG H 38 -8.69 -39.31 18.60
CA ARG H 38 -7.24 -39.33 18.39
C ARG H 38 -6.57 -40.65 18.70
N HIS H 39 -7.02 -41.35 19.76
CA HIS H 39 -6.44 -42.62 20.18
C HIS H 39 -7.13 -43.83 19.58
N ASP H 40 -8.47 -43.82 19.54
CA ASP H 40 -9.25 -44.95 19.01
C ASP H 40 -9.19 -45.07 17.47
N THR H 41 -8.53 -44.10 16.82
CA THR H 41 -8.30 -44.05 15.38
C THR H 41 -6.95 -44.67 15.04
N LEU H 42 -6.11 -44.92 16.08
CA LEU H 42 -4.80 -45.52 15.88
C LEU H 42 -4.76 -46.97 16.32
N HIS H 43 -4.61 -47.86 15.33
CA HIS H 43 -4.59 -49.32 15.51
C HIS H 43 -3.21 -49.89 15.17
N GLN H 44 -2.29 -49.01 14.70
CA GLN H 44 -0.93 -49.38 14.32
C GLN H 44 0.08 -49.04 15.39
N LEU H 45 0.81 -50.08 15.85
CA LEU H 45 1.82 -50.12 16.92
C LEU H 45 2.72 -48.91 17.07
N PRO H 46 3.07 -48.24 15.95
CA PRO H 46 4.28 -47.41 15.92
C PRO H 46 3.98 -45.96 15.49
N PRO H 47 2.85 -45.72 14.80
CA PRO H 47 2.90 -45.41 13.36
C PRO H 47 4.06 -46.09 12.60
N LEU H 48 5.28 -45.50 12.64
CA LEU H 48 6.49 -46.06 12.01
C LEU H 48 7.68 -45.81 12.92
N SER H 49 8.54 -46.82 13.07
CA SER H 49 9.74 -46.72 13.90
C SER H 49 11.00 -46.86 13.03
N ALA H 50 11.89 -45.84 13.04
CA ALA H 50 13.17 -45.81 12.31
C ALA H 50 14.24 -46.53 13.18
N ASP H 51 15.48 -45.99 13.30
CA ASP H 51 16.50 -46.60 14.15
C ASP H 51 16.38 -46.12 15.59
N GLY H 52 15.38 -46.71 16.25
CA GLY H 52 14.96 -46.41 17.62
C GLY H 52 13.79 -45.46 17.65
N ARG H 53 14.05 -44.21 17.26
CA ARG H 53 13.10 -43.09 17.23
C ARG H 53 11.96 -43.28 16.24
N THR H 54 10.78 -42.76 16.60
CA THR H 54 9.62 -42.74 15.71
C THR H 54 9.76 -41.49 14.87
N ARG H 55 9.13 -41.45 13.69
CA ARG H 55 9.16 -40.29 12.80
C ARG H 55 8.31 -39.09 13.37
N ILE H 56 7.66 -39.30 14.54
CA ILE H 56 6.80 -38.36 15.26
C ILE H 56 7.63 -37.33 16.02
N ALA H 57 7.38 -36.03 15.75
CA ALA H 57 8.07 -34.89 16.36
C ALA H 57 7.66 -34.65 17.84
N PRO H 58 8.62 -34.28 18.73
CA PRO H 58 8.28 -34.05 20.16
C PRO H 58 7.28 -32.92 20.42
N PRO H 59 6.68 -32.81 21.64
CA PRO H 59 5.65 -31.79 21.87
C PRO H 59 6.07 -30.32 21.74
N GLY H 60 7.32 -30.02 22.05
CA GLY H 60 7.80 -28.65 21.97
C GLY H 60 8.20 -28.18 23.34
N PRO H 61 9.47 -27.74 23.51
CA PRO H 61 9.94 -27.31 24.84
C PRO H 61 9.15 -26.18 25.48
N ASP H 62 8.65 -25.26 24.64
CA ASP H 62 7.86 -24.09 25.01
C ASP H 62 6.66 -24.49 25.87
N ARG H 63 5.81 -25.36 25.30
CA ARG H 63 4.59 -25.80 25.92
C ARG H 63 4.79 -26.85 27.02
N ARG H 64 5.82 -27.70 26.95
CA ARG H 64 6.05 -28.72 27.99
C ARG H 64 6.64 -28.14 29.29
N ALA H 65 7.36 -27.02 29.16
CA ALA H 65 7.92 -26.30 30.30
C ALA H 65 6.80 -25.50 30.97
N SER H 66 5.81 -25.03 30.16
CA SER H 66 4.63 -24.27 30.60
C SER H 66 3.72 -25.13 31.51
N LEU H 67 3.71 -26.46 31.29
CA LEU H 67 2.94 -27.42 32.09
C LEU H 67 3.62 -27.70 33.44
N LYS H 68 4.97 -27.80 33.45
CA LYS H 68 5.75 -28.00 34.69
C LYS H 68 5.53 -26.81 35.62
N ARG H 69 5.48 -25.57 35.06
CA ARG H 69 5.24 -24.31 35.78
C ARG H 69 3.87 -24.35 36.46
N LEU H 70 2.81 -24.75 35.73
CA LEU H 70 1.44 -24.85 36.25
C LEU H 70 1.29 -25.93 37.34
N TYR H 71 2.05 -27.04 37.24
CA TYR H 71 2.05 -28.13 38.22
C TYR H 71 2.70 -27.66 39.51
N LEU H 72 3.85 -26.94 39.39
CA LEU H 72 4.61 -26.34 40.48
C LEU H 72 3.76 -25.28 41.17
N GLN H 73 3.05 -24.45 40.36
CA GLN H 73 2.14 -23.38 40.83
C GLN H 73 0.84 -23.96 41.37
N GLN H 74 0.68 -25.29 41.32
CA GLN H 74 -0.50 -26.08 41.75
C GLN H 74 -1.85 -25.51 41.18
N ASN H 75 -1.78 -24.81 40.02
CA ASN H 75 -2.95 -24.27 39.31
C ASN H 75 -3.53 -25.39 38.45
N TRP H 76 -4.31 -26.30 39.10
CA TRP H 76 -4.89 -27.49 38.48
C TRP H 76 -5.88 -27.18 37.37
N LEU H 77 -6.77 -26.22 37.58
CA LEU H 77 -7.80 -25.84 36.62
C LEU H 77 -7.23 -25.36 35.28
N SER H 78 -6.13 -24.59 35.31
CA SER H 78 -5.47 -24.10 34.10
C SER H 78 -4.66 -25.20 33.43
N LEU H 79 -3.97 -26.05 34.24
CA LEU H 79 -3.16 -27.17 33.74
C LEU H 79 -4.03 -28.13 32.95
N LEU H 80 -5.22 -28.43 33.50
CA LEU H 80 -6.23 -29.31 32.91
C LEU H 80 -6.70 -28.75 31.58
N GLU H 81 -6.97 -27.43 31.53
CA GLU H 81 -7.43 -26.71 30.35
C GLU H 81 -6.33 -26.64 29.28
N GLN H 82 -5.05 -26.50 29.70
CA GLN H 82 -3.90 -26.39 28.79
C GLN H 82 -3.49 -27.73 28.19
N CYS H 83 -3.72 -28.85 28.92
CA CYS H 83 -3.41 -30.21 28.47
C CYS H 83 -4.30 -30.59 27.29
N ASP H 84 -5.56 -30.11 27.29
CA ASP H 84 -6.54 -30.38 26.24
C ASP H 84 -6.15 -29.72 24.93
N ASP H 85 -5.63 -28.47 24.98
CA ASP H 85 -5.18 -27.70 23.81
C ASP H 85 -4.01 -28.42 23.17
N PHE H 87 -3.33 -31.70 23.50
CA PHE H 87 -3.82 -32.98 22.98
C PHE H 87 -4.42 -32.84 21.58
N ALA H 88 -5.16 -31.74 21.32
CA ALA H 88 -5.79 -31.46 20.03
C ALA H 88 -4.79 -30.97 18.94
N ARG H 89 -3.71 -30.28 19.35
CA ARG H 89 -2.70 -29.76 18.45
C ARG H 89 -1.38 -30.53 18.61
N GLY H 90 -1.09 -31.40 17.66
CA GLY H 90 0.15 -32.20 17.67
C GLY H 90 -0.01 -33.46 16.85
N ALA H 91 0.57 -34.59 17.33
CA ALA H 91 0.46 -35.85 16.57
C ALA H 91 -0.24 -37.00 17.36
N SER H 92 -1.61 -37.05 17.30
CA SER H 92 -2.52 -37.98 18.03
C SER H 92 -2.35 -37.85 19.53
N HIS H 93 -1.31 -37.13 19.92
CA HIS H 93 -0.69 -36.85 21.18
C HIS H 93 -0.59 -38.08 22.05
N LEU H 94 0.58 -38.67 21.80
CA LEU H 94 1.13 -39.85 22.40
C LEU H 94 2.11 -39.39 23.47
N TRP H 95 2.09 -38.08 23.80
CA TRP H 95 2.85 -37.53 24.92
C TRP H 95 2.03 -38.01 26.12
N LEU H 96 2.34 -39.23 26.58
CA LEU H 96 1.63 -39.95 27.61
C LEU H 96 1.66 -39.24 28.98
N ASP H 97 2.70 -38.40 29.19
CA ASP H 97 2.87 -37.56 30.38
C ASP H 97 1.67 -36.63 30.58
N LEU H 98 1.06 -36.20 29.46
CA LEU H 98 -0.13 -35.35 29.39
C LEU H 98 -1.29 -35.98 30.18
N GLN H 99 -1.46 -37.31 30.04
CA GLN H 99 -2.47 -38.10 30.73
C GLN H 99 -2.19 -38.14 32.23
N TRP H 100 -0.90 -38.21 32.62
CA TRP H 100 -0.48 -38.21 34.02
C TRP H 100 -0.76 -36.85 34.65
N TYR H 101 -0.50 -35.76 33.90
CA TYR H 101 -0.76 -34.39 34.34
C TYR H 101 -2.24 -34.21 34.62
N ILE H 102 -3.11 -34.67 33.68
CA ILE H 102 -4.57 -34.62 33.79
C ILE H 102 -5.00 -35.39 35.03
N HIS H 103 -4.44 -36.60 35.20
CA HIS H 103 -4.72 -37.49 36.32
C HIS H 103 -4.45 -36.80 37.67
N GLN H 104 -3.23 -36.23 37.84
CA GLN H 104 -2.80 -35.51 39.04
C GLN H 104 -3.70 -34.32 39.35
N ALA H 105 -4.05 -33.52 38.32
CA ALA H 105 -4.92 -32.35 38.44
C ALA H 105 -6.32 -32.77 38.88
N LEU H 106 -6.81 -33.92 38.33
CA LEU H 106 -8.13 -34.44 38.68
C LEU H 106 -8.19 -34.96 40.10
N LEU H 107 -7.08 -35.51 40.60
CA LEU H 107 -6.99 -35.99 41.98
C LEU H 107 -7.01 -34.79 42.93
N GLN H 108 -6.17 -33.77 42.63
CA GLN H 108 -6.07 -32.55 43.42
C GLN H 108 -7.29 -31.64 43.33
N THR H 109 -8.10 -31.76 42.26
CA THR H 109 -9.33 -30.98 42.14
C THR H 109 -10.48 -31.70 42.92
N GLY H 110 -10.23 -32.94 43.32
CA GLY H 110 -11.18 -33.76 44.06
C GLY H 110 -11.99 -34.74 43.23
N LYS H 111 -12.09 -34.52 41.87
CA LYS H 111 -12.84 -35.36 40.93
C LYS H 111 -12.16 -36.74 40.76
N GLU H 112 -12.28 -37.59 41.81
CA GLU H 112 -11.67 -38.91 41.93
C GLU H 112 -12.22 -39.94 40.94
N ASN H 113 -13.55 -39.92 40.73
CA ASN H 113 -14.25 -40.81 39.81
C ASN H 113 -13.74 -40.56 38.37
N TYR H 114 -13.57 -39.26 37.99
CA TYR H 114 -13.08 -38.81 36.69
C TYR H 114 -11.65 -39.34 36.47
N ALA H 115 -10.75 -39.16 37.45
CA ALA H 115 -9.36 -39.60 37.44
C ALA H 115 -9.21 -41.12 37.21
N ALA H 116 -10.19 -41.90 37.73
CA ALA H 116 -10.19 -43.34 37.56
C ALA H 116 -10.45 -43.68 36.10
N ILE H 117 -11.41 -42.96 35.45
CA ILE H 117 -11.79 -43.12 34.04
C ILE H 117 -10.56 -42.89 33.15
N ILE H 118 -9.78 -41.83 33.43
CA ILE H 118 -8.56 -41.49 32.70
C ILE H 118 -7.59 -42.67 32.66
N GLN H 119 -7.41 -43.35 33.81
CA GLN H 119 -6.55 -44.53 33.94
C GLN H 119 -7.07 -45.66 33.06
N TYR H 120 -8.40 -45.92 33.11
CA TYR H 120 -9.07 -46.96 32.32
C TYR H 120 -8.94 -46.71 30.82
N ASP H 121 -9.07 -45.43 30.42
CA ASP H 121 -8.97 -44.97 29.04
C ASP H 121 -7.57 -45.28 28.49
N LEU H 122 -6.52 -44.94 29.28
CA LEU H 122 -5.12 -45.20 28.94
C LEU H 122 -4.83 -46.70 28.93
N LYS H 123 -5.35 -47.47 29.92
CA LYS H 123 -5.20 -48.92 30.02
C LYS H 123 -5.69 -49.59 28.74
N GLY H 124 -6.85 -49.16 28.24
CA GLY H 124 -7.45 -49.64 27.01
C GLY H 124 -6.58 -49.40 25.79
N LEU H 125 -6.00 -48.20 25.67
CA LEU H 125 -5.13 -47.81 24.57
C LEU H 125 -3.88 -48.69 24.55
N LEU H 126 -3.26 -48.87 25.71
CA LEU H 126 -2.03 -49.65 25.88
C LEU H 126 -2.28 -51.16 25.77
N LEU H 127 -3.54 -51.58 25.91
CA LEU H 127 -3.96 -52.96 25.74
C LEU H 127 -3.96 -53.23 24.23
N ARG H 128 -4.46 -52.26 23.45
CA ARG H 128 -4.53 -52.31 21.99
C ARG H 128 -3.14 -52.18 21.36
N LEU H 129 -2.35 -51.19 21.79
CA LEU H 129 -1.01 -50.92 21.26
C LEU H 129 -0.03 -51.16 22.41
N PRO H 130 0.56 -52.38 22.51
CA PRO H 130 1.36 -52.71 23.70
C PRO H 130 2.65 -51.89 23.96
N GLY H 131 3.58 -51.91 23.01
CA GLY H 131 4.87 -51.22 23.14
C GLY H 131 4.82 -49.70 23.09
N LEU H 132 3.61 -49.13 22.90
CA LEU H 132 3.40 -47.68 22.81
C LEU H 132 4.02 -46.91 23.99
N GLU H 133 3.79 -47.40 25.24
CA GLU H 133 4.27 -46.83 26.51
C GLU H 133 5.79 -46.56 26.51
N THR H 134 6.55 -47.48 25.91
CA THR H 134 8.01 -47.51 25.89
C THR H 134 8.67 -46.82 24.66
N LEU H 135 7.90 -46.36 23.67
CA LEU H 135 8.48 -45.69 22.50
C LEU H 135 8.98 -44.27 22.79
N ALA H 136 9.67 -43.65 21.79
CA ALA H 136 10.24 -42.30 21.87
C ALA H 136 10.08 -41.48 20.59
N PHE H 137 10.13 -40.14 20.71
CA PHE H 137 10.00 -39.16 19.62
C PHE H 137 11.29 -39.03 18.78
N ASN H 138 11.30 -38.06 17.82
CA ASN H 138 12.41 -37.68 16.93
C ASN H 138 13.72 -37.47 17.67
N ASP H 139 13.76 -36.49 18.59
CA ASP H 139 14.91 -36.09 19.40
C ASP H 139 15.38 -37.17 20.38
N GLY H 140 14.53 -38.16 20.65
CA GLY H 140 14.85 -39.25 21.56
C GLY H 140 14.08 -39.19 22.87
N PRO H 142 11.24 -39.73 25.43
CA PRO H 142 10.23 -40.81 25.51
C PRO H 142 8.80 -40.29 25.62
N PHE H 143 7.83 -41.11 25.17
CA PHE H 143 6.41 -40.79 25.26
C PHE H 143 6.01 -40.76 26.74
N ALA H 144 6.63 -41.65 27.54
CA ALA H 144 6.42 -41.77 28.98
C ALA H 144 7.76 -41.77 29.69
N ASP H 145 7.95 -40.84 30.64
CA ASP H 145 9.19 -40.76 31.42
C ASP H 145 9.10 -41.60 32.70
N ASP H 146 10.17 -41.60 33.52
CA ASP H 146 10.29 -42.35 34.77
C ASP H 146 9.04 -42.25 35.68
N VAL H 147 8.59 -41.01 35.97
CA VAL H 147 7.47 -40.70 36.87
C VAL H 147 6.12 -41.24 36.33
N THR H 148 5.89 -41.15 35.01
CA THR H 148 4.64 -41.57 34.39
C THR H 148 4.63 -43.06 34.05
N LEU H 149 5.78 -43.62 33.60
CA LEU H 149 5.89 -45.03 33.24
C LEU H 149 5.69 -45.91 34.47
N SER H 150 6.16 -45.42 35.65
CA SER H 150 5.99 -46.09 36.94
C SER H 150 4.49 -46.20 37.25
N TRP H 151 3.76 -45.07 37.06
CA TRP H 151 2.31 -44.96 37.24
C TRP H 151 1.55 -45.89 36.29
N ILE H 152 2.11 -46.13 35.10
CA ILE H 152 1.49 -46.99 34.10
C ILE H 152 1.60 -48.48 34.48
N GLN H 153 2.83 -48.97 34.74
CA GLN H 153 3.06 -50.40 35.03
C GLN H 153 2.50 -50.90 36.36
N GLN H 154 2.35 -50.03 37.37
CA GLN H 154 1.84 -50.51 38.66
C GLN H 154 0.43 -49.97 39.04
N GLN H 155 0.03 -48.80 38.52
CA GLN H 155 -1.28 -48.23 38.86
C GLN H 155 -2.37 -48.43 37.77
N VAL H 156 -2.03 -48.23 36.46
CA VAL H 156 -3.02 -48.38 35.36
C VAL H 156 -3.02 -49.84 34.80
N SER I 1 -27.62 -25.23 15.84
CA SER I 1 -26.30 -25.60 15.33
C SER I 1 -25.14 -24.97 16.12
N ALA I 2 -25.44 -24.37 17.29
CA ALA I 2 -24.48 -23.74 18.20
C ALA I 2 -25.13 -23.44 19.55
N ILE I 3 -24.34 -23.44 20.67
CA ILE I 3 -24.64 -23.24 22.12
C ILE I 3 -25.91 -24.01 22.60
N THR I 4 -27.11 -23.65 22.14
CA THR I 4 -28.36 -24.35 22.43
C THR I 4 -28.47 -25.44 21.33
N SER I 5 -29.64 -26.09 21.15
CA SER I 5 -29.86 -27.17 20.16
C SER I 5 -28.83 -28.30 20.33
N GLY I 6 -28.78 -28.85 21.55
CA GLY I 6 -27.92 -29.97 21.91
C GLY I 6 -28.34 -31.21 21.16
N GLN I 7 -29.59 -31.17 20.62
CA GLN I 7 -30.24 -32.17 19.80
C GLN I 7 -29.57 -32.17 18.41
N GLU I 8 -29.13 -30.96 17.96
CA GLU I 8 -28.41 -30.73 16.71
C GLU I 8 -26.95 -31.13 16.86
N LEU I 9 -26.38 -30.99 18.08
CA LEU I 9 -25.02 -31.41 18.44
C LEU I 9 -24.94 -32.93 18.27
N LEU I 10 -26.01 -33.64 18.68
CA LEU I 10 -26.15 -35.09 18.58
C LEU I 10 -26.15 -35.53 17.11
N SER I 11 -26.89 -34.80 16.23
CA SER I 11 -26.96 -35.11 14.80
C SER I 11 -25.65 -34.80 14.08
N GLN I 12 -24.92 -33.75 14.55
CA GLN I 12 -23.62 -33.36 14.00
C GLN I 12 -22.57 -34.39 14.43
N ALA I 13 -22.75 -34.96 15.63
CA ALA I 13 -21.87 -35.99 16.16
C ALA I 13 -22.15 -37.29 15.41
N ARG I 14 -23.43 -37.55 15.08
CA ARG I 14 -23.88 -38.74 14.36
C ARG I 14 -23.24 -38.83 12.99
N VAL I 15 -23.14 -37.69 12.27
CA VAL I 15 -22.56 -37.62 10.93
C VAL I 15 -21.05 -37.79 11.01
N LEU I 16 -20.45 -37.31 12.11
CA LEU I 16 -19.03 -37.43 12.40
C LEU I 16 -18.69 -38.89 12.71
N ALA I 17 -19.57 -39.59 13.45
CA ALA I 17 -19.41 -41.00 13.79
C ALA I 17 -19.62 -41.88 12.56
N LYS I 18 -20.54 -41.47 11.65
CA LYS I 18 -20.83 -42.19 10.39
C LYS I 18 -19.58 -42.29 9.52
N TYR I 19 -18.80 -41.19 9.47
CA TYR I 19 -17.53 -41.06 8.74
C TYR I 19 -16.58 -42.12 9.27
N LEU I 20 -16.29 -42.09 10.60
CA LEU I 20 -15.38 -42.99 11.28
C LEU I 20 -15.67 -44.47 11.07
N ARG I 21 -16.96 -44.85 11.13
CA ARG I 21 -17.41 -46.25 10.94
C ARG I 21 -17.02 -46.81 9.55
N ASP I 22 -17.15 -45.95 8.52
CA ASP I 22 -16.82 -46.26 7.12
C ASP I 22 -15.32 -46.42 6.88
N GLN I 23 -14.46 -45.79 7.71
CA GLN I 23 -12.99 -45.85 7.63
C GLN I 23 -12.51 -47.23 8.07
N PRO I 24 -11.34 -47.75 7.55
CA PRO I 24 -10.86 -49.08 7.99
C PRO I 24 -10.83 -49.31 9.50
N GLU I 25 -11.43 -50.42 9.91
CA GLU I 25 -11.60 -50.94 11.28
C GLU I 25 -11.97 -49.88 12.39
N GLY I 26 -12.42 -48.70 11.95
CA GLY I 26 -12.79 -47.58 12.81
C GLY I 26 -14.15 -47.64 13.46
N TRP I 27 -14.56 -48.84 13.95
CA TRP I 27 -15.82 -49.04 14.67
C TRP I 27 -15.69 -48.40 16.06
N LEU I 28 -14.60 -48.74 16.74
CA LEU I 28 -14.34 -48.34 18.11
C LEU I 28 -14.43 -46.84 18.23
N ALA I 29 -13.72 -46.11 17.34
CA ALA I 29 -13.73 -44.65 17.29
C ALA I 29 -15.14 -44.11 17.10
N ALA I 30 -15.93 -44.78 16.24
CA ALA I 30 -17.33 -44.42 15.95
C ALA I 30 -18.21 -44.72 17.15
N HIS I 31 -18.04 -45.91 17.74
CA HIS I 31 -18.81 -46.37 18.88
C HIS I 31 -18.60 -45.52 20.12
N ARG I 32 -17.32 -45.31 20.49
CA ARG I 32 -16.91 -44.57 21.69
C ARG I 32 -17.18 -43.07 21.61
N LEU I 33 -17.28 -42.49 20.39
CA LEU I 33 -17.60 -41.07 20.19
C LEU I 33 -19.04 -40.82 20.61
N LYS I 35 -20.72 -42.85 22.86
CA LYS I 35 -20.70 -43.08 24.29
C LYS I 35 -20.33 -41.77 25.03
N SER I 36 -19.27 -41.05 24.57
CA SER I 36 -18.82 -39.77 25.17
C SER I 36 -19.77 -38.59 24.94
N VAL I 37 -20.53 -38.64 23.83
CA VAL I 37 -21.48 -37.58 23.53
C VAL I 37 -22.85 -37.84 24.22
N ARG I 38 -23.14 -39.08 24.63
CA ARG I 38 -24.43 -39.43 25.25
C ARG I 38 -24.36 -39.74 26.74
N HIS I 39 -23.29 -40.42 27.19
CA HIS I 39 -23.09 -40.80 28.59
C HIS I 39 -22.30 -39.79 29.38
N ASP I 40 -21.21 -39.25 28.82
CA ASP I 40 -20.35 -38.29 29.53
C ASP I 40 -20.99 -36.90 29.64
N THR I 41 -22.18 -36.72 29.03
CA THR I 41 -22.97 -35.49 29.06
C THR I 41 -24.01 -35.56 30.18
N LEU I 42 -24.20 -36.75 30.76
CA LEU I 42 -25.13 -36.96 31.86
C LEU I 42 -24.44 -37.11 33.18
N HIS I 43 -24.64 -36.12 34.07
CA HIS I 43 -24.05 -36.06 35.41
C HIS I 43 -25.14 -36.14 36.46
N GLN I 44 -26.40 -36.22 35.98
CA GLN I 44 -27.61 -36.28 36.76
C GLN I 44 -28.09 -37.71 36.95
N LEU I 45 -28.43 -38.00 38.22
CA LEU I 45 -28.89 -39.24 38.85
C LEU I 45 -29.68 -40.23 37.97
N PRO I 46 -30.57 -39.70 37.12
CA PRO I 46 -31.92 -40.27 37.01
C PRO I 46 -32.53 -40.02 35.64
N PRO I 47 -31.98 -39.05 34.90
CA PRO I 47 -32.60 -37.71 34.81
C PRO I 47 -33.53 -37.32 35.97
N LEU I 48 -34.79 -37.81 35.98
CA LEU I 48 -35.80 -37.54 37.01
C LEU I 48 -36.45 -38.86 37.38
N SER I 49 -36.82 -39.01 38.66
CA SER I 49 -37.50 -40.21 39.12
C SER I 49 -38.85 -39.84 39.79
N ALA I 50 -39.98 -40.37 39.25
CA ALA I 50 -41.34 -40.18 39.76
C ALA I 50 -41.59 -41.24 40.88
N ASP I 51 -42.78 -41.88 40.92
CA ASP I 51 -43.04 -42.92 41.91
C ASP I 51 -42.55 -44.29 41.44
N GLY I 52 -41.23 -44.43 41.55
CA GLY I 52 -40.45 -45.58 41.13
C GLY I 52 -39.82 -45.36 39.76
N ARG I 53 -40.67 -45.33 38.74
CA ARG I 53 -40.31 -45.17 37.33
C ARG I 53 -39.70 -43.81 36.99
N THR I 54 -38.77 -43.80 36.03
CA THR I 54 -38.17 -42.59 35.50
C THR I 54 -39.12 -42.11 34.42
N ARG I 55 -39.11 -40.80 34.10
CA ARG I 55 -39.98 -40.25 33.04
C ARG I 55 -39.49 -40.66 31.62
N ILE I 56 -38.40 -41.45 31.54
CA ILE I 56 -37.76 -41.97 30.32
C ILE I 56 -38.54 -43.17 29.75
N ALA I 57 -38.94 -43.06 28.47
CA ALA I 57 -39.70 -44.07 27.73
C ALA I 57 -38.86 -45.31 27.36
N PRO I 58 -39.44 -46.55 27.42
CA PRO I 58 -38.68 -47.76 27.08
C PRO I 58 -38.17 -47.84 25.63
N PRO I 59 -37.22 -48.75 25.28
CA PRO I 59 -36.69 -48.78 23.90
C PRO I 59 -37.69 -49.10 22.79
N GLY I 60 -38.72 -49.90 23.09
CA GLY I 60 -39.71 -50.28 22.09
C GLY I 60 -39.65 -51.77 21.83
N PRO I 61 -40.78 -52.50 21.97
CA PRO I 61 -40.76 -53.97 21.80
C PRO I 61 -40.29 -54.46 20.43
N ASP I 62 -40.60 -53.67 19.39
CA ASP I 62 -40.24 -53.90 17.99
C ASP I 62 -38.73 -54.12 17.84
N ARG I 63 -37.93 -53.12 18.25
CA ARG I 63 -36.49 -53.13 18.14
C ARG I 63 -35.78 -54.04 19.14
N ARG I 64 -36.33 -54.20 20.37
CA ARG I 64 -35.69 -55.05 21.38
C ARG I 64 -35.87 -56.55 21.10
N ALA I 65 -36.96 -56.92 20.40
CA ALA I 65 -37.22 -58.31 19.98
C ALA I 65 -36.33 -58.64 18.79
N SER I 66 -36.03 -57.62 17.94
CA SER I 66 -35.17 -57.70 16.76
C SER I 66 -33.72 -58.04 17.14
N LEU I 67 -33.27 -57.59 18.32
CA LEU I 67 -31.92 -57.86 18.86
C LEU I 67 -31.81 -59.27 19.41
N LYS I 68 -32.88 -59.75 20.10
CA LYS I 68 -32.94 -61.13 20.64
C LYS I 68 -32.83 -62.13 19.49
N ARG I 69 -33.51 -61.83 18.34
CA ARG I 69 -33.50 -62.65 17.12
C ARG I 69 -32.09 -62.78 16.57
N LEU I 70 -31.36 -61.64 16.48
CA LEU I 70 -29.99 -61.58 15.99
C LEU I 70 -28.98 -62.31 16.89
N TYR I 71 -29.22 -62.30 18.22
CA TYR I 71 -28.39 -62.98 19.22
C TYR I 71 -28.58 -64.50 19.11
N LEU I 72 -29.85 -64.94 18.98
CA LEU I 72 -30.27 -66.32 18.80
C LEU I 72 -29.68 -66.84 17.48
N GLN I 73 -29.78 -66.02 16.39
CA GLN I 73 -29.25 -66.32 15.05
C GLN I 73 -27.72 -66.22 15.00
N GLN I 74 -27.08 -65.85 16.13
CA GLN I 74 -25.64 -65.66 16.33
C GLN I 74 -24.97 -64.76 15.23
N ASN I 75 -25.78 -63.86 14.63
CA ASN I 75 -25.35 -62.87 13.62
C ASN I 75 -24.76 -61.68 14.38
N TRP I 76 -23.57 -61.90 14.97
CA TRP I 76 -22.86 -60.97 15.84
C TRP I 76 -22.64 -59.57 15.27
N LEU I 77 -22.31 -59.47 13.97
CA LEU I 77 -22.02 -58.18 13.35
C LEU I 77 -23.24 -57.33 12.95
N SER I 78 -24.37 -57.94 12.58
CA SER I 78 -25.60 -57.19 12.26
C SER I 78 -26.25 -56.69 13.57
N LEU I 79 -25.91 -57.35 14.70
CA LEU I 79 -26.36 -57.01 16.07
C LEU I 79 -25.54 -55.79 16.50
N LEU I 80 -24.19 -55.90 16.39
CA LEU I 80 -23.22 -54.86 16.73
C LEU I 80 -23.59 -53.53 16.07
N GLU I 81 -23.96 -53.57 14.78
CA GLU I 81 -24.34 -52.36 14.07
C GLU I 81 -25.73 -51.84 14.48
N GLN I 82 -26.71 -52.74 14.76
CA GLN I 82 -28.09 -52.35 15.13
C GLN I 82 -28.15 -51.67 16.50
N CYS I 83 -27.22 -52.03 17.42
CA CYS I 83 -27.10 -51.46 18.76
C CYS I 83 -26.72 -49.98 18.70
N ASP I 84 -25.81 -49.60 17.78
CA ASP I 84 -25.34 -48.22 17.59
C ASP I 84 -26.45 -47.31 17.06
N ASP I 85 -27.33 -47.87 16.18
CA ASP I 85 -28.50 -47.19 15.61
C ASP I 85 -29.49 -46.91 16.73
N PHE I 87 -28.53 -46.86 20.03
CA PHE I 87 -27.84 -45.99 20.96
C PHE I 87 -27.98 -44.51 20.57
N ALA I 88 -27.89 -44.20 19.27
CA ALA I 88 -28.01 -42.83 18.74
C ALA I 88 -29.46 -42.31 18.72
N ARG I 89 -30.44 -43.22 18.53
CA ARG I 89 -31.86 -42.88 18.47
C ARG I 89 -32.57 -43.36 19.72
N GLY I 90 -32.78 -42.44 20.66
CA GLY I 90 -33.45 -42.72 21.92
C GLY I 90 -33.14 -41.67 22.95
N ALA I 91 -33.16 -42.07 24.24
CA ALA I 91 -32.88 -41.13 25.33
C ALA I 91 -31.55 -41.43 26.06
N SER I 92 -30.41 -40.88 25.54
CA SER I 92 -29.01 -41.06 26.00
C SER I 92 -28.58 -42.53 25.94
N HIS I 93 -29.59 -43.37 25.73
CA HIS I 93 -29.69 -44.81 25.74
C HIS I 93 -28.95 -45.44 26.89
N LEU I 94 -29.79 -45.54 27.92
CA LEU I 94 -29.55 -46.08 29.23
C LEU I 94 -30.10 -47.51 29.23
N TRP I 95 -30.45 -48.04 28.03
CA TRP I 95 -30.83 -49.43 27.86
C TRP I 95 -29.46 -50.13 27.95
N LEU I 96 -29.06 -50.44 29.19
CA LEU I 96 -27.77 -51.01 29.55
C LEU I 96 -27.52 -52.38 28.92
N ASP I 97 -28.60 -53.11 28.62
CA ASP I 97 -28.58 -54.41 27.96
C ASP I 97 -27.87 -54.33 26.60
N LEU I 98 -27.98 -53.16 25.93
CA LEU I 98 -27.35 -52.82 24.66
C LEU I 98 -25.82 -53.00 24.74
N GLN I 99 -25.22 -52.56 25.88
CA GLN I 99 -23.79 -52.67 26.17
C GLN I 99 -23.40 -54.14 26.34
N TRP I 100 -24.27 -54.95 26.97
CA TRP I 100 -24.05 -56.38 27.16
C TRP I 100 -24.06 -57.10 25.82
N TYR I 101 -25.01 -56.73 24.94
CA TYR I 101 -25.13 -57.29 23.60
C TYR I 101 -23.85 -57.03 22.80
N ILE I 102 -23.34 -55.77 22.83
CA ILE I 102 -22.11 -55.33 22.17
C ILE I 102 -20.94 -56.15 22.72
N HIS I 103 -20.88 -56.30 24.05
CA HIS I 103 -19.83 -57.05 24.74
C HIS I 103 -19.77 -58.52 24.26
N GLN I 104 -20.93 -59.22 24.27
CA GLN I 104 -21.06 -60.61 23.84
C GLN I 104 -20.63 -60.79 22.38
N ALA I 105 -21.08 -59.86 21.49
CA ALA I 105 -20.75 -59.87 20.07
C ALA I 105 -19.25 -59.69 19.87
N LEU I 106 -18.62 -58.80 20.67
CA LEU I 106 -17.19 -58.53 20.61
C LEU I 106 -16.35 -59.70 21.06
N LEU I 107 -16.85 -60.47 22.04
CA LEU I 107 -16.16 -61.66 22.53
C LEU I 107 -16.20 -62.74 21.45
N GLN I 108 -17.41 -62.97 20.89
CA GLN I 108 -17.65 -63.97 19.85
C GLN I 108 -17.03 -63.60 18.49
N THR I 109 -16.77 -62.29 18.24
CA THR I 109 -16.12 -61.86 17.01
C THR I 109 -14.59 -61.98 17.15
N GLY I 110 -14.12 -62.24 18.38
CA GLY I 110 -12.72 -62.41 18.69
C GLY I 110 -12.01 -61.19 19.24
N LYS I 111 -12.56 -59.97 18.99
CA LYS I 111 -12.00 -58.68 19.45
C LYS I 111 -12.10 -58.54 21.00
N GLU I 112 -11.23 -59.28 21.70
CA GLU I 112 -11.17 -59.38 23.17
C GLU I 112 -10.75 -58.09 23.84
N ASN I 113 -9.74 -57.41 23.28
CA ASN I 113 -9.21 -56.14 23.79
C ASN I 113 -10.31 -55.07 23.75
N TYR I 114 -11.10 -55.03 22.64
CA TYR I 114 -12.22 -54.10 22.42
C TYR I 114 -13.30 -54.33 23.50
N ALA I 115 -13.68 -55.60 23.73
CA ALA I 115 -14.67 -56.02 24.73
C ALA I 115 -14.31 -55.58 26.16
N ALA I 116 -12.99 -55.56 26.48
CA ALA I 116 -12.50 -55.13 27.79
C ALA I 116 -12.77 -53.64 27.97
N ILE I 117 -12.52 -52.83 26.91
CA ILE I 117 -12.73 -51.38 26.87
C ILE I 117 -14.20 -51.06 27.17
N ILE I 118 -15.13 -51.78 26.52
CA ILE I 118 -16.58 -51.63 26.71
C ILE I 118 -16.96 -51.73 28.19
N GLN I 119 -16.37 -52.73 28.90
CA GLN I 119 -16.60 -52.96 30.33
C GLN I 119 -16.09 -51.76 31.14
N TYR I 120 -14.88 -51.27 30.83
CA TYR I 120 -14.27 -50.10 31.49
C TYR I 120 -15.09 -48.85 31.30
N ASP I 121 -15.63 -48.66 30.07
CA ASP I 121 -16.45 -47.52 29.69
C ASP I 121 -17.72 -47.49 30.53
N LEU I 122 -18.40 -48.66 30.66
CA LEU I 122 -19.60 -48.83 31.47
C LEU I 122 -19.29 -48.65 32.95
N LYS I 123 -18.14 -49.22 33.44
CA LYS I 123 -17.70 -49.11 34.84
C LYS I 123 -17.59 -47.65 35.22
N GLY I 124 -16.99 -46.85 34.35
CA GLY I 124 -16.82 -45.41 34.52
C GLY I 124 -18.14 -44.67 34.66
N LEU I 125 -19.12 -45.00 33.81
CA LEU I 125 -20.46 -44.39 33.81
C LEU I 125 -21.16 -44.67 35.14
N LEU I 126 -21.13 -45.94 35.58
CA LEU I 126 -21.78 -46.39 36.80
C LEU I 126 -21.05 -45.96 38.06
N LEU I 127 -19.79 -45.55 37.90
CA LEU I 127 -18.98 -45.00 38.99
C LEU I 127 -19.47 -43.58 39.23
N ARG I 128 -19.73 -42.84 38.14
CA ARG I 128 -20.26 -41.48 38.15
C ARG I 128 -21.72 -41.41 38.60
N LEU I 129 -22.59 -42.26 38.01
CA LEU I 129 -24.00 -42.31 38.33
C LEU I 129 -24.27 -43.65 38.98
N PRO I 130 -24.26 -43.71 40.33
CA PRO I 130 -24.35 -45.00 41.02
C PRO I 130 -25.61 -45.83 40.79
N GLY I 131 -26.75 -45.29 41.17
CA GLY I 131 -28.03 -45.98 41.06
C GLY I 131 -28.52 -46.27 39.66
N LEU I 132 -27.82 -45.78 38.63
CA LEU I 132 -28.22 -45.93 37.24
C LEU I 132 -28.53 -47.38 36.83
N GLU I 133 -27.65 -48.32 37.19
CA GLU I 133 -27.74 -49.76 36.91
C GLU I 133 -29.10 -50.36 37.29
N THR I 134 -29.62 -49.93 38.45
CA THR I 134 -30.81 -50.43 39.11
C THR I 134 -32.14 -49.69 38.77
N LEU I 135 -32.08 -48.57 38.02
CA LEU I 135 -33.30 -47.82 37.67
C LEU I 135 -34.15 -48.52 36.60
N ALA I 136 -35.37 -47.99 36.35
CA ALA I 136 -36.32 -48.53 35.38
C ALA I 136 -37.05 -47.43 34.58
N PHE I 137 -37.56 -47.82 33.39
CA PHE I 137 -38.29 -46.95 32.44
C PHE I 137 -39.75 -46.69 32.89
N ASN I 138 -40.53 -46.01 32.00
CA ASN I 138 -41.96 -45.67 32.13
C ASN I 138 -42.82 -46.86 32.52
N ASP I 139 -42.85 -47.90 31.66
CA ASP I 139 -43.62 -49.13 31.81
C ASP I 139 -43.19 -50.01 33.01
N GLY I 140 -41.99 -49.76 33.54
CA GLY I 140 -41.44 -50.50 34.66
C GLY I 140 -40.30 -51.41 34.27
N PRO I 142 -36.69 -52.60 33.49
CA PRO I 142 -35.41 -52.10 34.02
C PRO I 142 -34.41 -51.77 32.92
N PHE I 143 -33.46 -50.86 33.24
CA PHE I 143 -32.37 -50.48 32.34
C PHE I 143 -31.45 -51.69 32.16
N ALA I 144 -31.29 -52.49 33.22
CA ALA I 144 -30.49 -53.70 33.25
C ALA I 144 -31.31 -54.85 33.83
N ASP I 145 -31.43 -55.96 33.07
CA ASP I 145 -32.15 -57.13 33.54
C ASP I 145 -31.22 -58.11 34.27
N ASP I 146 -31.77 -59.23 34.76
CA ASP I 146 -31.06 -60.28 35.51
C ASP I 146 -29.71 -60.69 34.88
N VAL I 147 -29.70 -61.02 33.58
CA VAL I 147 -28.52 -61.48 32.83
C VAL I 147 -27.41 -60.39 32.74
N THR I 148 -27.81 -59.12 32.53
CA THR I 148 -26.86 -58.01 32.37
C THR I 148 -26.42 -57.44 33.71
N LEU I 149 -27.33 -57.34 34.70
CA LEU I 149 -27.03 -56.80 36.02
C LEU I 149 -26.02 -57.68 36.72
N SER I 150 -26.10 -59.01 36.50
CA SER I 150 -25.18 -60.00 37.06
C SER I 150 -23.76 -59.72 36.51
N TRP I 151 -23.68 -59.49 35.18
CA TRP I 151 -22.45 -59.15 34.47
C TRP I 151 -21.86 -57.84 34.98
N ILE I 152 -22.71 -56.90 35.42
CA ILE I 152 -22.29 -55.61 35.93
C ILE I 152 -21.66 -55.73 37.32
N GLN I 153 -22.36 -56.33 38.29
CA GLN I 153 -21.88 -56.40 39.69
C GLN I 153 -20.70 -57.34 39.93
N GLN I 154 -20.49 -58.36 39.07
CA GLN I 154 -19.35 -59.26 39.30
C GLN I 154 -18.25 -59.17 38.23
N GLN I 155 -18.56 -58.78 36.99
CA GLN I 155 -17.55 -58.69 35.93
C GLN I 155 -17.04 -57.26 35.65
N VAL I 156 -17.94 -56.24 35.58
CA VAL I 156 -17.52 -54.84 35.30
C VAL I 156 -17.21 -54.06 36.62
N SER J 1 29.41 -14.02 -28.23
CA SER J 1 28.68 -12.79 -27.92
C SER J 1 28.64 -11.79 -29.11
N ALA J 2 29.06 -12.23 -30.32
CA ALA J 2 29.08 -11.46 -31.56
C ALA J 2 29.30 -12.39 -32.77
N ILE J 3 28.79 -11.99 -33.98
CA ILE J 3 28.78 -12.66 -35.32
C ILE J 3 28.40 -14.18 -35.25
N THR J 4 29.26 -15.05 -34.67
CA THR J 4 28.97 -16.46 -34.45
C THR J 4 28.23 -16.51 -33.07
N SER J 5 28.10 -17.70 -32.45
CA SER J 5 27.38 -17.90 -31.16
C SER J 5 25.94 -17.34 -31.24
N GLY J 6 25.16 -17.91 -32.16
CA GLY J 6 23.76 -17.59 -32.38
C GLY J 6 22.90 -17.99 -31.20
N GLN J 7 23.46 -18.90 -30.37
CA GLN J 7 22.89 -19.46 -29.12
C GLN J 7 23.01 -18.45 -27.96
N GLU J 8 24.07 -17.58 -28.02
CA GLU J 8 24.37 -16.50 -27.08
C GLU J 8 23.42 -15.34 -27.37
N LEU J 9 23.08 -15.13 -28.67
CA LEU J 9 22.15 -14.10 -29.17
C LEU J 9 20.75 -14.36 -28.59
N LEU J 10 20.43 -15.63 -28.37
CA LEU J 10 19.16 -16.07 -27.79
C LEU J 10 19.11 -15.75 -26.29
N SER J 11 20.21 -16.00 -25.55
CA SER J 11 20.29 -15.74 -24.11
C SER J 11 20.33 -14.24 -23.81
N GLN J 12 20.97 -13.45 -24.71
CA GLN J 12 21.04 -11.99 -24.58
C GLN J 12 19.68 -11.38 -24.90
N ALA J 13 18.92 -12.05 -25.78
CA ALA J 13 17.58 -11.65 -26.16
C ALA J 13 16.64 -11.98 -25.00
N ARG J 14 16.88 -13.15 -24.36
CA ARG J 14 16.09 -13.65 -23.23
C ARG J 14 16.12 -12.68 -22.08
N VAL J 15 17.31 -12.11 -21.78
CA VAL J 15 17.50 -11.14 -20.68
C VAL J 15 16.84 -9.81 -21.03
N LEU J 16 16.82 -9.47 -22.33
CA LEU J 16 16.18 -8.27 -22.85
C LEU J 16 14.66 -8.40 -22.75
N ALA J 17 14.13 -9.60 -23.04
CA ALA J 17 12.71 -9.91 -22.96
C ALA J 17 12.26 -9.97 -21.51
N LYS J 18 13.14 -10.47 -20.60
CA LYS J 18 12.89 -10.58 -19.16
C LYS J 18 12.58 -9.21 -18.58
N TYR J 19 13.33 -8.18 -19.02
CA TYR J 19 13.19 -6.78 -18.63
C TYR J 19 11.77 -6.33 -18.97
N LEU J 20 11.40 -6.40 -20.27
CA LEU J 20 10.11 -5.99 -20.82
C LEU J 20 8.92 -6.60 -20.11
N ARG J 21 8.98 -7.92 -19.80
CA ARG J 21 7.91 -8.65 -19.12
C ARG J 21 7.61 -8.07 -17.74
N ASP J 22 8.68 -7.70 -17.00
CA ASP J 22 8.61 -7.13 -15.65
C ASP J 22 8.01 -5.70 -15.61
N GLN J 23 8.07 -4.97 -16.75
CA GLN J 23 7.52 -3.62 -16.89
C GLN J 23 6.00 -3.69 -16.98
N PRO J 24 5.25 -2.65 -16.53
CA PRO J 24 3.77 -2.72 -16.58
C PRO J 24 3.19 -2.99 -17.97
N GLU J 25 2.28 -3.97 -18.04
CA GLU J 25 1.58 -4.48 -19.23
C GLU J 25 2.52 -4.77 -20.46
N GLY J 26 3.80 -4.99 -20.21
CA GLY J 26 4.80 -5.28 -21.23
C GLY J 26 4.98 -6.74 -21.62
N TRP J 27 3.88 -7.53 -21.66
CA TRP J 27 3.93 -8.95 -22.04
C TRP J 27 4.17 -9.06 -23.54
N LEU J 28 3.33 -8.34 -24.29
CA LEU J 28 3.30 -8.39 -25.74
C LEU J 28 4.70 -8.12 -26.29
N ALA J 29 5.33 -7.02 -25.81
CA ALA J 29 6.68 -6.63 -26.22
C ALA J 29 7.67 -7.75 -25.94
N ALA J 30 7.52 -8.41 -24.77
CA ALA J 30 8.37 -9.51 -24.33
C ALA J 30 8.10 -10.76 -25.16
N HIS J 31 6.82 -11.07 -25.38
CA HIS J 31 6.40 -12.23 -26.14
C HIS J 31 6.83 -12.18 -27.63
N ARG J 32 6.51 -11.06 -28.28
CA ARG J 32 6.77 -10.84 -29.70
C ARG J 32 8.27 -10.68 -30.03
N LEU J 33 9.10 -10.29 -29.05
CA LEU J 33 10.55 -10.14 -29.22
C LEU J 33 11.16 -11.52 -29.41
N LYS J 35 9.35 -14.24 -30.56
CA LYS J 35 8.81 -14.69 -31.84
C LYS J 35 9.69 -14.21 -32.99
N SER J 36 10.09 -12.93 -32.99
CA SER J 36 10.96 -12.37 -34.02
C SER J 36 12.39 -12.97 -33.98
N VAL J 37 12.93 -13.21 -32.79
CA VAL J 37 14.27 -13.75 -32.64
C VAL J 37 14.33 -15.28 -32.94
N ARG J 38 13.18 -15.98 -32.89
CA ARG J 38 13.15 -17.43 -33.12
C ARG J 38 12.50 -17.85 -34.44
N HIS J 39 11.43 -17.16 -34.86
CA HIS J 39 10.70 -17.48 -36.08
C HIS J 39 11.20 -16.74 -37.30
N ASP J 40 11.44 -15.43 -37.17
CA ASP J 40 11.88 -14.61 -38.29
C ASP J 40 13.36 -14.85 -38.68
N THR J 41 14.05 -15.72 -37.92
CA THR J 41 15.44 -16.15 -38.18
C THR J 41 15.44 -17.43 -39.01
N LEU J 42 14.26 -18.08 -39.15
CA LEU J 42 14.13 -19.31 -39.92
C LEU J 42 13.46 -19.09 -41.26
N HIS J 43 14.25 -19.27 -42.34
CA HIS J 43 13.83 -19.06 -43.73
C HIS J 43 13.85 -20.38 -44.50
N GLN J 44 14.27 -21.48 -43.84
CA GLN J 44 14.36 -22.81 -44.43
C GLN J 44 13.20 -23.70 -44.03
N LEU J 45 12.48 -24.21 -45.05
CA LEU J 45 11.26 -25.04 -45.02
C LEU J 45 11.15 -26.06 -43.90
N PRO J 46 12.29 -26.66 -43.49
CA PRO J 46 12.24 -27.96 -42.81
C PRO J 46 12.96 -27.95 -41.46
N PRO J 47 13.88 -26.99 -41.22
CA PRO J 47 15.32 -27.31 -41.22
C PRO J 47 15.73 -28.46 -42.15
N LEU J 48 15.56 -29.73 -41.70
CA LEU J 48 15.86 -30.92 -42.51
C LEU J 48 14.81 -31.97 -42.23
N SER J 49 14.34 -32.64 -43.29
CA SER J 49 13.35 -33.70 -43.17
C SER J 49 13.94 -35.03 -43.65
N ALA J 50 13.96 -36.06 -42.76
CA ALA J 50 14.46 -37.41 -43.05
C ALA J 50 13.29 -38.22 -43.67
N ASP J 51 13.09 -39.49 -43.26
CA ASP J 51 11.98 -40.29 -43.77
C ASP J 51 10.71 -40.05 -42.97
N GLY J 52 10.11 -38.90 -43.27
CA GLY J 52 8.91 -38.38 -42.62
C GLY J 52 9.26 -37.33 -41.57
N ARG J 53 9.87 -37.81 -40.46
CA ARG J 53 10.28 -37.03 -39.30
C ARG J 53 11.38 -36.02 -39.57
N THR J 54 11.32 -34.87 -38.86
CA THR J 54 12.36 -33.85 -38.91
C THR J 54 13.37 -34.28 -37.86
N ARG J 55 14.63 -33.84 -38.01
CA ARG J 55 15.69 -34.17 -37.05
C ARG J 55 15.52 -33.41 -35.70
N ILE J 56 14.45 -32.58 -35.58
CA ILE J 56 14.08 -31.76 -34.42
C ILE J 56 13.38 -32.63 -33.34
N ALA J 57 13.94 -32.62 -32.11
CA ALA J 57 13.42 -33.38 -30.98
C ALA J 57 12.11 -32.79 -30.39
N PRO J 58 11.15 -33.66 -29.92
CA PRO J 58 9.86 -33.15 -29.36
C PRO J 58 9.96 -32.29 -28.10
N PRO J 59 8.88 -31.57 -27.67
CA PRO J 59 9.00 -30.69 -26.49
C PRO J 59 9.31 -31.35 -25.16
N GLY J 60 8.86 -32.58 -24.96
CA GLY J 60 9.07 -33.29 -23.70
C GLY J 60 7.76 -33.53 -22.98
N PRO J 61 7.44 -34.82 -22.66
CA PRO J 61 6.14 -35.13 -22.04
C PRO J 61 5.86 -34.45 -20.73
N ASP J 62 6.92 -34.22 -19.93
CA ASP J 62 6.88 -33.56 -18.64
C ASP J 62 6.21 -32.19 -18.72
N ARG J 63 6.77 -31.30 -19.55
CA ARG J 63 6.31 -29.94 -19.72
C ARG J 63 5.03 -29.82 -20.56
N ARG J 64 4.78 -30.72 -21.52
CA ARG J 64 3.56 -30.64 -22.35
C ARG J 64 2.30 -31.12 -21.59
N ALA J 65 2.48 -32.01 -20.60
CA ALA J 65 1.41 -32.49 -19.74
C ALA J 65 1.07 -31.41 -18.71
N SER J 66 2.11 -30.63 -18.29
CA SER J 66 2.01 -29.51 -17.34
C SER J 66 1.13 -28.38 -17.90
N LEU J 67 1.12 -28.19 -19.24
CA LEU J 67 0.31 -27.19 -19.95
C LEU J 67 -1.16 -27.62 -20.04
N LYS J 68 -1.41 -28.92 -20.30
CA LYS J 68 -2.75 -29.48 -20.35
C LYS J 68 -3.44 -29.31 -18.98
N ARG J 69 -2.67 -29.51 -17.87
CA ARG J 69 -3.12 -29.34 -16.48
C ARG J 69 -3.58 -27.90 -16.23
N LEU J 70 -2.76 -26.90 -16.66
CA LEU J 70 -3.06 -25.48 -16.50
C LEU J 70 -4.27 -25.02 -17.31
N TYR J 71 -4.48 -25.62 -18.50
CA TYR J 71 -5.61 -25.34 -19.39
C TYR J 71 -6.90 -25.84 -18.75
N LEU J 72 -6.87 -27.07 -18.21
CA LEU J 72 -8.01 -27.70 -17.53
C LEU J 72 -8.32 -26.94 -16.25
N GLN J 73 -7.27 -26.53 -15.51
CA GLN J 73 -7.39 -25.73 -14.28
C GLN J 73 -7.80 -24.29 -14.59
N GLN J 74 -7.94 -23.93 -15.90
CA GLN J 74 -8.30 -22.61 -16.44
C GLN J 74 -7.43 -21.45 -15.85
N ASN J 75 -6.20 -21.78 -15.39
CA ASN J 75 -5.23 -20.82 -14.85
C ASN J 75 -4.49 -20.21 -16.05
N TRP J 76 -5.14 -19.23 -16.70
CA TRP J 76 -4.67 -18.56 -17.92
C TRP J 76 -3.36 -17.81 -17.74
N LEU J 77 -3.26 -17.04 -16.64
CA LEU J 77 -2.10 -16.23 -16.33
C LEU J 77 -0.80 -17.01 -16.22
N SER J 78 -0.86 -18.20 -15.58
CA SER J 78 0.30 -19.07 -15.41
C SER J 78 0.63 -19.82 -16.71
N LEU J 79 -0.42 -20.26 -17.46
CA LEU J 79 -0.27 -20.98 -18.73
C LEU J 79 0.47 -20.08 -19.73
N LEU J 80 0.07 -18.80 -19.77
CA LEU J 80 0.64 -17.77 -20.63
C LEU J 80 2.12 -17.56 -20.31
N GLU J 81 2.44 -17.49 -19.01
CA GLU J 81 3.78 -17.31 -18.49
C GLU J 81 4.67 -18.55 -18.74
N GLN J 82 4.09 -19.77 -18.67
CA GLN J 82 4.80 -21.03 -18.88
C GLN J 82 5.07 -21.33 -20.34
N CYS J 83 4.21 -20.83 -21.24
CA CYS J 83 4.37 -21.02 -22.68
C CYS J 83 5.58 -20.26 -23.21
N ASP J 84 5.87 -19.09 -22.60
CA ASP J 84 7.00 -18.25 -22.96
C ASP J 84 8.33 -18.91 -22.62
N ASP J 85 8.41 -19.59 -21.45
CA ASP J 85 9.60 -20.33 -20.98
C ASP J 85 9.89 -21.47 -21.92
N PHE J 87 8.90 -21.64 -25.14
CA PHE J 87 9.26 -21.08 -26.44
C PHE J 87 10.74 -20.73 -26.51
N ALA J 88 11.30 -20.21 -25.41
CA ALA J 88 12.72 -19.81 -25.31
C ALA J 88 13.68 -21.00 -25.14
N ARG J 89 13.21 -22.07 -24.51
CA ARG J 89 14.01 -23.27 -24.30
C ARG J 89 13.52 -24.43 -25.17
N GLY J 90 14.20 -24.66 -26.27
CA GLY J 90 13.87 -25.73 -27.22
C GLY J 90 14.45 -25.45 -28.58
N ALA J 91 13.81 -25.94 -29.65
CA ALA J 91 14.33 -25.73 -31.00
C ALA J 91 13.47 -24.79 -31.88
N SER J 92 13.73 -23.44 -31.79
CA SER J 92 13.00 -22.32 -32.45
C SER J 92 11.53 -22.28 -32.04
N HIS J 93 11.14 -23.37 -31.38
CA HIS J 93 9.86 -23.84 -30.93
C HIS J 93 8.79 -23.63 -31.95
N LEU J 94 8.72 -24.71 -32.72
CA LEU J 94 7.84 -24.97 -33.82
C LEU J 94 6.71 -25.83 -33.26
N TRP J 95 6.62 -25.95 -31.91
CA TRP J 95 5.52 -26.61 -31.22
C TRP J 95 4.41 -25.56 -31.37
N LEU J 96 3.70 -25.63 -32.50
CA LEU J 96 2.66 -24.69 -32.92
C LEU J 96 1.49 -24.63 -31.95
N ASP J 97 1.26 -25.73 -31.21
CA ASP J 97 0.23 -25.86 -30.19
C ASP J 97 0.39 -24.78 -29.10
N LEU J 98 1.65 -24.41 -28.83
CA LEU J 98 2.06 -23.38 -27.88
C LEU J 98 1.37 -22.05 -28.20
N GLN J 99 1.30 -21.70 -29.50
CA GLN J 99 0.65 -20.50 -30.02
C GLN J 99 -0.86 -20.56 -29.79
N TRP J 100 -1.45 -21.75 -29.95
CA TRP J 100 -2.88 -21.98 -29.71
C TRP J 100 -3.21 -21.80 -28.24
N TYR J 101 -2.34 -22.32 -27.35
CA TYR J 101 -2.48 -22.21 -25.90
C TYR J 101 -2.48 -20.74 -25.48
N ILE J 102 -1.50 -19.96 -26.02
CA ILE J 102 -1.36 -18.51 -25.78
C ILE J 102 -2.63 -17.80 -26.26
N HIS J 103 -3.10 -18.14 -27.47
CA HIS J 103 -4.31 -17.59 -28.08
C HIS J 103 -5.53 -17.77 -27.19
N GLN J 104 -5.80 -19.02 -26.75
CA GLN J 104 -6.92 -19.40 -25.87
C GLN J 104 -6.87 -18.63 -24.55
N ALA J 105 -5.67 -18.54 -23.93
CA ALA J 105 -5.46 -17.83 -22.68
C ALA J 105 -5.73 -16.34 -22.85
N LEU J 106 -5.32 -15.77 -24.01
CA LEU J 106 -5.54 -14.34 -24.31
C LEU J 106 -7.00 -14.01 -24.54
N LEU J 107 -7.77 -14.97 -25.11
CA LEU J 107 -9.19 -14.79 -25.32
C LEU J 107 -9.91 -14.81 -23.98
N GLN J 108 -9.59 -15.82 -23.14
CA GLN J 108 -10.16 -15.99 -21.82
C GLN J 108 -9.72 -14.93 -20.80
N THR J 109 -8.57 -14.27 -21.05
CA THR J 109 -8.12 -13.19 -20.17
C THR J 109 -8.79 -11.86 -20.57
N GLY J 110 -9.46 -11.86 -21.73
CA GLY J 110 -10.16 -10.71 -22.26
C GLY J 110 -9.40 -9.90 -23.30
N LYS J 111 -8.04 -9.99 -23.32
CA LYS J 111 -7.17 -9.27 -24.26
C LYS J 111 -7.36 -9.77 -25.72
N GLU J 112 -8.49 -9.37 -26.33
CA GLU J 112 -8.92 -9.76 -27.68
C GLU J 112 -8.05 -9.22 -28.79
N ASN J 113 -7.63 -7.95 -28.66
CA ASN J 113 -6.78 -7.26 -29.64
C ASN J 113 -5.41 -7.99 -29.73
N TYR J 114 -4.85 -8.39 -28.54
CA TYR J 114 -3.58 -9.13 -28.41
C TYR J 114 -3.67 -10.48 -29.13
N ALA J 115 -4.75 -11.24 -28.87
CA ALA J 115 -5.05 -12.55 -29.46
C ALA J 115 -5.11 -12.50 -31.00
N ALA J 116 -5.59 -11.36 -31.56
CA ALA J 116 -5.67 -11.16 -33.01
C ALA J 116 -4.27 -11.08 -33.60
N ILE J 117 -3.36 -10.33 -32.91
CA ILE J 117 -1.95 -10.16 -33.28
C ILE J 117 -1.24 -11.52 -33.38
N ILE J 118 -1.45 -12.38 -32.35
CA ILE J 118 -0.87 -13.73 -32.28
C ILE J 118 -1.19 -14.54 -33.57
N GLN J 119 -2.45 -14.46 -34.03
CA GLN J 119 -2.93 -15.12 -35.24
C GLN J 119 -2.19 -14.58 -36.46
N TYR J 120 -2.07 -13.23 -36.57
CA TYR J 120 -1.36 -12.55 -37.66
C TYR J 120 0.11 -12.95 -37.72
N ASP J 121 0.75 -13.04 -36.53
CA ASP J 121 2.16 -13.41 -36.35
C ASP J 121 2.40 -14.82 -36.91
N LEU J 122 1.52 -15.77 -36.54
CA LEU J 122 1.58 -17.16 -37.01
C LEU J 122 1.29 -17.25 -38.50
N LYS J 123 0.28 -16.48 -39.00
CA LYS J 123 -0.11 -16.43 -40.42
C LYS J 123 1.11 -16.07 -41.27
N GLY J 124 1.86 -15.06 -40.82
CA GLY J 124 3.08 -14.59 -41.47
C GLY J 124 4.16 -15.65 -41.57
N LEU J 125 4.37 -16.41 -40.47
CA LEU J 125 5.37 -17.48 -40.41
C LEU J 125 5.02 -18.58 -41.41
N LEU J 126 3.75 -19.00 -41.42
CA LEU J 126 3.26 -20.06 -42.30
C LEU J 126 3.15 -19.62 -43.76
N LEU J 127 3.13 -18.31 -44.00
CA LEU J 127 3.13 -17.74 -45.33
C LEU J 127 4.54 -17.92 -45.90
N ARG J 128 5.55 -17.66 -45.05
CA ARG J 128 6.97 -17.79 -45.38
C ARG J 128 7.39 -19.26 -45.53
N LEU J 129 7.04 -20.10 -44.56
CA LEU J 129 7.37 -21.53 -44.56
C LEU J 129 6.05 -22.29 -44.67
N PRO J 130 5.68 -22.70 -45.91
CA PRO J 130 4.34 -23.30 -46.13
C PRO J 130 4.03 -24.61 -45.40
N GLY J 131 4.79 -25.65 -45.71
CA GLY J 131 4.58 -26.98 -45.14
C GLY J 131 4.85 -27.12 -43.66
N LEU J 132 5.33 -26.05 -42.99
CA LEU J 132 5.67 -26.06 -41.58
C LEU J 132 4.55 -26.59 -40.67
N GLU J 133 3.30 -26.13 -40.90
CA GLU J 133 2.10 -26.50 -40.14
C GLU J 133 1.87 -28.01 -40.05
N THR J 134 2.18 -28.71 -41.16
CA THR J 134 1.95 -30.14 -41.34
C THR J 134 3.14 -31.06 -40.97
N LEU J 135 4.30 -30.52 -40.62
CA LEU J 135 5.46 -31.35 -40.27
C LEU J 135 5.34 -32.01 -38.87
N ALA J 136 6.30 -32.91 -38.55
CA ALA J 136 6.36 -33.64 -37.27
C ALA J 136 7.79 -33.79 -36.72
N PHE J 137 7.91 -34.01 -35.40
CA PHE J 137 9.16 -34.17 -34.65
C PHE J 137 9.79 -35.58 -34.83
N ASN J 138 10.90 -35.84 -34.09
CA ASN J 138 11.66 -37.10 -34.00
C ASN J 138 10.77 -38.32 -33.79
N ASP J 139 10.03 -38.35 -32.66
CA ASP J 139 9.13 -39.42 -32.23
C ASP J 139 7.90 -39.62 -33.15
N GLY J 140 7.61 -38.62 -33.99
CA GLY J 140 6.47 -38.65 -34.90
C GLY J 140 5.35 -37.73 -34.50
N PRO J 142 3.23 -34.46 -34.15
CA PRO J 142 3.13 -33.32 -35.07
C PRO J 142 3.37 -31.98 -34.39
N PHE J 143 3.81 -30.98 -35.18
CA PHE J 143 4.01 -29.61 -34.71
C PHE J 143 2.65 -29.01 -34.36
N ALA J 144 1.62 -29.38 -35.14
CA ALA J 144 0.24 -28.96 -34.94
C ALA J 144 -0.68 -30.19 -34.96
N ASP J 145 -1.47 -30.37 -33.88
CA ASP J 145 -2.41 -31.47 -33.79
C ASP J 145 -3.80 -31.08 -34.35
N ASP J 146 -4.77 -32.02 -34.30
CA ASP J 146 -6.15 -31.85 -34.80
C ASP J 146 -6.79 -30.51 -34.38
N VAL J 147 -6.78 -30.20 -33.07
CA VAL J 147 -7.40 -29.02 -32.47
C VAL J 147 -6.76 -27.70 -32.96
N THR J 148 -5.43 -27.68 -33.11
CA THR J 148 -4.68 -26.47 -33.49
C THR J 148 -4.62 -26.30 -35.01
N LEU J 149 -4.46 -27.40 -35.76
CA LEU J 149 -4.39 -27.37 -37.23
C LEU J 149 -5.70 -26.86 -37.82
N SER J 150 -6.85 -27.22 -37.17
CA SER J 150 -8.18 -26.78 -37.55
C SER J 150 -8.26 -25.25 -37.41
N TRP J 151 -7.75 -24.72 -36.27
CA TRP J 151 -7.68 -23.29 -35.97
C TRP J 151 -6.79 -22.55 -36.98
N ILE J 152 -5.77 -23.22 -37.50
CA ILE J 152 -4.85 -22.64 -38.47
C ILE J 152 -5.49 -22.47 -39.86
N GLN J 153 -6.04 -23.56 -40.42
CA GLN J 153 -6.62 -23.54 -41.78
C GLN J 153 -7.95 -22.76 -41.94
N GLN J 154 -8.71 -22.56 -40.85
CA GLN J 154 -9.98 -21.83 -40.98
C GLN J 154 -10.00 -20.47 -40.24
N GLN J 155 -9.21 -20.31 -39.17
CA GLN J 155 -9.21 -19.04 -38.42
C GLN J 155 -8.00 -18.13 -38.71
N VAL J 156 -6.76 -18.67 -38.80
CA VAL J 156 -5.56 -17.85 -39.06
C VAL J 156 -5.26 -17.72 -40.58
N SER K 1 21.17 -0.26 -17.48
CA SER K 1 21.29 -1.58 -18.10
C SER K 1 20.30 -2.62 -17.51
N ALA K 2 19.39 -2.17 -16.60
CA ALA K 2 18.37 -3.00 -15.93
C ALA K 2 17.30 -2.12 -15.29
N ILE K 3 16.05 -2.64 -15.13
CA ILE K 3 14.77 -2.06 -14.59
C ILE K 3 14.49 -0.62 -15.14
N THR K 4 15.27 0.39 -14.73
CA THR K 4 15.18 1.76 -15.24
C THR K 4 16.08 1.78 -16.50
N SER K 5 16.40 2.97 -17.04
CA SER K 5 17.20 3.14 -18.26
C SER K 5 16.63 2.30 -19.44
N GLY K 6 15.36 2.55 -19.75
CA GLY K 6 14.64 1.93 -20.86
C GLY K 6 15.24 2.37 -22.18
N GLN K 7 16.00 3.47 -22.11
CA GLN K 7 16.75 4.10 -23.19
C GLN K 7 17.98 3.20 -23.48
N GLU K 8 18.50 2.53 -22.42
CA GLU K 8 19.62 1.60 -22.50
C GLU K 8 19.13 0.25 -23.02
N LEU K 9 17.84 -0.10 -22.74
CA LEU K 9 17.17 -1.31 -23.25
C LEU K 9 17.12 -1.22 -24.78
N LEU K 10 16.80 0.00 -25.28
CA LEU K 10 16.73 0.33 -26.70
C LEU K 10 18.09 0.13 -27.38
N SER K 11 19.18 0.60 -26.75
CA SER K 11 20.53 0.46 -27.29
C SER K 11 21.03 -0.99 -27.24
N GLN K 12 20.59 -1.76 -26.21
CA GLN K 12 20.94 -3.17 -26.06
C GLN K 12 20.17 -3.99 -27.09
N ALA K 13 18.95 -3.54 -27.43
CA ALA K 13 18.13 -4.18 -28.45
C ALA K 13 18.71 -3.84 -29.81
N ARG K 14 19.23 -2.61 -29.98
CA ARG K 14 19.84 -2.13 -31.22
C ARG K 14 21.03 -2.98 -31.61
N VAL K 15 21.89 -3.34 -30.62
CA VAL K 15 23.08 -4.17 -30.84
C VAL K 15 22.70 -5.61 -31.16
N LEU K 16 21.58 -6.06 -30.59
CA LEU K 16 21.02 -7.39 -30.81
C LEU K 16 20.45 -7.48 -32.23
N ALA K 17 19.79 -6.39 -32.69
CA ALA K 17 19.22 -6.27 -34.04
C ALA K 17 20.32 -6.14 -35.07
N LYS K 18 21.43 -5.44 -34.73
CA LYS K 18 22.59 -5.24 -35.60
C LYS K 18 23.20 -6.58 -35.99
N TYR K 19 23.27 -7.53 -35.04
CA TYR K 19 23.77 -8.89 -35.22
C TYR K 19 22.93 -9.56 -36.29
N LEU K 20 21.60 -9.66 -36.05
CA LEU K 20 20.62 -10.30 -36.92
C LEU K 20 20.64 -9.80 -38.37
N ARG K 21 20.77 -8.47 -38.57
CA ARG K 21 20.80 -7.84 -39.90
C ARG K 21 22.01 -8.32 -40.72
N ASP K 22 23.17 -8.47 -40.06
CA ASP K 22 24.43 -8.93 -40.66
C ASP K 22 24.39 -10.41 -41.09
N GLN K 23 23.53 -11.23 -40.45
CA GLN K 23 23.35 -12.65 -40.76
C GLN K 23 22.61 -12.81 -42.10
N PRO K 24 22.83 -13.94 -42.85
CA PRO K 24 22.18 -14.09 -44.16
C PRO K 24 20.65 -13.99 -44.11
N GLU K 25 20.08 -13.12 -44.97
CA GLU K 25 18.66 -12.79 -45.14
C GLU K 25 17.89 -12.53 -43.78
N GLY K 26 18.64 -12.12 -42.75
CA GLY K 26 18.10 -11.81 -41.42
C GLY K 26 17.61 -10.38 -41.24
N TRP K 27 16.99 -9.78 -42.26
CA TRP K 27 16.47 -8.41 -42.18
C TRP K 27 15.20 -8.41 -41.33
N LEU K 28 14.28 -9.32 -41.67
CA LEU K 28 12.97 -9.40 -41.07
C LEU K 28 13.10 -9.51 -39.56
N ALA K 29 13.97 -10.45 -39.09
CA ALA K 29 14.22 -10.67 -37.67
C ALA K 29 14.75 -9.40 -37.02
N ALA K 30 15.64 -8.67 -37.71
CA ALA K 30 16.22 -7.41 -37.24
C ALA K 30 15.18 -6.30 -37.23
N HIS K 31 14.42 -6.19 -38.32
CA HIS K 31 13.40 -5.18 -38.48
C HIS K 31 12.25 -5.32 -37.44
N ARG K 32 11.69 -6.53 -37.32
CA ARG K 32 10.56 -6.82 -36.46
C ARG K 32 10.90 -6.80 -34.96
N LEU K 33 12.18 -6.97 -34.60
CA LEU K 33 12.65 -6.92 -33.21
C LEU K 33 12.54 -5.47 -32.72
N LYS K 35 10.38 -3.17 -34.13
CA LYS K 35 8.94 -2.92 -34.10
C LYS K 35 8.35 -3.34 -32.74
N SER K 36 8.69 -4.54 -32.27
CA SER K 36 8.20 -5.04 -30.97
C SER K 36 8.73 -4.21 -29.80
N VAL K 37 10.01 -3.82 -29.84
CA VAL K 37 10.64 -3.06 -28.75
C VAL K 37 10.20 -1.57 -28.75
N ARG K 38 9.67 -1.06 -29.86
CA ARG K 38 9.26 0.35 -29.96
C ARG K 38 7.75 0.58 -30.01
N HIS K 39 7.02 -0.30 -30.70
CA HIS K 39 5.57 -0.19 -30.85
C HIS K 39 4.80 -0.94 -29.79
N ASP K 40 5.21 -2.18 -29.49
CA ASP K 40 4.52 -3.03 -28.52
C ASP K 40 4.72 -2.57 -27.06
N THR K 41 5.60 -1.57 -26.85
CA THR K 41 5.89 -0.96 -25.56
C THR K 41 4.99 0.24 -25.33
N LEU K 42 4.27 0.69 -26.37
CA LEU K 42 3.37 1.82 -26.27
C LEU K 42 1.91 1.40 -26.25
N HIS K 43 1.27 1.61 -25.09
CA HIS K 43 -0.12 1.24 -24.83
C HIS K 43 -0.99 2.48 -24.61
N GLN K 44 -0.35 3.68 -24.60
CA GLN K 44 -1.02 4.96 -24.40
C GLN K 44 -1.26 5.70 -25.71
N LEU K 45 -2.56 6.01 -25.98
CA LEU K 45 -3.14 6.65 -27.16
C LEU K 45 -2.31 7.74 -27.85
N PRO K 46 -1.54 8.52 -27.08
CA PRO K 46 -1.11 9.85 -27.55
C PRO K 46 0.41 10.04 -27.50
N PRO K 47 1.12 9.24 -26.70
CA PRO K 47 1.72 9.76 -25.44
C PRO K 47 0.91 10.89 -24.78
N LEU K 48 1.09 12.14 -25.24
CA LEU K 48 0.37 13.32 -24.75
C LEU K 48 0.03 14.24 -25.91
N SER K 49 -1.18 14.76 -25.92
CA SER K 49 -1.66 15.66 -26.95
C SER K 49 -2.00 17.03 -26.34
N ALA K 50 -1.33 18.12 -26.82
CA ALA K 50 -1.56 19.51 -26.39
C ALA K 50 -2.76 20.09 -27.21
N ASP K 51 -2.65 21.33 -27.71
CA ASP K 51 -3.72 21.91 -28.53
C ASP K 51 -3.55 21.53 -30.00
N GLY K 52 -3.92 20.28 -30.27
CA GLY K 52 -3.82 19.63 -31.57
C GLY K 52 -2.59 18.73 -31.64
N ARG K 53 -1.40 19.38 -31.67
CA ARG K 53 -0.08 18.78 -31.78
C ARG K 53 0.31 17.94 -30.58
N THR K 54 1.06 16.85 -30.83
CA THR K 54 1.62 16.01 -29.79
C THR K 54 2.95 16.68 -29.41
N ARG K 55 3.44 16.43 -28.20
CA ARG K 55 4.71 17.00 -27.73
C ARG K 55 5.94 16.33 -28.42
N ILE K 56 5.67 15.34 -29.31
CA ILE K 56 6.64 14.56 -30.09
C ILE K 56 7.18 15.37 -31.29
N ALA K 57 8.51 15.56 -31.32
CA ALA K 57 9.18 16.32 -32.38
C ALA K 57 9.22 15.57 -33.73
N PRO K 58 9.10 16.30 -34.90
CA PRO K 58 9.10 15.64 -36.24
C PRO K 58 10.39 14.90 -36.62
N PRO K 59 10.39 14.05 -37.69
CA PRO K 59 11.59 13.27 -38.01
C PRO K 59 12.84 14.04 -38.41
N GLY K 60 12.67 15.22 -38.99
CA GLY K 60 13.80 16.03 -39.43
C GLY K 60 13.83 16.16 -40.94
N PRO K 61 13.83 17.41 -41.48
CA PRO K 61 13.80 17.58 -42.95
C PRO K 61 14.94 16.94 -43.71
N ASP K 62 16.13 16.91 -43.08
CA ASP K 62 17.36 16.32 -43.60
C ASP K 62 17.17 14.88 -44.03
N ARG K 63 16.74 14.04 -43.08
CA ARG K 63 16.56 12.61 -43.28
C ARG K 63 15.29 12.26 -44.05
N ARG K 64 14.21 13.06 -43.94
CA ARG K 64 12.97 12.74 -44.67
C ARG K 64 13.04 13.09 -46.16
N ALA K 65 13.91 14.07 -46.53
CA ALA K 65 14.17 14.45 -47.92
C ALA K 65 15.10 13.41 -48.55
N SER K 66 16.00 12.81 -47.73
CA SER K 66 16.96 11.76 -48.10
C SER K 66 16.24 10.48 -48.54
N LEU K 67 15.05 10.20 -47.95
CA LEU K 67 14.22 9.04 -48.26
C LEU K 67 13.46 9.25 -49.57
N LYS K 68 12.95 10.48 -49.82
CA LYS K 68 12.26 10.84 -51.05
C LYS K 68 13.21 10.67 -52.25
N ARG K 69 14.50 11.05 -52.07
CA ARG K 69 15.57 10.92 -53.06
C ARG K 69 15.78 9.46 -53.44
N LEU K 70 15.89 8.57 -52.43
CA LEU K 70 16.08 7.13 -52.63
C LEU K 70 14.87 6.44 -53.29
N TYR K 71 13.64 6.93 -53.00
CA TYR K 71 12.39 6.41 -53.57
C TYR K 71 12.32 6.77 -55.06
N LEU K 72 12.65 8.04 -55.38
CA LEU K 72 12.71 8.60 -56.74
C LEU K 72 13.80 7.88 -57.53
N GLN K 73 14.98 7.64 -56.90
CA GLN K 73 16.13 6.92 -57.48
C GLN K 73 15.87 5.41 -57.56
N GLN K 74 14.69 4.95 -57.08
CA GLN K 74 14.22 3.55 -57.02
C GLN K 74 15.27 2.57 -56.41
N ASN K 75 16.18 3.11 -55.55
CA ASN K 75 17.21 2.32 -54.84
C ASN K 75 16.54 1.75 -53.57
N TRP K 76 15.78 0.66 -53.76
CA TRP K 76 15.00 0.00 -52.72
C TRP K 76 15.84 -0.55 -51.57
N LEU K 77 16.95 -1.23 -51.90
CA LEU K 77 17.84 -1.84 -50.92
C LEU K 77 18.41 -0.86 -49.90
N SER K 78 18.79 0.34 -50.36
CA SER K 78 19.34 1.39 -49.50
C SER K 78 18.24 2.09 -48.69
N LEU K 79 17.05 2.31 -49.32
CA LEU K 79 15.89 2.94 -48.68
C LEU K 79 15.44 2.10 -47.50
N LEU K 80 15.40 0.77 -47.70
CA LEU K 80 15.02 -0.22 -46.71
C LEU K 80 15.98 -0.18 -45.52
N GLU K 81 17.29 -0.10 -45.80
CA GLU K 81 18.35 -0.04 -44.80
C GLU K 81 18.36 1.30 -44.02
N GLN K 82 18.00 2.41 -44.71
CA GLN K 82 17.96 3.74 -44.11
C GLN K 82 16.72 3.98 -43.25
N CYS K 83 15.60 3.30 -43.57
CA CYS K 83 14.35 3.38 -42.80
C CYS K 83 14.51 2.78 -41.42
N ASP K 84 15.35 1.74 -41.29
CA ASP K 84 15.63 1.05 -40.03
C ASP K 84 16.41 1.93 -39.06
N ASP K 85 17.38 2.71 -39.58
CA ASP K 85 18.20 3.66 -38.80
C ASP K 85 17.32 4.75 -38.23
N PHE K 87 13.99 4.47 -37.72
CA PHE K 87 13.08 3.84 -36.78
C PHE K 87 13.69 3.72 -35.37
N ALA K 88 14.99 3.39 -35.30
CA ALA K 88 15.73 3.23 -34.04
C ALA K 88 16.09 4.57 -33.38
N ARG K 89 16.32 5.61 -34.19
CA ARG K 89 16.70 6.95 -33.70
C ARG K 89 15.55 7.93 -33.91
N GLY K 90 14.81 8.17 -32.84
CA GLY K 90 13.67 9.08 -32.88
C GLY K 90 12.77 8.82 -31.71
N ALA K 91 11.47 9.10 -31.86
CA ALA K 91 10.54 8.87 -30.76
C ALA K 91 9.51 7.73 -31.03
N SER K 92 9.88 6.45 -30.69
CA SER K 92 9.13 5.18 -30.92
C SER K 92 8.89 4.96 -32.42
N HIS K 93 9.15 6.01 -33.19
CA HIS K 93 8.94 6.30 -34.57
C HIS K 93 7.59 5.86 -35.03
N LEU K 94 6.75 6.87 -34.86
CA LEU K 94 5.36 6.94 -35.19
C LEU K 94 5.25 7.67 -36.53
N TRP K 95 6.40 7.89 -37.23
CA TRP K 95 6.44 8.42 -38.57
C TRP K 95 5.98 7.21 -39.39
N LEU K 96 4.65 7.08 -39.51
CA LEU K 96 3.96 5.96 -40.14
C LEU K 96 4.32 5.79 -41.62
N ASP K 97 4.73 6.89 -42.27
CA ASP K 97 5.18 6.94 -43.66
C ASP K 97 6.36 5.99 -43.89
N LEU K 98 7.21 5.83 -42.85
CA LEU K 98 8.37 4.95 -42.80
C LEU K 98 7.97 3.51 -43.13
N GLN K 99 6.82 3.06 -42.57
CA GLN K 99 6.25 1.73 -42.78
C GLN K 99 5.79 1.58 -44.23
N TRP K 100 5.23 2.65 -44.82
CA TRP K 100 4.79 2.68 -46.21
C TRP K 100 5.99 2.58 -47.15
N TYR K 101 7.08 3.29 -46.83
CA TYR K 101 8.34 3.27 -47.58
C TYR K 101 8.91 1.85 -47.61
N ILE K 102 8.96 1.18 -46.43
CA ILE K 102 9.42 -0.20 -46.26
C ILE K 102 8.55 -1.12 -47.11
N HIS K 103 7.23 -0.96 -47.02
CA HIS K 103 6.24 -1.73 -47.76
C HIS K 103 6.48 -1.66 -49.27
N GLN K 104 6.59 -0.43 -49.83
CA GLN K 104 6.83 -0.17 -51.25
C GLN K 104 8.14 -0.80 -51.72
N ALA K 105 9.22 -0.65 -50.93
CA ALA K 105 10.53 -1.21 -51.22
C ALA K 105 10.48 -2.74 -51.23
N LEU K 106 9.70 -3.34 -50.29
CA LEU K 106 9.54 -4.78 -50.20
C LEU K 106 8.76 -5.36 -51.38
N LEU K 107 7.78 -4.59 -51.91
CA LEU K 107 7.00 -4.99 -53.06
C LEU K 107 7.88 -4.97 -54.28
N GLN K 108 8.61 -3.86 -54.48
CA GLN K 108 9.52 -3.67 -55.61
C GLN K 108 10.76 -4.56 -55.56
N THR K 109 11.15 -5.05 -54.37
CA THR K 109 12.29 -5.97 -54.25
C THR K 109 11.82 -7.42 -54.54
N GLY K 110 10.50 -7.62 -54.60
CA GLY K 110 9.89 -8.91 -54.88
C GLY K 110 9.41 -9.67 -53.66
N LYS K 111 9.96 -9.36 -52.46
CA LYS K 111 9.61 -10.00 -51.18
C LYS K 111 8.18 -9.67 -50.73
N GLU K 112 7.20 -10.30 -51.43
CA GLU K 112 5.75 -10.11 -51.25
C GLU K 112 5.22 -10.59 -49.93
N ASN K 113 5.71 -11.76 -49.48
CA ASN K 113 5.31 -12.39 -48.20
C ASN K 113 5.72 -11.47 -47.03
N TYR K 114 6.95 -10.89 -47.10
CA TYR K 114 7.52 -9.95 -46.12
C TYR K 114 6.64 -8.69 -46.01
N ALA K 115 6.29 -8.09 -47.17
CA ALA K 115 5.45 -6.90 -47.30
C ALA K 115 4.06 -7.08 -46.67
N ALA K 116 3.52 -8.32 -46.73
CA ALA K 116 2.23 -8.64 -46.14
C ALA K 116 2.32 -8.55 -44.63
N ILE K 117 3.42 -9.10 -44.04
CA ILE K 117 3.72 -9.10 -42.60
C ILE K 117 3.73 -7.66 -42.06
N ILE K 118 4.42 -6.75 -42.78
CA ILE K 118 4.53 -5.33 -42.45
C ILE K 118 3.15 -4.70 -42.25
N GLN K 119 2.20 -5.01 -43.17
CA GLN K 119 0.82 -4.53 -43.11
C GLN K 119 0.14 -5.05 -41.85
N TYR K 120 0.28 -6.36 -41.56
CA TYR K 120 -0.30 -7.01 -40.39
C TYR K 120 0.23 -6.41 -39.09
N ASP K 121 1.56 -6.12 -39.06
CA ASP K 121 2.26 -5.53 -37.92
C ASP K 121 1.66 -4.16 -37.59
N LEU K 122 1.47 -3.32 -38.63
CA LEU K 122 0.88 -1.99 -38.51
C LEU K 122 -0.59 -2.07 -38.12
N LYS K 123 -1.36 -3.03 -38.72
CA LYS K 123 -2.78 -3.25 -38.42
C LYS K 123 -2.96 -3.51 -36.93
N GLY K 124 -2.08 -4.34 -36.35
CA GLY K 124 -2.08 -4.67 -34.94
C GLY K 124 -1.86 -3.46 -34.04
N LEU K 125 -0.90 -2.60 -34.41
CA LEU K 125 -0.57 -1.38 -33.67
C LEU K 125 -1.76 -0.42 -33.63
N LEU K 126 -2.38 -0.21 -34.80
CA LEU K 126 -3.52 0.69 -34.97
C LEU K 126 -4.81 0.12 -34.37
N LEU K 127 -4.84 -1.20 -34.13
CA LEU K 127 -5.95 -1.89 -33.48
C LEU K 127 -5.88 -1.52 -32.00
N ARG K 128 -4.65 -1.53 -31.44
CA ARG K 128 -4.36 -1.20 -30.05
C ARG K 128 -4.51 0.29 -29.77
N LEU K 129 -3.91 1.15 -30.61
CA LEU K 129 -3.97 2.61 -30.46
C LEU K 129 -4.75 3.14 -31.66
N PRO K 130 -6.08 3.37 -31.50
CA PRO K 130 -6.91 3.74 -32.65
C PRO K 130 -6.58 5.05 -33.37
N GLY K 131 -6.66 6.17 -32.66
CA GLY K 131 -6.42 7.51 -33.20
C GLY K 131 -5.01 7.82 -33.64
N LEU K 132 -4.06 6.89 -33.40
CA LEU K 132 -2.65 7.06 -33.74
C LEU K 132 -2.41 7.51 -35.19
N GLU K 133 -3.08 6.83 -36.16
CA GLU K 133 -2.98 7.08 -37.60
C GLU K 133 -3.20 8.56 -37.99
N THR K 134 -4.15 9.21 -37.29
CA THR K 134 -4.62 10.58 -37.55
C THR K 134 -3.91 11.69 -36.75
N LEU K 135 -3.01 11.36 -35.82
CA LEU K 135 -2.30 12.38 -35.04
C LEU K 135 -1.19 13.12 -35.84
N ALA K 136 -0.60 14.17 -35.23
CA ALA K 136 0.46 15.00 -35.82
C ALA K 136 1.55 15.41 -34.82
N PHE K 137 2.75 15.74 -35.33
CA PHE K 137 3.95 16.16 -34.57
C PHE K 137 3.87 17.63 -34.10
N ASN K 138 4.99 18.12 -33.48
CA ASN K 138 5.22 19.49 -32.97
C ASN K 138 4.84 20.56 -33.98
N ASP K 139 5.53 20.58 -35.14
CA ASP K 139 5.36 21.52 -36.26
C ASP K 139 3.98 21.44 -36.95
N GLY K 140 3.25 20.34 -36.74
CA GLY K 140 1.93 20.12 -37.33
C GLY K 140 1.93 19.07 -38.41
N PRO K 142 1.76 15.56 -40.09
CA PRO K 142 1.05 14.35 -39.65
C PRO K 142 1.94 13.12 -39.61
N PHE K 143 1.57 12.14 -38.76
CA PHE K 143 2.26 10.87 -38.66
C PHE K 143 2.07 10.10 -39.95
N ALA K 144 0.88 10.23 -40.56
CA ALA K 144 0.52 9.62 -41.83
C ALA K 144 -0.05 10.69 -42.76
N ASP K 145 0.54 10.82 -43.95
CA ASP K 145 0.07 11.78 -44.94
C ASP K 145 -0.98 11.14 -45.87
N ASP K 146 -1.49 11.92 -46.84
CA ASP K 146 -2.52 11.51 -47.80
C ASP K 146 -2.25 10.13 -48.44
N VAL K 147 -1.03 9.92 -48.99
CA VAL K 147 -0.62 8.71 -49.69
C VAL K 147 -0.57 7.47 -48.78
N THR K 148 -0.11 7.63 -47.52
CA THR K 148 0.02 6.53 -46.57
C THR K 148 -1.28 6.24 -45.81
N LEU K 149 -2.04 7.30 -45.45
CA LEU K 149 -3.31 7.17 -44.73
C LEU K 149 -4.32 6.41 -45.58
N SER K 150 -4.29 6.64 -46.91
CA SER K 150 -5.14 5.97 -47.89
C SER K 150 -4.84 4.46 -47.85
N TRP K 151 -3.53 4.11 -47.86
CA TRP K 151 -3.02 2.74 -47.78
C TRP K 151 -3.44 2.06 -46.47
N ILE K 152 -3.55 2.85 -45.39
CA ILE K 152 -3.96 2.33 -44.08
C ILE K 152 -5.45 1.97 -44.03
N GLN K 153 -6.34 2.92 -44.39
CA GLN K 153 -7.80 2.70 -44.29
C GLN K 153 -8.39 1.71 -45.31
N GLN K 154 -7.75 1.50 -46.45
CA GLN K 154 -8.31 0.56 -47.44
C GLN K 154 -7.48 -0.72 -47.65
N GLN K 155 -6.16 -0.67 -47.43
CA GLN K 155 -5.31 -1.85 -47.64
C GLN K 155 -4.92 -2.61 -46.35
N VAL K 156 -4.54 -1.89 -45.25
CA VAL K 156 -4.14 -2.54 -43.99
C VAL K 156 -5.37 -2.74 -43.04
N SER L 1 -46.48 65.79 14.53
CA SER L 1 -47.11 65.65 13.23
C SER L 1 -46.12 65.77 12.04
N ALA L 2 -44.80 65.68 12.33
CA ALA L 2 -43.68 65.78 11.39
C ALA L 2 -42.38 65.36 12.04
N ILE L 3 -41.54 64.60 11.28
CA ILE L 3 -40.19 64.01 11.56
C ILE L 3 -40.13 63.29 12.93
N THR L 4 -40.21 64.01 14.06
CA THR L 4 -40.24 63.47 15.42
C THR L 4 -41.74 63.18 15.68
N SER L 5 -42.14 62.88 16.96
CA SER L 5 -43.53 62.52 17.32
C SER L 5 -43.99 61.27 16.54
N GLY L 6 -43.14 60.24 16.57
CA GLY L 6 -43.36 58.95 15.92
C GLY L 6 -44.43 58.11 16.60
N GLN L 7 -44.95 58.61 17.74
CA GLN L 7 -46.02 58.04 18.56
C GLN L 7 -47.35 58.55 17.99
N GLU L 8 -47.31 59.76 17.39
CA GLU L 8 -48.42 60.43 16.70
C GLU L 8 -48.54 59.90 15.26
N LEU L 9 -47.49 59.16 14.78
CA LEU L 9 -47.41 58.50 13.46
C LEU L 9 -48.49 57.41 13.41
N LEU L 10 -48.77 56.86 14.61
CA LEU L 10 -49.73 55.82 14.97
C LEU L 10 -51.17 56.38 15.18
N SER L 11 -51.31 57.58 15.82
CA SER L 11 -52.61 58.26 16.06
C SER L 11 -53.18 58.79 14.74
N GLN L 12 -52.26 59.20 13.81
CA GLN L 12 -52.52 59.63 12.44
C GLN L 12 -52.44 58.42 11.48
N ALA L 13 -52.20 57.18 12.03
CA ALA L 13 -52.21 55.87 11.35
C ALA L 13 -53.50 55.04 11.66
N ARG L 14 -54.21 55.38 12.75
CA ARG L 14 -55.48 54.77 13.16
C ARG L 14 -56.68 55.41 12.45
N VAL L 15 -56.61 56.74 12.15
CA VAL L 15 -57.66 57.54 11.46
C VAL L 15 -57.92 57.04 10.01
N LEU L 16 -56.90 56.44 9.36
CA LEU L 16 -56.95 55.84 8.02
C LEU L 16 -57.47 54.39 8.10
N ALA L 17 -57.00 53.63 9.12
CA ALA L 17 -57.39 52.24 9.42
C ALA L 17 -58.89 52.16 9.78
N LYS L 18 -59.45 53.27 10.34
CA LYS L 18 -60.86 53.45 10.68
C LYS L 18 -61.66 53.64 9.39
N TYR L 19 -61.17 54.51 8.45
CA TYR L 19 -61.78 54.78 7.13
C TYR L 19 -61.83 53.49 6.27
N LEU L 20 -60.66 52.81 6.14
CA LEU L 20 -60.45 51.59 5.36
C LEU L 20 -61.36 50.39 5.78
N ARG L 21 -61.57 50.17 7.10
CA ARG L 21 -62.42 49.09 7.63
C ARG L 21 -63.91 49.30 7.30
N ASP L 22 -64.36 50.58 7.37
CA ASP L 22 -65.73 51.04 7.11
C ASP L 22 -66.16 50.82 5.63
N GLN L 23 -65.22 51.01 4.67
CA GLN L 23 -65.41 50.86 3.21
C GLN L 23 -65.77 49.41 2.81
N PRO L 24 -66.46 49.18 1.66
CA PRO L 24 -66.82 47.78 1.28
C PRO L 24 -65.63 46.82 1.20
N GLU L 25 -65.74 45.64 1.89
CA GLU L 25 -64.79 44.51 1.98
C GLU L 25 -63.28 44.91 2.22
N GLY L 26 -63.05 46.02 2.90
CA GLY L 26 -61.71 46.54 3.17
C GLY L 26 -61.11 46.15 4.50
N TRP L 27 -61.07 44.84 4.82
CA TRP L 27 -60.48 44.39 6.08
C TRP L 27 -58.94 44.28 6.02
N LEU L 28 -58.39 43.39 5.17
CA LEU L 28 -56.94 43.26 4.96
C LEU L 28 -56.30 44.63 4.67
N ALA L 29 -57.09 45.55 4.08
CA ALA L 29 -56.76 46.94 3.78
C ALA L 29 -56.39 47.64 5.09
N ALA L 30 -57.27 47.53 6.10
CA ALA L 30 -57.12 48.11 7.43
C ALA L 30 -56.13 47.31 8.31
N HIS L 31 -56.05 45.97 8.15
CA HIS L 31 -55.16 45.16 8.98
C HIS L 31 -53.66 45.24 8.60
N ARG L 32 -53.31 44.91 7.34
CA ARG L 32 -51.93 44.92 6.82
C ARG L 32 -51.28 46.31 6.93
N LEU L 33 -52.12 47.33 7.06
CA LEU L 33 -51.80 48.73 7.29
C LEU L 33 -51.08 48.80 8.66
N LYS L 35 -49.97 46.12 10.55
CA LYS L 35 -48.83 45.19 10.51
C LYS L 35 -47.58 45.85 9.93
N SER L 36 -47.76 46.66 8.88
CA SER L 36 -46.68 47.38 8.21
C SER L 36 -46.10 48.52 9.06
N VAL L 37 -46.96 49.35 9.68
CA VAL L 37 -46.56 50.50 10.51
C VAL L 37 -45.84 50.08 11.83
N ARG L 38 -46.16 48.91 12.39
CA ARG L 38 -45.59 48.52 13.68
C ARG L 38 -44.42 47.51 13.63
N HIS L 39 -44.52 46.49 12.74
CA HIS L 39 -43.49 45.44 12.60
C HIS L 39 -42.30 45.86 11.75
N ASP L 40 -42.57 46.40 10.55
CA ASP L 40 -41.56 46.79 9.55
C ASP L 40 -40.69 47.98 9.98
N THR L 41 -41.14 48.75 10.98
CA THR L 41 -40.42 49.90 11.52
C THR L 41 -39.33 49.46 12.54
N LEU L 42 -39.32 48.16 12.92
CA LEU L 42 -38.36 47.58 13.86
C LEU L 42 -37.51 46.49 13.18
N HIS L 43 -36.17 46.70 13.14
CA HIS L 43 -35.19 45.76 12.57
C HIS L 43 -34.20 45.31 13.65
N GLN L 44 -34.31 45.93 14.85
CA GLN L 44 -33.53 45.65 16.05
C GLN L 44 -34.15 44.42 16.76
N LEU L 45 -33.35 43.33 16.96
CA LEU L 45 -33.70 42.02 17.55
C LEU L 45 -34.57 42.03 18.82
N PRO L 46 -34.54 43.08 19.66
CA PRO L 46 -34.97 42.92 21.06
C PRO L 46 -36.06 43.92 21.49
N PRO L 47 -36.20 45.08 20.80
CA PRO L 47 -35.77 46.36 21.40
C PRO L 47 -34.57 46.26 22.35
N LEU L 48 -34.78 45.88 23.62
CA LEU L 48 -33.74 45.69 24.63
C LEU L 48 -34.13 44.51 25.51
N SER L 49 -33.16 43.64 25.84
CA SER L 49 -33.39 42.48 26.68
C SER L 49 -32.56 42.58 27.97
N ALA L 50 -33.23 42.54 29.14
CA ALA L 50 -32.60 42.57 30.47
C ALA L 50 -32.20 41.11 30.86
N ASP L 51 -32.43 40.68 32.11
CA ASP L 51 -32.12 39.30 32.49
C ASP L 51 -33.28 38.36 32.18
N GLY L 52 -33.36 38.04 30.88
CA GLY L 52 -34.40 37.21 30.27
C GLY L 52 -35.47 38.07 29.62
N ARG L 53 -36.26 38.75 30.47
CA ARG L 53 -37.39 39.62 30.12
C ARG L 53 -36.97 40.86 29.33
N THR L 54 -37.78 41.24 28.34
CA THR L 54 -37.54 42.46 27.58
C THR L 54 -38.24 43.56 28.36
N ARG L 55 -37.91 44.82 28.10
CA ARG L 55 -38.52 45.96 28.77
C ARG L 55 -39.92 46.33 28.15
N ILE L 56 -40.47 45.41 27.30
CA ILE L 56 -41.78 45.51 26.64
C ILE L 56 -42.86 44.84 27.53
N ALA L 57 -43.92 45.59 27.86
CA ALA L 57 -45.03 45.19 28.73
C ALA L 57 -45.96 44.14 28.15
N PRO L 58 -46.46 43.19 28.98
CA PRO L 58 -47.48 42.23 28.50
C PRO L 58 -48.74 42.93 27.94
N PRO L 59 -49.53 42.25 27.06
CA PRO L 59 -50.68 42.93 26.41
C PRO L 59 -51.77 43.54 27.30
N GLY L 60 -51.98 42.96 28.47
CA GLY L 60 -53.03 43.39 29.37
C GLY L 60 -53.99 42.23 29.50
N PRO L 61 -54.01 41.58 30.69
CA PRO L 61 -54.84 40.37 30.87
C PRO L 61 -56.35 40.57 30.75
N ASP L 62 -56.81 41.84 30.73
CA ASP L 62 -58.21 42.24 30.56
C ASP L 62 -58.65 41.96 29.11
N ARG L 63 -57.81 42.35 28.11
CA ARG L 63 -58.08 42.19 26.67
C ARG L 63 -57.73 40.79 26.11
N ARG L 64 -56.68 40.12 26.66
CA ARG L 64 -56.26 38.78 26.20
C ARG L 64 -57.23 37.65 26.69
N ALA L 65 -57.94 37.83 27.83
CA ALA L 65 -58.95 36.88 28.33
C ALA L 65 -60.31 37.11 27.60
N SER L 66 -60.50 38.34 27.04
CA SER L 66 -61.68 38.79 26.24
C SER L 66 -61.61 38.20 24.82
N LEU L 67 -60.38 37.88 24.38
CA LEU L 67 -60.11 37.25 23.08
C LEU L 67 -60.30 35.72 23.18
N LYS L 68 -60.03 35.11 24.38
CA LYS L 68 -60.20 33.67 24.72
C LYS L 68 -61.68 33.34 24.82
N ARG L 69 -62.46 34.34 25.30
CA ARG L 69 -63.91 34.27 25.41
C ARG L 69 -64.52 34.27 24.00
N LEU L 70 -64.08 35.19 23.11
CA LEU L 70 -64.56 35.31 21.73
C LEU L 70 -64.20 34.10 20.86
N TYR L 71 -63.03 33.48 21.11
CA TYR L 71 -62.55 32.29 20.40
C TYR L 71 -63.41 31.08 20.79
N LEU L 72 -63.68 30.93 22.11
CA LEU L 72 -64.51 29.88 22.71
C LEU L 72 -65.96 30.04 22.19
N GLN L 73 -66.45 31.32 22.15
CA GLN L 73 -67.78 31.69 21.65
C GLN L 73 -67.87 31.60 20.12
N GLN L 74 -66.75 31.25 19.45
CA GLN L 74 -66.58 31.12 17.99
C GLN L 74 -67.10 32.36 17.18
N ASN L 75 -67.11 33.55 17.85
CA ASN L 75 -67.52 34.82 17.23
C ASN L 75 -66.28 35.40 16.52
N TRP L 76 -66.00 34.88 15.31
CA TRP L 76 -64.85 35.22 14.49
C TRP L 76 -64.80 36.68 14.06
N LEU L 77 -65.93 37.22 13.59
CA LEU L 77 -66.04 38.61 13.13
C LEU L 77 -65.67 39.65 14.18
N SER L 78 -66.08 39.42 15.45
CA SER L 78 -65.78 40.32 16.56
C SER L 78 -64.33 40.15 17.03
N LEU L 79 -63.82 38.90 17.06
CA LEU L 79 -62.45 38.56 17.45
C LEU L 79 -61.45 39.26 16.54
N LEU L 80 -61.70 39.19 15.21
CA LEU L 80 -60.91 39.79 14.15
C LEU L 80 -60.87 41.33 14.29
N GLU L 81 -62.03 41.93 14.65
CA GLU L 81 -62.19 43.38 14.87
C GLU L 81 -61.50 43.84 16.17
N GLN L 82 -61.54 43.01 17.23
CA GLN L 82 -60.95 43.31 18.54
C GLN L 82 -59.42 43.17 18.57
N CYS L 83 -58.85 42.31 17.68
CA CYS L 83 -57.40 42.09 17.54
C CYS L 83 -56.72 43.28 16.87
N ASP L 84 -57.48 44.05 16.05
CA ASP L 84 -56.98 45.25 15.37
C ASP L 84 -56.79 46.39 16.40
N ASP L 85 -57.80 46.59 17.32
CA ASP L 85 -57.85 47.59 18.42
C ASP L 85 -56.70 47.35 19.41
N PHE L 87 -53.78 45.63 18.53
CA PHE L 87 -52.57 45.85 17.73
C PHE L 87 -52.20 47.34 17.66
N ALA L 88 -53.22 48.20 17.55
CA ALA L 88 -53.09 49.66 17.48
C ALA L 88 -52.57 50.27 18.80
N ARG L 89 -53.04 49.75 19.96
CA ARG L 89 -52.69 50.24 21.29
C ARG L 89 -51.70 49.35 22.04
N GLY L 90 -50.44 49.77 22.06
CA GLY L 90 -49.34 49.06 22.72
C GLY L 90 -47.97 49.48 22.26
N ALA L 91 -46.97 48.60 22.48
CA ALA L 91 -45.56 48.78 22.13
C ALA L 91 -45.26 47.98 20.86
N SER L 92 -45.72 48.50 19.69
CA SER L 92 -45.67 47.91 18.34
C SER L 92 -46.51 46.63 18.20
N HIS L 93 -46.72 45.94 19.33
CA HIS L 93 -47.44 44.70 19.48
C HIS L 93 -46.73 43.54 18.74
N LEU L 94 -45.97 42.79 19.55
CA LEU L 94 -45.19 41.61 19.18
C LEU L 94 -45.89 40.39 19.80
N TRP L 95 -47.17 40.58 20.23
CA TRP L 95 -48.02 39.54 20.79
C TRP L 95 -48.46 38.65 19.63
N LEU L 96 -47.55 37.76 19.23
CA LEU L 96 -47.63 36.80 18.13
C LEU L 96 -48.86 35.88 18.17
N ASP L 97 -49.52 35.78 19.34
CA ASP L 97 -50.75 35.03 19.53
C ASP L 97 -51.87 35.76 18.81
N LEU L 98 -51.75 37.12 18.70
CA LEU L 98 -52.68 38.03 18.02
C LEU L 98 -52.78 37.66 16.53
N GLN L 99 -51.64 37.36 15.88
CA GLN L 99 -51.56 36.95 14.48
C GLN L 99 -52.19 35.55 14.25
N TRP L 100 -52.07 34.61 15.25
CA TRP L 100 -52.65 33.26 15.24
C TRP L 100 -54.18 33.35 15.36
N TYR L 101 -54.67 34.25 16.23
CA TYR L 101 -56.11 34.50 16.44
C TYR L 101 -56.74 34.97 15.12
N ILE L 102 -56.11 35.98 14.45
CA ILE L 102 -56.49 36.56 13.15
C ILE L 102 -56.54 35.46 12.08
N HIS L 103 -55.53 34.55 12.08
CA HIS L 103 -55.38 33.41 11.18
C HIS L 103 -56.54 32.42 11.32
N GLN L 104 -56.82 31.96 12.57
CA GLN L 104 -57.90 31.02 12.92
C GLN L 104 -59.27 31.56 12.51
N ALA L 105 -59.52 32.86 12.82
CA ALA L 105 -60.78 33.54 12.48
C ALA L 105 -60.96 33.63 10.96
N LEU L 106 -59.86 33.90 10.22
CA LEU L 106 -59.89 33.98 8.75
C LEU L 106 -60.15 32.64 8.09
N LEU L 107 -59.67 31.55 8.70
CA LEU L 107 -59.90 30.19 8.20
C LEU L 107 -61.37 29.85 8.40
N GLN L 108 -61.89 30.09 9.63
CA GLN L 108 -63.28 29.83 10.00
C GLN L 108 -64.28 30.76 9.34
N THR L 109 -63.85 31.96 8.87
CA THR L 109 -64.74 32.88 8.16
C THR L 109 -64.80 32.48 6.66
N GLY L 110 -63.91 31.59 6.24
CA GLY L 110 -63.83 31.09 4.87
C GLY L 110 -62.80 31.76 3.98
N LYS L 111 -62.34 32.98 4.36
CA LYS L 111 -61.34 33.78 3.62
C LYS L 111 -59.94 33.11 3.69
N GLU L 112 -59.78 32.00 2.93
CA GLU L 112 -58.57 31.15 2.87
C GLU L 112 -57.36 31.82 2.27
N ASN L 113 -57.60 32.71 1.28
CA ASN L 113 -56.57 33.46 0.57
C ASN L 113 -55.97 34.55 1.47
N TYR L 114 -56.83 35.16 2.31
CA TYR L 114 -56.51 36.21 3.29
C TYR L 114 -55.55 35.72 4.42
N ALA L 115 -55.83 34.52 4.99
CA ALA L 115 -55.06 33.85 6.06
C ALA L 115 -53.66 33.40 5.61
N ALA L 116 -53.51 33.10 4.30
CA ALA L 116 -52.27 32.70 3.67
C ALA L 116 -51.32 33.87 3.71
N ILE L 117 -51.83 35.08 3.35
CA ILE L 117 -51.11 36.37 3.33
C ILE L 117 -50.57 36.71 4.75
N ILE L 118 -51.35 36.38 5.81
CA ILE L 118 -51.00 36.59 7.24
C ILE L 118 -49.76 35.75 7.58
N GLN L 119 -49.80 34.42 7.28
CA GLN L 119 -48.70 33.46 7.49
C GLN L 119 -47.43 34.02 6.86
N TYR L 120 -47.58 34.43 5.60
CA TYR L 120 -46.55 35.01 4.76
C TYR L 120 -45.95 36.28 5.31
N ASP L 121 -46.78 37.20 5.82
CA ASP L 121 -46.29 38.44 6.42
C ASP L 121 -45.57 38.13 7.74
N LEU L 122 -45.98 37.03 8.43
CA LEU L 122 -45.39 36.59 9.69
C LEU L 122 -44.02 35.98 9.47
N LYS L 123 -43.92 35.04 8.52
CA LYS L 123 -42.68 34.35 8.14
C LYS L 123 -41.54 35.35 7.83
N GLY L 124 -41.89 36.47 7.18
CA GLY L 124 -40.97 37.55 6.84
C GLY L 124 -40.53 38.38 8.02
N LEU L 125 -41.50 38.73 8.91
CA LEU L 125 -41.29 39.47 10.17
C LEU L 125 -40.28 38.68 10.99
N LEU L 126 -40.40 37.34 10.90
CA LEU L 126 -39.53 36.37 11.54
C LEU L 126 -38.26 36.10 10.74
N LEU L 127 -38.25 36.46 9.43
CA LEU L 127 -37.06 36.31 8.58
C LEU L 127 -36.09 37.48 8.80
N ARG L 128 -36.61 38.62 9.32
CA ARG L 128 -35.85 39.82 9.66
C ARG L 128 -35.37 39.76 11.12
N LEU L 129 -36.25 39.24 12.02
CA LEU L 129 -36.03 39.10 13.46
C LEU L 129 -36.16 37.60 13.83
N PRO L 130 -35.03 36.83 13.86
CA PRO L 130 -35.11 35.38 14.11
C PRO L 130 -35.68 34.94 15.48
N GLY L 131 -35.02 35.34 16.56
CA GLY L 131 -35.39 35.00 17.93
C GLY L 131 -36.68 35.61 18.45
N LEU L 132 -37.38 36.40 17.61
CA LEU L 132 -38.62 37.11 17.91
C LEU L 132 -39.81 36.21 18.33
N GLU L 133 -39.80 34.94 17.90
CA GLU L 133 -40.86 33.99 18.24
C GLU L 133 -40.67 33.35 19.62
N THR L 134 -39.42 33.31 20.09
CA THR L 134 -39.04 32.67 21.34
C THR L 134 -38.87 33.64 22.54
N LEU L 135 -38.92 34.98 22.32
CA LEU L 135 -38.76 35.99 23.39
C LEU L 135 -40.01 36.12 24.30
N ALA L 136 -39.84 36.81 25.47
CA ALA L 136 -40.88 36.99 26.50
C ALA L 136 -40.96 38.41 27.06
N PHE L 137 -42.17 38.78 27.51
CA PHE L 137 -42.49 40.08 28.10
C PHE L 137 -41.87 40.27 29.50
N ASN L 138 -42.31 41.34 30.21
CA ASN L 138 -41.86 41.72 31.55
C ASN L 138 -42.15 40.66 32.60
N ASP L 139 -43.45 40.27 32.77
CA ASP L 139 -43.91 39.26 33.73
C ASP L 139 -43.34 37.85 33.48
N GLY L 140 -42.83 37.64 32.26
CA GLY L 140 -42.25 36.39 31.79
C GLY L 140 -43.14 35.69 30.78
N PRO L 142 -44.56 34.62 27.33
CA PRO L 142 -43.90 34.55 26.01
C PRO L 142 -44.68 35.27 24.92
N PHE L 143 -43.99 35.75 23.86
CA PHE L 143 -44.66 36.41 22.74
C PHE L 143 -45.52 35.39 22.02
N ALA L 144 -45.01 34.16 21.94
CA ALA L 144 -45.68 33.02 21.34
C ALA L 144 -45.71 31.87 22.32
N ASP L 145 -46.90 31.34 22.56
CA ASP L 145 -47.08 30.21 23.46
C ASP L 145 -47.05 28.87 22.68
N ASP L 146 -47.21 27.75 23.39
CA ASP L 146 -47.18 26.39 22.85
C ASP L 146 -48.00 26.21 21.56
N VAL L 147 -49.27 26.63 21.57
CA VAL L 147 -50.22 26.50 20.45
C VAL L 147 -49.78 27.31 19.21
N THR L 148 -49.28 28.54 19.41
CA THR L 148 -48.88 29.44 18.33
C THR L 148 -47.47 29.15 17.84
N LEU L 149 -46.55 28.80 18.76
CA LEU L 149 -45.15 28.48 18.43
C LEU L 149 -45.09 27.24 17.57
N SER L 150 -45.99 26.27 17.83
CA SER L 150 -46.11 25.05 17.05
C SER L 150 -46.46 25.40 15.58
N TRP L 151 -47.42 26.34 15.41
CA TRP L 151 -47.90 26.88 14.14
C TRP L 151 -46.80 27.65 13.38
N ILE L 152 -45.84 28.28 14.09
CA ILE L 152 -44.78 29.07 13.48
C ILE L 152 -43.64 28.22 12.90
N GLN L 153 -43.11 27.28 13.66
CA GLN L 153 -41.99 26.44 13.22
C GLN L 153 -42.33 25.42 12.16
N GLN L 154 -43.61 24.98 12.10
CA GLN L 154 -43.97 23.94 11.14
C GLN L 154 -44.95 24.41 10.02
N GLN L 155 -45.78 25.44 10.28
CA GLN L 155 -46.72 25.92 9.25
C GLN L 155 -46.27 27.20 8.53
N VAL L 156 -45.73 28.21 9.26
CA VAL L 156 -45.30 29.45 8.61
C VAL L 156 -43.78 29.40 8.22
#